data_8CH0
# 
_entry.id   8CH0 
# 
_audit_conform.dict_name       mmcif_pdbx.dic 
_audit_conform.dict_version    5.390 
_audit_conform.dict_location   http://mmcif.pdb.org/dictionaries/ascii/mmcif_pdbx.dic 
# 
loop_
_database_2.database_id 
_database_2.database_code 
_database_2.pdbx_database_accession 
_database_2.pdbx_DOI 
PDB   8CH0         pdb_00008ch0 10.2210/pdb8ch0/pdb 
WWPDB D_1292127762 ?            ?                   
# 
loop_
_pdbx_audit_revision_history.ordinal 
_pdbx_audit_revision_history.data_content_type 
_pdbx_audit_revision_history.major_revision 
_pdbx_audit_revision_history.minor_revision 
_pdbx_audit_revision_history.revision_date 
1 'Structure model' 1 0 2024-02-21 
2 'Structure model' 1 1 2024-04-24 
# 
_pdbx_audit_revision_details.ordinal             1 
_pdbx_audit_revision_details.revision_ordinal    1 
_pdbx_audit_revision_details.data_content_type   'Structure model' 
_pdbx_audit_revision_details.provider            repository 
_pdbx_audit_revision_details.type                'Initial release' 
_pdbx_audit_revision_details.description         ? 
_pdbx_audit_revision_details.details             ? 
# 
_pdbx_audit_revision_group.ordinal             1 
_pdbx_audit_revision_group.revision_ordinal    2 
_pdbx_audit_revision_group.data_content_type   'Structure model' 
_pdbx_audit_revision_group.group               'Database references' 
# 
loop_
_pdbx_audit_revision_category.ordinal 
_pdbx_audit_revision_category.revision_ordinal 
_pdbx_audit_revision_category.data_content_type 
_pdbx_audit_revision_category.category 
1 2 'Structure model' citation        
2 2 'Structure model' citation_author 
# 
loop_
_pdbx_audit_revision_item.ordinal 
_pdbx_audit_revision_item.revision_ordinal 
_pdbx_audit_revision_item.data_content_type 
_pdbx_audit_revision_item.item 
1  2 'Structure model' '_citation.country'                 
2  2 'Structure model' '_citation.journal_abbrev'          
3  2 'Structure model' '_citation.journal_id_ASTM'         
4  2 'Structure model' '_citation.journal_id_CSD'          
5  2 'Structure model' '_citation.journal_id_ISSN'         
6  2 'Structure model' '_citation.journal_volume'          
7  2 'Structure model' '_citation.page_first'              
8  2 'Structure model' '_citation.page_last'               
9  2 'Structure model' '_citation.pdbx_database_id_DOI'    
10 2 'Structure model' '_citation.pdbx_database_id_PubMed' 
11 2 'Structure model' '_citation.title'                   
12 2 'Structure model' '_citation.year'                    
# 
_pdbx_database_status.status_code                     REL 
_pdbx_database_status.status_code_sf                  REL 
_pdbx_database_status.status_code_mr                  ? 
_pdbx_database_status.entry_id                        8CH0 
_pdbx_database_status.recvd_initial_deposition_date   2023-02-06 
_pdbx_database_status.SG_entry                        N 
_pdbx_database_status.deposit_site                    PDBE 
_pdbx_database_status.process_site                    PDBE 
_pdbx_database_status.status_code_cs                  ? 
_pdbx_database_status.status_code_nmr_data            ? 
_pdbx_database_status.methods_development_category    ? 
_pdbx_database_status.pdb_format_compatible           Y 
# 
loop_
_pdbx_contact_author.id 
_pdbx_contact_author.email 
_pdbx_contact_author.name_first 
_pdbx_contact_author.name_last 
_pdbx_contact_author.name_mi 
_pdbx_contact_author.role 
_pdbx_contact_author.identifier_ORCID 
2 mliutkus@cicbiomagune.es Mantas  Liutkus ? 'principal investigator/group leader' 0000-0002-2349-2824 
3 arojas@cicbiogune.es     Adriana Rojas   L 'principal investigator/group leader' 0000-0002-7358-3505 
# 
loop_
_audit_author.name 
_audit_author.pdbx_ordinal 
_audit_author.identifier_ORCID 
'Liutkus, M.'       1 ? 
'Rojas, A.L.'       2 ? 
'Cortajarena, A.L.' 3 ? 
# 
_citation.abstract                  ? 
_citation.abstract_id_CAS           ? 
_citation.book_id_ISBN              ? 
_citation.book_publisher            ? 
_citation.book_publisher_city       ? 
_citation.book_title                ? 
_citation.coordinate_linkage        ? 
_citation.country                   US 
_citation.database_id_Medline       ? 
_citation.details                   ? 
_citation.id                        primary 
_citation.journal_abbrev            'Protein Sci.' 
_citation.journal_id_ASTM           PRCIEI 
_citation.journal_id_CSD            0795 
_citation.journal_id_ISSN           1469-896X 
_citation.journal_full              ? 
_citation.journal_issue             ? 
_citation.journal_volume            33 
_citation.language                  ? 
_citation.page_first                e4971 
_citation.page_last                 e4971 
_citation.title                     'Diverse crystalline protein scaffolds through metal-dependent polymorphism.' 
_citation.year                      2024 
_citation.database_id_CSD           ? 
_citation.pdbx_database_id_DOI      10.1002/pro.4971 
_citation.pdbx_database_id_PubMed   38591647 
_citation.pdbx_database_id_patent   ? 
_citation.unpublished_flag          ? 
# 
loop_
_citation_author.citation_id 
_citation_author.name 
_citation_author.ordinal 
_citation_author.identifier_ORCID 
primary 'Liutkus, M.'       1 0000-0002-2349-2824 
primary 'Sasselli, I.R.'    2 0000-0001-6062-2440 
primary 'Rojas, A.L.'       3 0000-0002-7358-3505 
primary 'Cortajarena, A.L.' 4 0000-0002-5331-114X 
# 
loop_
_entity.id 
_entity.type 
_entity.src_method 
_entity.pdbx_description 
_entity.formula_weight 
_entity.pdbx_number_of_molecules 
_entity.pdbx_ec 
_entity.pdbx_mutation 
_entity.pdbx_fragment 
_entity.details 
1 polymer     man 'Consensus tetratricopeptide repeat protein' 16554.691 1  ? ? ? ? 
2 non-polymer syn 'GADOLINIUM ATOM'                            157.250   3  ? ? ? ? 
3 non-polymer syn 2-AMINO-2-HYDROXYMETHYL-PROPANE-1,3-DIOL     122.143   1  ? ? ? ? 
4 non-polymer syn '(4S)-2-METHYL-2,4-PENTANEDIOL'              118.174   2  ? ? ? ? 
5 water       nat water                                        18.015    49 ? ? ? ? 
# 
_entity_poly.entity_id                      1 
_entity_poly.type                           'polypeptide(L)' 
_entity_poly.nstd_linkage                   no 
_entity_poly.nstd_monomer                   no 
_entity_poly.pdbx_seq_one_letter_code       
;GAMGSAEAWYNLGNAYYKQGDYDEAIEYYQKALELDPRSAEAWYNLGNAYYKQGDYDEAIEYYQKALELDPRSAEAWYNL
GNAYYKQGDYDEAIEYYQKALELDPRSAEAWYNLGNAYYKQGDYDEAIEYYQKALELDPRS
;
_entity_poly.pdbx_seq_one_letter_code_can   
;GAMGSAEAWYNLGNAYYKQGDYDEAIEYYQKALELDPRSAEAWYNLGNAYYKQGDYDEAIEYYQKALELDPRSAEAWYNL
GNAYYKQGDYDEAIEYYQKALELDPRSAEAWYNLGNAYYKQGDYDEAIEYYQKALELDPRS
;
_entity_poly.pdbx_strand_id                 A 
_entity_poly.pdbx_target_identifier         ? 
# 
loop_
_pdbx_entity_nonpoly.entity_id 
_pdbx_entity_nonpoly.name 
_pdbx_entity_nonpoly.comp_id 
2 'GADOLINIUM ATOM'                        GD  
3 2-AMINO-2-HYDROXYMETHYL-PROPANE-1,3-DIOL TRS 
4 '(4S)-2-METHYL-2,4-PENTANEDIOL'          MPD 
5 water                                    HOH 
# 
loop_
_entity_poly_seq.entity_id 
_entity_poly_seq.num 
_entity_poly_seq.mon_id 
_entity_poly_seq.hetero 
1 1   GLY n 
1 2   ALA n 
1 3   MET n 
1 4   GLY n 
1 5   SER n 
1 6   ALA n 
1 7   GLU n 
1 8   ALA n 
1 9   TRP n 
1 10  TYR n 
1 11  ASN n 
1 12  LEU n 
1 13  GLY n 
1 14  ASN n 
1 15  ALA n 
1 16  TYR n 
1 17  TYR n 
1 18  LYS n 
1 19  GLN n 
1 20  GLY n 
1 21  ASP n 
1 22  TYR n 
1 23  ASP n 
1 24  GLU n 
1 25  ALA n 
1 26  ILE n 
1 27  GLU n 
1 28  TYR n 
1 29  TYR n 
1 30  GLN n 
1 31  LYS n 
1 32  ALA n 
1 33  LEU n 
1 34  GLU n 
1 35  LEU n 
1 36  ASP n 
1 37  PRO n 
1 38  ARG n 
1 39  SER n 
1 40  ALA n 
1 41  GLU n 
1 42  ALA n 
1 43  TRP n 
1 44  TYR n 
1 45  ASN n 
1 46  LEU n 
1 47  GLY n 
1 48  ASN n 
1 49  ALA n 
1 50  TYR n 
1 51  TYR n 
1 52  LYS n 
1 53  GLN n 
1 54  GLY n 
1 55  ASP n 
1 56  TYR n 
1 57  ASP n 
1 58  GLU n 
1 59  ALA n 
1 60  ILE n 
1 61  GLU n 
1 62  TYR n 
1 63  TYR n 
1 64  GLN n 
1 65  LYS n 
1 66  ALA n 
1 67  LEU n 
1 68  GLU n 
1 69  LEU n 
1 70  ASP n 
1 71  PRO n 
1 72  ARG n 
1 73  SER n 
1 74  ALA n 
1 75  GLU n 
1 76  ALA n 
1 77  TRP n 
1 78  TYR n 
1 79  ASN n 
1 80  LEU n 
1 81  GLY n 
1 82  ASN n 
1 83  ALA n 
1 84  TYR n 
1 85  TYR n 
1 86  LYS n 
1 87  GLN n 
1 88  GLY n 
1 89  ASP n 
1 90  TYR n 
1 91  ASP n 
1 92  GLU n 
1 93  ALA n 
1 94  ILE n 
1 95  GLU n 
1 96  TYR n 
1 97  TYR n 
1 98  GLN n 
1 99  LYS n 
1 100 ALA n 
1 101 LEU n 
1 102 GLU n 
1 103 LEU n 
1 104 ASP n 
1 105 PRO n 
1 106 ARG n 
1 107 SER n 
1 108 ALA n 
1 109 GLU n 
1 110 ALA n 
1 111 TRP n 
1 112 TYR n 
1 113 ASN n 
1 114 LEU n 
1 115 GLY n 
1 116 ASN n 
1 117 ALA n 
1 118 TYR n 
1 119 TYR n 
1 120 LYS n 
1 121 GLN n 
1 122 GLY n 
1 123 ASP n 
1 124 TYR n 
1 125 ASP n 
1 126 GLU n 
1 127 ALA n 
1 128 ILE n 
1 129 GLU n 
1 130 TYR n 
1 131 TYR n 
1 132 GLN n 
1 133 LYS n 
1 134 ALA n 
1 135 LEU n 
1 136 GLU n 
1 137 LEU n 
1 138 ASP n 
1 139 PRO n 
1 140 ARG n 
1 141 SER n 
# 
_entity_src_gen.entity_id                          1 
_entity_src_gen.pdbx_src_id                        1 
_entity_src_gen.pdbx_alt_source_flag               sample 
_entity_src_gen.pdbx_seq_type                      'Biological sequence' 
_entity_src_gen.pdbx_beg_seq_num                   1 
_entity_src_gen.pdbx_end_seq_num                   141 
_entity_src_gen.gene_src_common_name               ? 
_entity_src_gen.gene_src_genus                     ? 
_entity_src_gen.pdbx_gene_src_gene                 ? 
_entity_src_gen.gene_src_species                   ? 
_entity_src_gen.gene_src_strain                    ? 
_entity_src_gen.gene_src_tissue                    ? 
_entity_src_gen.gene_src_tissue_fraction           ? 
_entity_src_gen.gene_src_details                   ? 
_entity_src_gen.pdbx_gene_src_fragment             ? 
_entity_src_gen.pdbx_gene_src_scientific_name      'synthetic construct' 
_entity_src_gen.pdbx_gene_src_ncbi_taxonomy_id     32630 
_entity_src_gen.pdbx_gene_src_variant              ? 
_entity_src_gen.pdbx_gene_src_cell_line            ? 
_entity_src_gen.pdbx_gene_src_atcc                 ? 
_entity_src_gen.pdbx_gene_src_organ                ? 
_entity_src_gen.pdbx_gene_src_organelle            ? 
_entity_src_gen.pdbx_gene_src_cell                 ? 
_entity_src_gen.pdbx_gene_src_cellular_location    ? 
_entity_src_gen.host_org_common_name               ? 
_entity_src_gen.pdbx_host_org_scientific_name      'Escherichia coli' 
_entity_src_gen.pdbx_host_org_ncbi_taxonomy_id     562 
_entity_src_gen.host_org_genus                     ? 
_entity_src_gen.pdbx_host_org_gene                 ? 
_entity_src_gen.pdbx_host_org_organ                ? 
_entity_src_gen.host_org_species                   ? 
_entity_src_gen.pdbx_host_org_tissue               ? 
_entity_src_gen.pdbx_host_org_tissue_fraction      ? 
_entity_src_gen.pdbx_host_org_strain               ? 
_entity_src_gen.pdbx_host_org_variant              ? 
_entity_src_gen.pdbx_host_org_cell_line            ? 
_entity_src_gen.pdbx_host_org_atcc                 ? 
_entity_src_gen.pdbx_host_org_culture_collection   ? 
_entity_src_gen.pdbx_host_org_cell                 ? 
_entity_src_gen.pdbx_host_org_organelle            ? 
_entity_src_gen.pdbx_host_org_cellular_location    ? 
_entity_src_gen.pdbx_host_org_vector_type          ? 
_entity_src_gen.pdbx_host_org_vector               ? 
_entity_src_gen.host_org_details                   ? 
_entity_src_gen.expression_system_id               ? 
_entity_src_gen.plasmid_name                       ? 
_entity_src_gen.plasmid_details                    ? 
_entity_src_gen.pdbx_description                   ? 
# 
loop_
_chem_comp.id 
_chem_comp.type 
_chem_comp.mon_nstd_flag 
_chem_comp.name 
_chem_comp.pdbx_synonyms 
_chem_comp.formula 
_chem_comp.formula_weight 
ALA 'L-peptide linking' y ALANINE                                  ?             'C3 H7 N O2'     89.093  
ARG 'L-peptide linking' y ARGININE                                 ?             'C6 H15 N4 O2 1' 175.209 
ASN 'L-peptide linking' y ASPARAGINE                               ?             'C4 H8 N2 O3'    132.118 
ASP 'L-peptide linking' y 'ASPARTIC ACID'                          ?             'C4 H7 N O4'     133.103 
GD  non-polymer         . 'GADOLINIUM ATOM'                        ?             Gd               157.250 
GLN 'L-peptide linking' y GLUTAMINE                                ?             'C5 H10 N2 O3'   146.144 
GLU 'L-peptide linking' y 'GLUTAMIC ACID'                          ?             'C5 H9 N O4'     147.129 
GLY 'peptide linking'   y GLYCINE                                  ?             'C2 H5 N O2'     75.067  
HOH non-polymer         . WATER                                    ?             'H2 O'           18.015  
ILE 'L-peptide linking' y ISOLEUCINE                               ?             'C6 H13 N O2'    131.173 
LEU 'L-peptide linking' y LEUCINE                                  ?             'C6 H13 N O2'    131.173 
LYS 'L-peptide linking' y LYSINE                                   ?             'C6 H15 N2 O2 1' 147.195 
MET 'L-peptide linking' y METHIONINE                               ?             'C5 H11 N O2 S'  149.211 
MPD non-polymer         . '(4S)-2-METHYL-2,4-PENTANEDIOL'          ?             'C6 H14 O2'      118.174 
PRO 'L-peptide linking' y PROLINE                                  ?             'C5 H9 N O2'     115.130 
SER 'L-peptide linking' y SERINE                                   ?             'C3 H7 N O3'     105.093 
TRP 'L-peptide linking' y TRYPTOPHAN                               ?             'C11 H12 N2 O2'  204.225 
TRS non-polymer         . 2-AMINO-2-HYDROXYMETHYL-PROPANE-1,3-DIOL 'TRIS BUFFER' 'C4 H12 N O3 1'  122.143 
TYR 'L-peptide linking' y TYROSINE                                 ?             'C9 H11 N O3'    181.189 
# 
loop_
_pdbx_poly_seq_scheme.asym_id 
_pdbx_poly_seq_scheme.entity_id 
_pdbx_poly_seq_scheme.seq_id 
_pdbx_poly_seq_scheme.mon_id 
_pdbx_poly_seq_scheme.ndb_seq_num 
_pdbx_poly_seq_scheme.pdb_seq_num 
_pdbx_poly_seq_scheme.auth_seq_num 
_pdbx_poly_seq_scheme.pdb_mon_id 
_pdbx_poly_seq_scheme.auth_mon_id 
_pdbx_poly_seq_scheme.pdb_strand_id 
_pdbx_poly_seq_scheme.pdb_ins_code 
_pdbx_poly_seq_scheme.hetero 
A 1 1   GLY 1   -4  ?   ?   ?   A . n 
A 1 2   ALA 2   -3  ?   ?   ?   A . n 
A 1 3   MET 3   -2  ?   ?   ?   A . n 
A 1 4   GLY 4   -1  ?   ?   ?   A . n 
A 1 5   SER 5   0   ?   ?   ?   A . n 
A 1 6   ALA 6   1   1   ALA ALA A . n 
A 1 7   GLU 7   2   2   GLU GLU A . n 
A 1 8   ALA 8   3   3   ALA ALA A . n 
A 1 9   TRP 9   4   4   TRP TRP A . n 
A 1 10  TYR 10  5   5   TYR TYR A . n 
A 1 11  ASN 11  6   6   ASN ASN A . n 
A 1 12  LEU 12  7   7   LEU LEU A . n 
A 1 13  GLY 13  8   8   GLY GLY A . n 
A 1 14  ASN 14  9   9   ASN ASN A . n 
A 1 15  ALA 15  10  10  ALA ALA A . n 
A 1 16  TYR 16  11  11  TYR TYR A . n 
A 1 17  TYR 17  12  12  TYR TYR A . n 
A 1 18  LYS 18  13  13  LYS LYS A . n 
A 1 19  GLN 19  14  14  GLN GLN A . n 
A 1 20  GLY 20  15  15  GLY GLY A . n 
A 1 21  ASP 21  16  16  ASP ASP A . n 
A 1 22  TYR 22  17  17  TYR TYR A . n 
A 1 23  ASP 23  18  18  ASP ASP A . n 
A 1 24  GLU 24  19  19  GLU GLU A . n 
A 1 25  ALA 25  20  20  ALA ALA A . n 
A 1 26  ILE 26  21  21  ILE ILE A . n 
A 1 27  GLU 27  22  22  GLU GLU A . n 
A 1 28  TYR 28  23  23  TYR TYR A . n 
A 1 29  TYR 29  24  24  TYR TYR A . n 
A 1 30  GLN 30  25  25  GLN GLN A . n 
A 1 31  LYS 31  26  26  LYS LYS A . n 
A 1 32  ALA 32  27  27  ALA ALA A . n 
A 1 33  LEU 33  28  28  LEU LEU A . n 
A 1 34  GLU 34  29  29  GLU GLU A . n 
A 1 35  LEU 35  30  30  LEU LEU A . n 
A 1 36  ASP 36  31  31  ASP ASP A . n 
A 1 37  PRO 37  32  32  PRO PRO A . n 
A 1 38  ARG 38  33  33  ARG ARG A . n 
A 1 39  SER 39  34  34  SER SER A . n 
A 1 40  ALA 40  35  35  ALA ALA A . n 
A 1 41  GLU 41  36  36  GLU GLU A . n 
A 1 42  ALA 42  37  37  ALA ALA A . n 
A 1 43  TRP 43  38  38  TRP TRP A . n 
A 1 44  TYR 44  39  39  TYR TYR A . n 
A 1 45  ASN 45  40  40  ASN ASN A . n 
A 1 46  LEU 46  41  41  LEU LEU A . n 
A 1 47  GLY 47  42  42  GLY GLY A . n 
A 1 48  ASN 48  43  43  ASN ASN A . n 
A 1 49  ALA 49  44  44  ALA ALA A . n 
A 1 50  TYR 50  45  45  TYR TYR A . n 
A 1 51  TYR 51  46  46  TYR TYR A . n 
A 1 52  LYS 52  47  47  LYS LYS A . n 
A 1 53  GLN 53  48  48  GLN GLN A . n 
A 1 54  GLY 54  49  49  GLY GLY A . n 
A 1 55  ASP 55  50  50  ASP ASP A . n 
A 1 56  TYR 56  51  51  TYR TYR A . n 
A 1 57  ASP 57  52  52  ASP ASP A . n 
A 1 58  GLU 58  53  53  GLU GLU A . n 
A 1 59  ALA 59  54  54  ALA ALA A . n 
A 1 60  ILE 60  55  55  ILE ILE A . n 
A 1 61  GLU 61  56  56  GLU GLU A . n 
A 1 62  TYR 62  57  57  TYR TYR A . n 
A 1 63  TYR 63  58  58  TYR TYR A . n 
A 1 64  GLN 64  59  59  GLN GLN A . n 
A 1 65  LYS 65  60  60  LYS LYS A . n 
A 1 66  ALA 66  61  61  ALA ALA A . n 
A 1 67  LEU 67  62  62  LEU LEU A . n 
A 1 68  GLU 68  63  63  GLU GLU A . n 
A 1 69  LEU 69  64  64  LEU LEU A . n 
A 1 70  ASP 70  65  65  ASP ASP A . n 
A 1 71  PRO 71  66  66  PRO PRO A . n 
A 1 72  ARG 72  67  67  ARG ARG A . n 
A 1 73  SER 73  68  68  SER SER A . n 
A 1 74  ALA 74  69  69  ALA ALA A . n 
A 1 75  GLU 75  70  70  GLU GLU A . n 
A 1 76  ALA 76  71  71  ALA ALA A . n 
A 1 77  TRP 77  72  72  TRP TRP A . n 
A 1 78  TYR 78  73  73  TYR TYR A . n 
A 1 79  ASN 79  74  74  ASN ASN A . n 
A 1 80  LEU 80  75  75  LEU LEU A . n 
A 1 81  GLY 81  76  76  GLY GLY A . n 
A 1 82  ASN 82  77  77  ASN ASN A . n 
A 1 83  ALA 83  78  78  ALA ALA A . n 
A 1 84  TYR 84  79  79  TYR TYR A . n 
A 1 85  TYR 85  80  80  TYR TYR A . n 
A 1 86  LYS 86  81  81  LYS LYS A . n 
A 1 87  GLN 87  82  82  GLN GLN A . n 
A 1 88  GLY 88  83  83  GLY GLY A . n 
A 1 89  ASP 89  84  84  ASP ASP A . n 
A 1 90  TYR 90  85  85  TYR TYR A . n 
A 1 91  ASP 91  86  86  ASP ASP A . n 
A 1 92  GLU 92  87  87  GLU GLU A . n 
A 1 93  ALA 93  88  88  ALA ALA A . n 
A 1 94  ILE 94  89  89  ILE ILE A . n 
A 1 95  GLU 95  90  90  GLU GLU A . n 
A 1 96  TYR 96  91  91  TYR TYR A . n 
A 1 97  TYR 97  92  92  TYR TYR A . n 
A 1 98  GLN 98  93  93  GLN GLN A . n 
A 1 99  LYS 99  94  94  LYS LYS A . n 
A 1 100 ALA 100 95  95  ALA ALA A . n 
A 1 101 LEU 101 96  96  LEU LEU A . n 
A 1 102 GLU 102 97  97  GLU GLU A . n 
A 1 103 LEU 103 98  98  LEU LEU A . n 
A 1 104 ASP 104 99  99  ASP ASP A . n 
A 1 105 PRO 105 100 100 PRO PRO A . n 
A 1 106 ARG 106 101 101 ARG ARG A . n 
A 1 107 SER 107 102 102 SER SER A . n 
A 1 108 ALA 108 103 103 ALA ALA A . n 
A 1 109 GLU 109 104 104 GLU GLU A . n 
A 1 110 ALA 110 105 105 ALA ALA A . n 
A 1 111 TRP 111 106 106 TRP TRP A . n 
A 1 112 TYR 112 107 107 TYR TYR A . n 
A 1 113 ASN 113 108 108 ASN ASN A . n 
A 1 114 LEU 114 109 109 LEU LEU A . n 
A 1 115 GLY 115 110 110 GLY GLY A . n 
A 1 116 ASN 116 111 111 ASN ASN A . n 
A 1 117 ALA 117 112 112 ALA ALA A . n 
A 1 118 TYR 118 113 113 TYR TYR A . n 
A 1 119 TYR 119 114 114 TYR TYR A . n 
A 1 120 LYS 120 115 115 LYS LYS A . n 
A 1 121 GLN 121 116 116 GLN GLN A . n 
A 1 122 GLY 122 117 117 GLY GLY A . n 
A 1 123 ASP 123 118 118 ASP ASP A . n 
A 1 124 TYR 124 119 119 TYR TYR A . n 
A 1 125 ASP 125 120 120 ASP ASP A . n 
A 1 126 GLU 126 121 121 GLU GLU A . n 
A 1 127 ALA 127 122 122 ALA ALA A . n 
A 1 128 ILE 128 123 123 ILE ILE A . n 
A 1 129 GLU 129 124 124 GLU GLU A . n 
A 1 130 TYR 130 125 125 TYR TYR A . n 
A 1 131 TYR 131 126 126 TYR TYR A . n 
A 1 132 GLN 132 127 127 GLN GLN A . n 
A 1 133 LYS 133 128 128 LYS LYS A . n 
A 1 134 ALA 134 129 129 ALA ALA A . n 
A 1 135 LEU 135 130 130 LEU LEU A . n 
A 1 136 GLU 136 131 131 GLU GLU A . n 
A 1 137 LEU 137 132 132 LEU LEU A . n 
A 1 138 ASP 138 133 133 ASP ASP A . n 
A 1 139 PRO 139 134 134 PRO PRO A . n 
A 1 140 ARG 140 135 135 ARG ARG A . n 
A 1 141 SER 141 136 136 SER SER A . n 
# 
loop_
_pdbx_nonpoly_scheme.asym_id 
_pdbx_nonpoly_scheme.entity_id 
_pdbx_nonpoly_scheme.mon_id 
_pdbx_nonpoly_scheme.ndb_seq_num 
_pdbx_nonpoly_scheme.pdb_seq_num 
_pdbx_nonpoly_scheme.auth_seq_num 
_pdbx_nonpoly_scheme.pdb_mon_id 
_pdbx_nonpoly_scheme.auth_mon_id 
_pdbx_nonpoly_scheme.pdb_strand_id 
_pdbx_nonpoly_scheme.pdb_ins_code 
B 2 GD  1  201 1  GD  GD  A . 
C 2 GD  1  202 2  GD  GD  A . 
D 2 GD  1  203 3  GD  GD  A . 
E 3 TRS 1  204 1  TRS TRS A . 
F 4 MPD 1  205 1  MPD MPD A . 
G 4 MPD 1  206 2  MPD MPD A . 
H 5 HOH 1  301 7  HOH HOH A . 
H 5 HOH 2  302 36 HOH HOH A . 
H 5 HOH 3  303 44 HOH HOH A . 
H 5 HOH 4  304 37 HOH HOH A . 
H 5 HOH 5  305 12 HOH HOH A . 
H 5 HOH 6  306 5  HOH HOH A . 
H 5 HOH 7  307 31 HOH HOH A . 
H 5 HOH 8  308 13 HOH HOH A . 
H 5 HOH 9  309 49 HOH HOH A . 
H 5 HOH 10 310 22 HOH HOH A . 
H 5 HOH 11 311 18 HOH HOH A . 
H 5 HOH 12 312 24 HOH HOH A . 
H 5 HOH 13 313 9  HOH HOH A . 
H 5 HOH 14 314 16 HOH HOH A . 
H 5 HOH 15 315 34 HOH HOH A . 
H 5 HOH 16 316 6  HOH HOH A . 
H 5 HOH 17 317 42 HOH HOH A . 
H 5 HOH 18 318 14 HOH HOH A . 
H 5 HOH 19 319 15 HOH HOH A . 
H 5 HOH 20 320 43 HOH HOH A . 
H 5 HOH 21 321 17 HOH HOH A . 
H 5 HOH 22 322 3  HOH HOH A . 
H 5 HOH 23 323 30 HOH HOH A . 
H 5 HOH 24 324 28 HOH HOH A . 
H 5 HOH 25 325 23 HOH HOH A . 
H 5 HOH 26 326 26 HOH HOH A . 
H 5 HOH 27 327 47 HOH HOH A . 
H 5 HOH 28 328 2  HOH HOH A . 
H 5 HOH 29 329 19 HOH HOH A . 
H 5 HOH 30 330 46 HOH HOH A . 
H 5 HOH 31 331 32 HOH HOH A . 
H 5 HOH 32 332 45 HOH HOH A . 
H 5 HOH 33 333 1  HOH HOH A . 
H 5 HOH 34 334 41 HOH HOH A . 
H 5 HOH 35 335 35 HOH HOH A . 
H 5 HOH 36 336 4  HOH HOH A . 
H 5 HOH 37 337 33 HOH HOH A . 
H 5 HOH 38 338 29 HOH HOH A . 
H 5 HOH 39 339 8  HOH HOH A . 
H 5 HOH 40 340 27 HOH HOH A . 
H 5 HOH 41 341 48 HOH HOH A . 
H 5 HOH 42 342 10 HOH HOH A . 
H 5 HOH 43 343 25 HOH HOH A . 
H 5 HOH 44 344 21 HOH HOH A . 
H 5 HOH 45 345 11 HOH HOH A . 
H 5 HOH 46 346 38 HOH HOH A . 
H 5 HOH 47 347 20 HOH HOH A . 
H 5 HOH 48 348 39 HOH HOH A . 
H 5 HOH 49 349 40 HOH HOH A . 
# 
loop_
_software.citation_id 
_software.classification 
_software.compiler_name 
_software.compiler_version 
_software.contact_author 
_software.contact_author_email 
_software.date 
_software.description 
_software.dependencies 
_software.hardware 
_software.language 
_software.location 
_software.mods 
_software.name 
_software.os 
_software.os_version 
_software.type 
_software.version 
_software.pdbx_ordinal 
? refinement       ? ? ? ? ? ? ? ? ? ? ? REFMAC   ? ? ? 5.0     1 
? 'data scaling'   ? ? ? ? ? ? ? ? ? ? ? XSCALE   ? ? ? .       2 
? 'data reduction' ? ? ? ? ? ? ? ? ? ? ? autoPROC ? ? ? .       3 
? phasing          ? ? ? ? ? ? ? ? ? ? ? MOLREP   ? ? ? 11.7.02 4 
# 
_cell.angle_alpha                  90.00 
_cell.angle_alpha_esd              ? 
_cell.angle_beta                   90.00 
_cell.angle_beta_esd               ? 
_cell.angle_gamma                  90.00 
_cell.angle_gamma_esd              ? 
_cell.entry_id                     8CH0 
_cell.details                      ? 
_cell.formula_units_Z              ? 
_cell.length_a                     44.228 
_cell.length_a_esd                 ? 
_cell.length_b                     57.730 
_cell.length_b_esd                 ? 
_cell.length_c                     76.289 
_cell.length_c_esd                 ? 
_cell.volume                       ? 
_cell.volume_esd                   ? 
_cell.Z_PDB                        4 
_cell.reciprocal_angle_alpha       ? 
_cell.reciprocal_angle_beta        ? 
_cell.reciprocal_angle_gamma       ? 
_cell.reciprocal_angle_alpha_esd   ? 
_cell.reciprocal_angle_beta_esd    ? 
_cell.reciprocal_angle_gamma_esd   ? 
_cell.reciprocal_length_a          ? 
_cell.reciprocal_length_b          ? 
_cell.reciprocal_length_c          ? 
_cell.reciprocal_length_a_esd      ? 
_cell.reciprocal_length_b_esd      ? 
_cell.reciprocal_length_c_esd      ? 
_cell.pdbx_unique_axis             ? 
_cell.pdbx_esd_method              ? 
# 
_symmetry.entry_id                         8CH0 
_symmetry.cell_setting                     ? 
_symmetry.Int_Tables_number                19 
_symmetry.space_group_name_Hall            ? 
_symmetry.space_group_name_H-M             'P 21 21 21' 
_symmetry.pdbx_full_space_group_name_H-M   ? 
# 
_exptl.absorpt_coefficient_mu     ? 
_exptl.absorpt_correction_T_max   ? 
_exptl.absorpt_correction_T_min   ? 
_exptl.absorpt_correction_type    ? 
_exptl.absorpt_process_details    ? 
_exptl.entry_id                   8CH0 
_exptl.crystals_number            1 
_exptl.details                    ? 
_exptl.method                     'X-RAY DIFFRACTION' 
_exptl.method_details             ? 
# 
_exptl_crystal.colour                       ? 
_exptl_crystal.density_diffrn               ? 
_exptl_crystal.density_Matthews             2.58 
_exptl_crystal.density_method               ? 
_exptl_crystal.density_percent_sol          52.31 
_exptl_crystal.description                  ? 
_exptl_crystal.F_000                        ? 
_exptl_crystal.id                           1 
_exptl_crystal.preparation                  ? 
_exptl_crystal.size_max                     ? 
_exptl_crystal.size_mid                     ? 
_exptl_crystal.size_min                     ? 
_exptl_crystal.size_rad                     ? 
_exptl_crystal.colour_lustre                ? 
_exptl_crystal.colour_modifier              ? 
_exptl_crystal.colour_primary               ? 
_exptl_crystal.density_meas                 ? 
_exptl_crystal.density_meas_esd             ? 
_exptl_crystal.density_meas_gt              ? 
_exptl_crystal.density_meas_lt              ? 
_exptl_crystal.density_meas_temp            ? 
_exptl_crystal.density_meas_temp_esd        ? 
_exptl_crystal.density_meas_temp_gt         ? 
_exptl_crystal.density_meas_temp_lt         ? 
_exptl_crystal.pdbx_crystal_image_url       ? 
_exptl_crystal.pdbx_crystal_image_format    ? 
_exptl_crystal.pdbx_mosaicity               ? 
_exptl_crystal.pdbx_mosaicity_esd           ? 
_exptl_crystal.pdbx_mosaic_method           ? 
_exptl_crystal.pdbx_mosaic_block_size       ? 
_exptl_crystal.pdbx_mosaic_block_size_esd   ? 
# 
_exptl_crystal_grow.apparatus       ? 
_exptl_crystal_grow.atmosphere      ? 
_exptl_crystal_grow.crystal_id      1 
_exptl_crystal_grow.details         ? 
_exptl_crystal_grow.method          'VAPOR DIFFUSION' 
_exptl_crystal_grow.method_ref      ? 
_exptl_crystal_grow.pH              8.0 
_exptl_crystal_grow.pressure        ? 
_exptl_crystal_grow.pressure_esd    ? 
_exptl_crystal_grow.seeding         ? 
_exptl_crystal_grow.seeding_ref     ? 
_exptl_crystal_grow.temp_details    ? 
_exptl_crystal_grow.temp_esd        ? 
_exptl_crystal_grow.time            ? 
_exptl_crystal_grow.pdbx_details    
;5mM GdCl3 100 mM Tris HCl
30% MPD
;
_exptl_crystal_grow.pdbx_pH_range   ? 
_exptl_crystal_grow.temp            292 
# 
_diffrn.ambient_environment              ? 
_diffrn.ambient_temp                     100 
_diffrn.ambient_temp_details             ? 
_diffrn.ambient_temp_esd                 ? 
_diffrn.crystal_id                       1 
_diffrn.crystal_support                  ? 
_diffrn.crystal_treatment                ? 
_diffrn.details                          ? 
_diffrn.id                               1 
_diffrn.ambient_pressure                 ? 
_diffrn.ambient_pressure_esd             ? 
_diffrn.ambient_pressure_gt              ? 
_diffrn.ambient_pressure_lt              ? 
_diffrn.ambient_temp_gt                  ? 
_diffrn.ambient_temp_lt                  ? 
_diffrn.pdbx_serial_crystal_experiment   N 
# 
_diffrn_detector.details                      'Elliptically bent mirror' 
_diffrn_detector.detector                     PIXEL 
_diffrn_detector.diffrn_id                    1 
_diffrn_detector.type                         'DECTRIS PILATUS 6M' 
_diffrn_detector.area_resol_mean              ? 
_diffrn_detector.dtime                        ? 
_diffrn_detector.pdbx_frames_total            ? 
_diffrn_detector.pdbx_collection_time_total   ? 
_diffrn_detector.pdbx_collection_date         2020-10-16 
_diffrn_detector.pdbx_frequency               ? 
_diffrn_detector.id                           ? 
_diffrn_detector.number_of_axes               ? 
# 
_diffrn_radiation.collimation                      ? 
_diffrn_radiation.diffrn_id                        1 
_diffrn_radiation.filter_edge                      ? 
_diffrn_radiation.inhomogeneity                    ? 
_diffrn_radiation.monochromator                    ? 
_diffrn_radiation.polarisn_norm                    ? 
_diffrn_radiation.polarisn_ratio                   ? 
_diffrn_radiation.probe                            ? 
_diffrn_radiation.type                             ? 
_diffrn_radiation.xray_symbol                      ? 
_diffrn_radiation.wavelength_id                    1 
_diffrn_radiation.pdbx_monochromatic_or_laue_m_l   M 
_diffrn_radiation.pdbx_wavelength_list             ? 
_diffrn_radiation.pdbx_wavelength                  ? 
_diffrn_radiation.pdbx_diffrn_protocol             'SINGLE WAVELENGTH' 
_diffrn_radiation.pdbx_analyzer                    ? 
_diffrn_radiation.pdbx_scattering_type             x-ray 
# 
_diffrn_radiation_wavelength.id           1 
_diffrn_radiation_wavelength.wavelength   1.711822 
_diffrn_radiation_wavelength.wt           1.0 
# 
_diffrn_source.current                     ? 
_diffrn_source.details                     ? 
_diffrn_source.diffrn_id                   1 
_diffrn_source.power                       ? 
_diffrn_source.size                        ? 
_diffrn_source.source                      SYNCHROTRON 
_diffrn_source.target                      ? 
_diffrn_source.type                        'ALBA BEAMLINE XALOC' 
_diffrn_source.voltage                     ? 
_diffrn_source.take-off_angle              ? 
_diffrn_source.pdbx_wavelength_list        1.711822 
_diffrn_source.pdbx_wavelength             ? 
_diffrn_source.pdbx_synchrotron_beamline   XALOC 
_diffrn_source.pdbx_synchrotron_site       ALBA 
# 
_reflns.B_iso_Wilson_estimate                          ? 
_reflns.entry_id                                       8CH0 
_reflns.data_reduction_details                         ? 
_reflns.data_reduction_method                          ? 
_reflns.d_resolution_high                              1.75 
_reflns.d_resolution_low                               57.73 
_reflns.details                                        ? 
_reflns.limit_h_max                                    ? 
_reflns.limit_h_min                                    ? 
_reflns.limit_k_max                                    ? 
_reflns.limit_k_min                                    ? 
_reflns.limit_l_max                                    ? 
_reflns.limit_l_min                                    ? 
_reflns.number_all                                     ? 
_reflns.number_obs                                     20384 
_reflns.observed_criterion                             ? 
_reflns.observed_criterion_F_max                       ? 
_reflns.observed_criterion_F_min                       ? 
_reflns.observed_criterion_I_max                       ? 
_reflns.observed_criterion_I_min                       ? 
_reflns.observed_criterion_sigma_F                     ? 
_reflns.observed_criterion_sigma_I                     ? 
_reflns.percent_possible_obs                           100.0 
_reflns.R_free_details                                 ? 
_reflns.Rmerge_F_all                                   ? 
_reflns.Rmerge_F_obs                                   ? 
_reflns.Friedel_coverage                               ? 
_reflns.number_gt                                      ? 
_reflns.threshold_expression                           ? 
_reflns.pdbx_redundancy                                11.5 
_reflns.pdbx_netI_over_av_sigmaI                       ? 
_reflns.pdbx_netI_over_sigmaI                          13.2 
_reflns.pdbx_res_netI_over_av_sigmaI_2                 ? 
_reflns.pdbx_res_netI_over_sigmaI_2                    ? 
_reflns.pdbx_chi_squared                               ? 
_reflns.pdbx_scaling_rejects                           ? 
_reflns.pdbx_d_res_high_opt                            ? 
_reflns.pdbx_d_res_low_opt                             ? 
_reflns.pdbx_d_res_opt_method                          ? 
_reflns.phase_calculation_details                      ? 
_reflns.pdbx_Rrim_I_all                                0.106 
_reflns.pdbx_Rpim_I_all                                0.031 
_reflns.pdbx_d_opt                                     ? 
_reflns.pdbx_number_measured_all                       234292 
_reflns.pdbx_diffrn_id                                 1 
_reflns.pdbx_ordinal                                   1 
_reflns.pdbx_CC_half                                   0.997 
_reflns.pdbx_CC_star                                   ? 
_reflns.pdbx_R_split                                   ? 
_reflns.pdbx_Rmerge_I_obs                              ? 
_reflns.pdbx_Rmerge_I_all                              ? 
_reflns.pdbx_Rsym_value                                ? 
_reflns.pdbx_CC_split_method                           ? 
_reflns.pdbx_aniso_diffraction_limit_axis_1_ortho[1]   ? 
_reflns.pdbx_aniso_diffraction_limit_axis_1_ortho[2]   ? 
_reflns.pdbx_aniso_diffraction_limit_axis_1_ortho[3]   ? 
_reflns.pdbx_aniso_diffraction_limit_axis_2_ortho[1]   ? 
_reflns.pdbx_aniso_diffraction_limit_axis_2_ortho[2]   ? 
_reflns.pdbx_aniso_diffraction_limit_axis_2_ortho[3]   ? 
_reflns.pdbx_aniso_diffraction_limit_axis_3_ortho[1]   ? 
_reflns.pdbx_aniso_diffraction_limit_axis_3_ortho[2]   ? 
_reflns.pdbx_aniso_diffraction_limit_axis_3_ortho[3]   ? 
_reflns.pdbx_aniso_diffraction_limit_1                 ? 
_reflns.pdbx_aniso_diffraction_limit_2                 ? 
_reflns.pdbx_aniso_diffraction_limit_3                 ? 
_reflns.pdbx_aniso_B_tensor_eigenvector_1_ortho[1]     ? 
_reflns.pdbx_aniso_B_tensor_eigenvector_1_ortho[2]     ? 
_reflns.pdbx_aniso_B_tensor_eigenvector_1_ortho[3]     ? 
_reflns.pdbx_aniso_B_tensor_eigenvector_2_ortho[1]     ? 
_reflns.pdbx_aniso_B_tensor_eigenvector_2_ortho[2]     ? 
_reflns.pdbx_aniso_B_tensor_eigenvector_2_ortho[3]     ? 
_reflns.pdbx_aniso_B_tensor_eigenvector_3_ortho[1]     ? 
_reflns.pdbx_aniso_B_tensor_eigenvector_3_ortho[2]     ? 
_reflns.pdbx_aniso_B_tensor_eigenvector_3_ortho[3]     ? 
_reflns.pdbx_aniso_B_tensor_eigenvalue_1               ? 
_reflns.pdbx_aniso_B_tensor_eigenvalue_2               ? 
_reflns.pdbx_aniso_B_tensor_eigenvalue_3               ? 
_reflns.pdbx_orthogonalization_convention              ? 
_reflns.pdbx_percent_possible_ellipsoidal              ? 
_reflns.pdbx_percent_possible_spherical                ? 
_reflns.pdbx_percent_possible_ellipsoidal_anomalous    ? 
_reflns.pdbx_percent_possible_spherical_anomalous      ? 
_reflns.pdbx_redundancy_anomalous                      ? 
_reflns.pdbx_CC_half_anomalous                         ? 
_reflns.pdbx_absDiff_over_sigma_anomalous              ? 
_reflns.pdbx_percent_possible_anomalous                ? 
_reflns.pdbx_observed_signal_threshold                 ? 
_reflns.pdbx_signal_type                               ? 
_reflns.pdbx_signal_details                            ? 
_reflns.pdbx_signal_software_id                        ? 
# 
_reflns_shell.d_res_high                                    1.75 
_reflns_shell.d_res_low                                     1.84 
_reflns_shell.meanI_over_sigI_all                           ? 
_reflns_shell.meanI_over_sigI_obs                           ? 
_reflns_shell.number_measured_all                           32240 
_reflns_shell.number_measured_obs                           ? 
_reflns_shell.number_possible                               ? 
_reflns_shell.number_unique_all                             ? 
_reflns_shell.number_unique_obs                             2930 
_reflns_shell.percent_possible_obs                          100.0 
_reflns_shell.Rmerge_F_all                                  ? 
_reflns_shell.Rmerge_F_obs                                  ? 
_reflns_shell.meanI_over_sigI_gt                            ? 
_reflns_shell.meanI_over_uI_all                             ? 
_reflns_shell.meanI_over_uI_gt                              ? 
_reflns_shell.number_measured_gt                            ? 
_reflns_shell.number_unique_gt                              ? 
_reflns_shell.percent_possible_gt                           ? 
_reflns_shell.Rmerge_F_gt                                   ? 
_reflns_shell.Rmerge_I_gt                                   ? 
_reflns_shell.pdbx_redundancy                               11.0 
_reflns_shell.pdbx_chi_squared                              ? 
_reflns_shell.pdbx_netI_over_sigmaI_all                     ? 
_reflns_shell.pdbx_netI_over_sigmaI_obs                     3.1 
_reflns_shell.pdbx_Rrim_I_all                               0.687 
_reflns_shell.pdbx_Rpim_I_all                               0.207 
_reflns_shell.pdbx_rejects                                  ? 
_reflns_shell.pdbx_ordinal                                  1 
_reflns_shell.pdbx_diffrn_id                                ? 
_reflns_shell.pdbx_CC_half                                  0.958 
_reflns_shell.pdbx_CC_star                                  ? 
_reflns_shell.pdbx_R_split                                  ? 
_reflns_shell.percent_possible_all                          ? 
_reflns_shell.Rmerge_I_all                                  ? 
_reflns_shell.Rmerge_I_obs                                  ? 
_reflns_shell.pdbx_Rsym_value                               ? 
_reflns_shell.pdbx_percent_possible_ellipsoidal             ? 
_reflns_shell.pdbx_percent_possible_spherical               ? 
_reflns_shell.pdbx_percent_possible_ellipsoidal_anomalous   ? 
_reflns_shell.pdbx_percent_possible_spherical_anomalous     ? 
_reflns_shell.pdbx_redundancy_anomalous                     ? 
_reflns_shell.pdbx_CC_half_anomalous                        ? 
_reflns_shell.pdbx_absDiff_over_sigma_anomalous             ? 
_reflns_shell.pdbx_percent_possible_anomalous               ? 
# 
_refine.aniso_B[1][1]                            5.14 
_refine.aniso_B[1][2]                            0.00 
_refine.aniso_B[1][3]                            0.00 
_refine.aniso_B[2][2]                            -2.45 
_refine.aniso_B[2][3]                            0.00 
_refine.aniso_B[3][3]                            -2.69 
_refine.B_iso_max                                ? 
_refine.B_iso_mean                               38.778 
_refine.B_iso_min                                ? 
_refine.correlation_coeff_Fo_to_Fc               0.969 
_refine.correlation_coeff_Fo_to_Fc_free          0.960 
_refine.details                                  'HYDROGENS HAVE BEEN ADDED IN THE RIDING POSITIONS' 
_refine.diff_density_max                         ? 
_refine.diff_density_max_esd                     ? 
_refine.diff_density_min                         ? 
_refine.diff_density_min_esd                     ? 
_refine.diff_density_rms                         ? 
_refine.diff_density_rms_esd                     ? 
_refine.entry_id                                 8CH0 
_refine.pdbx_refine_id                           'X-RAY DIFFRACTION' 
_refine.ls_abs_structure_details                 ? 
_refine.ls_abs_structure_Flack                   ? 
_refine.ls_abs_structure_Flack_esd               ? 
_refine.ls_abs_structure_Rogers                  ? 
_refine.ls_abs_structure_Rogers_esd              ? 
_refine.ls_d_res_high                            1.75 
_refine.ls_d_res_low                             46.03 
_refine.ls_extinction_coef                       ? 
_refine.ls_extinction_coef_esd                   ? 
_refine.ls_extinction_expression                 ? 
_refine.ls_extinction_method                     ? 
_refine.ls_goodness_of_fit_all                   ? 
_refine.ls_goodness_of_fit_all_esd               ? 
_refine.ls_goodness_of_fit_obs                   ? 
_refine.ls_goodness_of_fit_obs_esd               ? 
_refine.ls_hydrogen_treatment                    ? 
_refine.ls_matrix_type                           ? 
_refine.ls_number_constraints                    ? 
_refine.ls_number_parameters                     ? 
_refine.ls_number_reflns_all                     ? 
_refine.ls_number_reflns_obs                     19398 
_refine.ls_number_reflns_R_free                  902 
_refine.ls_number_reflns_R_work                  ? 
_refine.ls_number_restraints                     ? 
_refine.ls_percent_reflns_obs                    99.83 
_refine.ls_percent_reflns_R_free                 4.4 
_refine.ls_R_factor_all                          ? 
_refine.ls_R_factor_obs                          0.18005 
_refine.ls_R_factor_R_free                       0.20984 
_refine.ls_R_factor_R_free_error                 ? 
_refine.ls_R_factor_R_free_error_details         ? 
_refine.ls_R_factor_R_work                       0.17873 
_refine.ls_R_Fsqd_factor_obs                     ? 
_refine.ls_R_I_factor_obs                        ? 
_refine.ls_redundancy_reflns_all                 ? 
_refine.ls_redundancy_reflns_obs                 ? 
_refine.ls_restrained_S_all                      ? 
_refine.ls_restrained_S_obs                      ? 
_refine.ls_shift_over_esd_max                    ? 
_refine.ls_shift_over_esd_mean                   ? 
_refine.ls_structure_factor_coef                 ? 
_refine.ls_weighting_details                     ? 
_refine.ls_weighting_scheme                      ? 
_refine.ls_wR_factor_all                         ? 
_refine.ls_wR_factor_obs                         ? 
_refine.ls_wR_factor_R_free                      ? 
_refine.ls_wR_factor_R_work                      ? 
_refine.occupancy_max                            ? 
_refine.occupancy_min                            ? 
_refine.solvent_model_details                    MASK 
_refine.solvent_model_param_bsol                 ? 
_refine.solvent_model_param_ksol                 ? 
_refine.pdbx_R_complete                          ? 
_refine.ls_R_factor_gt                           ? 
_refine.ls_goodness_of_fit_gt                    ? 
_refine.ls_goodness_of_fit_ref                   ? 
_refine.ls_shift_over_su_max                     ? 
_refine.ls_shift_over_su_max_lt                  ? 
_refine.ls_shift_over_su_mean                    ? 
_refine.ls_shift_over_su_mean_lt                 ? 
_refine.pdbx_ls_sigma_I                          ? 
_refine.pdbx_ls_sigma_F                          ? 
_refine.pdbx_ls_sigma_Fsqd                       ? 
_refine.pdbx_data_cutoff_high_absF               ? 
_refine.pdbx_data_cutoff_high_rms_absF           ? 
_refine.pdbx_data_cutoff_low_absF                ? 
_refine.pdbx_isotropic_thermal_model             ? 
_refine.pdbx_ls_cross_valid_method               THROUGHOUT 
_refine.pdbx_method_to_determine_struct          'MOLECULAR REPLACEMENT' 
_refine.pdbx_starting_model                      ? 
_refine.pdbx_stereochemistry_target_values       'MAXIMUM LIKELIHOOD' 
_refine.pdbx_R_Free_selection_details            RANDOM 
_refine.pdbx_stereochem_target_val_spec_case     ? 
_refine.pdbx_overall_ESU_R                       0.092 
_refine.pdbx_overall_ESU_R_Free                  0.094 
_refine.pdbx_solvent_vdw_probe_radii             1.20 
_refine.pdbx_solvent_ion_probe_radii             0.80 
_refine.pdbx_solvent_shrinkage_radii             0.80 
_refine.pdbx_real_space_R                        ? 
_refine.pdbx_density_correlation                 ? 
_refine.pdbx_pd_number_of_powder_patterns        ? 
_refine.pdbx_pd_number_of_points                 ? 
_refine.pdbx_pd_meas_number_of_points            ? 
_refine.pdbx_pd_proc_ls_prof_R_factor            ? 
_refine.pdbx_pd_proc_ls_prof_wR_factor           ? 
_refine.pdbx_pd_Marquardt_correlation_coeff      ? 
_refine.pdbx_pd_Fsqrd_R_factor                   ? 
_refine.pdbx_pd_ls_matrix_band_width             ? 
_refine.pdbx_overall_phase_error                 ? 
_refine.pdbx_overall_SU_R_free_Cruickshank_DPI   ? 
_refine.pdbx_overall_SU_R_free_Blow_DPI          ? 
_refine.pdbx_overall_SU_R_Blow_DPI               ? 
_refine.pdbx_TLS_residual_ADP_flag               ? 
_refine.pdbx_diffrn_id                           1 
_refine.overall_SU_B                             2.466 
_refine.overall_SU_ML                            0.072 
_refine.overall_SU_R_Cruickshank_DPI             ? 
_refine.overall_SU_R_free                        ? 
_refine.overall_FOM_free_R_set                   ? 
_refine.overall_FOM_work_R_set                   ? 
_refine.pdbx_average_fsc_overall                 ? 
_refine.pdbx_average_fsc_work                    ? 
_refine.pdbx_average_fsc_free                    ? 
# 
_refine_hist.pdbx_refine_id                   'X-RAY DIFFRACTION' 
_refine_hist.cycle_id                         1 
_refine_hist.details                          ? 
_refine_hist.d_res_high                       1.75 
_refine_hist.d_res_low                        46.03 
_refine_hist.number_atoms_solvent             49 
_refine_hist.number_atoms_total               1224 
_refine_hist.number_reflns_all                ? 
_refine_hist.number_reflns_obs                ? 
_refine_hist.number_reflns_R_free             ? 
_refine_hist.number_reflns_R_work             ? 
_refine_hist.R_factor_all                     ? 
_refine_hist.R_factor_obs                     ? 
_refine_hist.R_factor_R_free                  ? 
_refine_hist.R_factor_R_work                  ? 
_refine_hist.pdbx_number_residues_total       ? 
_refine_hist.pdbx_B_iso_mean_ligand           ? 
_refine_hist.pdbx_B_iso_mean_solvent          ? 
_refine_hist.pdbx_number_atoms_protein        1148 
_refine_hist.pdbx_number_atoms_nucleic_acid   0 
_refine_hist.pdbx_number_atoms_ligand         27 
_refine_hist.pdbx_number_atoms_lipid          ? 
_refine_hist.pdbx_number_atoms_carb           ? 
_refine_hist.pdbx_pseudo_atom_details         ? 
# 
loop_
_refine_ls_restr.pdbx_refine_id 
_refine_ls_restr.criterion 
_refine_ls_restr.dev_ideal 
_refine_ls_restr.dev_ideal_target 
_refine_ls_restr.number 
_refine_ls_restr.rejects 
_refine_ls_restr.type 
_refine_ls_restr.weight 
_refine_ls_restr.pdbx_restraint_function 
'X-RAY DIFFRACTION' ? 0.012  0.013  1204 ? r_bond_refined_d             ? ? 
'X-RAY DIFFRACTION' ? 0.002  0.017  994  ? r_bond_other_d               ? ? 
'X-RAY DIFFRACTION' ? 1.774  1.660  1638 ? r_angle_refined_deg          ? ? 
'X-RAY DIFFRACTION' ? 1.554  1.585  2308 ? r_angle_other_deg            ? ? 
'X-RAY DIFFRACTION' ? 5.382  5.000  135  ? r_dihedral_angle_1_deg       ? ? 
'X-RAY DIFFRACTION' ? 32.888 24.500 80   ? r_dihedral_angle_2_deg       ? ? 
'X-RAY DIFFRACTION' ? 15.125 15.000 176  ? r_dihedral_angle_3_deg       ? ? 
'X-RAY DIFFRACTION' ? 6.455  15.000 4    ? r_dihedral_angle_4_deg       ? ? 
'X-RAY DIFFRACTION' ? 0.114  0.200  134  ? r_chiral_restr               ? ? 
'X-RAY DIFFRACTION' ? 0.011  0.020  1381 ? r_gen_planes_refined         ? ? 
'X-RAY DIFFRACTION' ? 0.001  0.020  271  ? r_gen_planes_other           ? ? 
'X-RAY DIFFRACTION' ? ?      ?      ?    ? r_nbd_refined                ? ? 
'X-RAY DIFFRACTION' ? ?      ?      ?    ? r_nbd_other                  ? ? 
'X-RAY DIFFRACTION' ? ?      ?      ?    ? r_nbtor_refined              ? ? 
'X-RAY DIFFRACTION' ? ?      ?      ?    ? r_nbtor_other                ? ? 
'X-RAY DIFFRACTION' ? ?      ?      ?    ? r_xyhbond_nbd_refined        ? ? 
'X-RAY DIFFRACTION' ? ?      ?      ?    ? r_xyhbond_nbd_other          ? ? 
'X-RAY DIFFRACTION' ? ?      ?      ?    ? r_metal_ion_refined          ? ? 
'X-RAY DIFFRACTION' ? ?      ?      ?    ? r_metal_ion_other            ? ? 
'X-RAY DIFFRACTION' ? ?      ?      ?    ? r_symmetry_vdw_refined       ? ? 
'X-RAY DIFFRACTION' ? ?      ?      ?    ? r_symmetry_vdw_other         ? ? 
'X-RAY DIFFRACTION' ? ?      ?      ?    ? r_symmetry_hbond_refined     ? ? 
'X-RAY DIFFRACTION' ? ?      ?      ?    ? r_symmetry_hbond_other       ? ? 
'X-RAY DIFFRACTION' ? ?      ?      ?    ? r_symmetry_metal_ion_refined ? ? 
'X-RAY DIFFRACTION' ? ?      ?      ?    ? r_symmetry_metal_ion_other   ? ? 
'X-RAY DIFFRACTION' ? 3.263  3.730  544  ? r_mcbond_it                  ? ? 
'X-RAY DIFFRACTION' ? 3.260  3.728  542  ? r_mcbond_other               ? ? 
'X-RAY DIFFRACTION' ? 4.090  5.566  677  ? r_mcangle_it                 ? ? 
'X-RAY DIFFRACTION' ? 4.089  5.569  678  ? r_mcangle_other              ? ? 
'X-RAY DIFFRACTION' ? 5.329  4.386  660  ? r_scbond_it                  ? ? 
'X-RAY DIFFRACTION' ? 5.325  4.389  661  ? r_scbond_other               ? ? 
'X-RAY DIFFRACTION' ? ?      ?      ?    ? r_scangle_it                 ? ? 
'X-RAY DIFFRACTION' ? 7.917  6.346  962  ? r_scangle_other              ? ? 
'X-RAY DIFFRACTION' ? 8.548  42.155 1451 ? r_long_range_B_refined       ? ? 
'X-RAY DIFFRACTION' ? 8.546  42.186 1452 ? r_long_range_B_other         ? ? 
'X-RAY DIFFRACTION' ? ?      ?      ?    ? r_rigid_bond_restr           ? ? 
'X-RAY DIFFRACTION' ? ?      ?      ?    ? r_sphericity_free            ? ? 
'X-RAY DIFFRACTION' ? ?      ?      ?    ? r_sphericity_bonded          ? ? 
# 
_refine_ls_shell.pdbx_refine_id                   'X-RAY DIFFRACTION' 
_refine_ls_shell.d_res_high                       1.750 
_refine_ls_shell.d_res_low                        1.795 
_refine_ls_shell.number_reflns_all                ? 
_refine_ls_shell.number_reflns_obs                ? 
_refine_ls_shell.number_reflns_R_free             60 
_refine_ls_shell.number_reflns_R_work             1400 
_refine_ls_shell.percent_reflns_obs               99.46 
_refine_ls_shell.percent_reflns_R_free            ? 
_refine_ls_shell.R_factor_all                     ? 
_refine_ls_shell.R_factor_obs                     ? 
_refine_ls_shell.R_factor_R_free_error            ? 
_refine_ls_shell.R_factor_R_work                  0.335 
_refine_ls_shell.redundancy_reflns_all            ? 
_refine_ls_shell.redundancy_reflns_obs            ? 
_refine_ls_shell.wR_factor_all                    ? 
_refine_ls_shell.wR_factor_obs                    ? 
_refine_ls_shell.wR_factor_R_free                 ? 
_refine_ls_shell.wR_factor_R_work                 ? 
_refine_ls_shell.pdbx_R_complete                  ? 
_refine_ls_shell.pdbx_total_number_of_bins_used   20 
_refine_ls_shell.pdbx_phase_error                 ? 
_refine_ls_shell.pdbx_fsc_work                    ? 
_refine_ls_shell.pdbx_fsc_free                    ? 
_refine_ls_shell.R_factor_R_free                  0.363 
# 
_struct.entry_id                     8CH0 
_struct.title                        'Crystal structure of an 8-repeat consensus TPR superhelix with Gadolinium.' 
_struct.pdbx_model_details           ? 
_struct.pdbx_formula_weight          ? 
_struct.pdbx_formula_weight_method   ? 
_struct.pdbx_model_type_details      ? 
_struct.pdbx_CASP_flag               N 
# 
_struct_keywords.entry_id        8CH0 
_struct_keywords.text            'CTPR, polymorphism, metal coordination, DE NOVO PROTEIN' 
_struct_keywords.pdbx_keywords   'DE NOVO PROTEIN' 
# 
loop_
_struct_asym.id 
_struct_asym.pdbx_blank_PDB_chainid_flag 
_struct_asym.pdbx_modified 
_struct_asym.entity_id 
_struct_asym.details 
A N N 1 ? 
B N N 2 ? 
C N N 2 ? 
D N N 2 ? 
E N N 3 ? 
F N N 4 ? 
G N N 4 ? 
H N N 5 ? 
# 
_struct_ref.id                         1 
_struct_ref.db_name                    PDB 
_struct_ref.db_code                    8CH0 
_struct_ref.pdbx_db_accession          8CH0 
_struct_ref.pdbx_db_isoform            ? 
_struct_ref.entity_id                  1 
_struct_ref.pdbx_seq_one_letter_code   ? 
_struct_ref.pdbx_align_begin           1 
# 
_struct_ref_seq.align_id                      1 
_struct_ref_seq.ref_id                        1 
_struct_ref_seq.pdbx_PDB_id_code              8CH0 
_struct_ref_seq.pdbx_strand_id                A 
_struct_ref_seq.seq_align_beg                 1 
_struct_ref_seq.pdbx_seq_align_beg_ins_code   ? 
_struct_ref_seq.seq_align_end                 141 
_struct_ref_seq.pdbx_seq_align_end_ins_code   ? 
_struct_ref_seq.pdbx_db_accession             8CH0 
_struct_ref_seq.db_align_beg                  -4 
_struct_ref_seq.pdbx_db_align_beg_ins_code    ? 
_struct_ref_seq.db_align_end                  136 
_struct_ref_seq.pdbx_db_align_end_ins_code    ? 
_struct_ref_seq.pdbx_auth_seq_align_beg       -4 
_struct_ref_seq.pdbx_auth_seq_align_end       136 
# 
_pdbx_struct_assembly.id                   1 
_pdbx_struct_assembly.details              author_defined_assembly 
_pdbx_struct_assembly.method_details       ? 
_pdbx_struct_assembly.oligomeric_details   monomeric 
_pdbx_struct_assembly.oligomeric_count     1 
# 
loop_
_pdbx_struct_assembly_prop.biol_id 
_pdbx_struct_assembly_prop.type 
_pdbx_struct_assembly_prop.value 
_pdbx_struct_assembly_prop.details 
1 'ABSA (A^2)' 1390 ? 
1 MORE         -33  ? 
1 'SSA (A^2)'  7910 ? 
# 
_pdbx_struct_assembly_gen.assembly_id       1 
_pdbx_struct_assembly_gen.oper_expression   1 
_pdbx_struct_assembly_gen.asym_id_list      A,B,C,D,E,F,G,H 
# 
_pdbx_struct_assembly_auth_evidence.id                     1 
_pdbx_struct_assembly_auth_evidence.assembly_id            1 
_pdbx_struct_assembly_auth_evidence.experimental_support   'gel filtration' 
_pdbx_struct_assembly_auth_evidence.details                ? 
# 
_pdbx_struct_oper_list.id                   1 
_pdbx_struct_oper_list.type                 'identity operation' 
_pdbx_struct_oper_list.name                 1_555 
_pdbx_struct_oper_list.symmetry_operation   x,y,z 
_pdbx_struct_oper_list.matrix[1][1]         1.0000000000 
_pdbx_struct_oper_list.matrix[1][2]         0.0000000000 
_pdbx_struct_oper_list.matrix[1][3]         0.0000000000 
_pdbx_struct_oper_list.vector[1]            0.0000000000 
_pdbx_struct_oper_list.matrix[2][1]         0.0000000000 
_pdbx_struct_oper_list.matrix[2][2]         1.0000000000 
_pdbx_struct_oper_list.matrix[2][3]         0.0000000000 
_pdbx_struct_oper_list.vector[2]            0.0000000000 
_pdbx_struct_oper_list.matrix[3][1]         0.0000000000 
_pdbx_struct_oper_list.matrix[3][2]         0.0000000000 
_pdbx_struct_oper_list.matrix[3][3]         1.0000000000 
_pdbx_struct_oper_list.vector[3]            0.0000000000 
# 
loop_
_struct_conf.conf_type_id 
_struct_conf.id 
_struct_conf.pdbx_PDB_helix_id 
_struct_conf.beg_label_comp_id 
_struct_conf.beg_label_asym_id 
_struct_conf.beg_label_seq_id 
_struct_conf.pdbx_beg_PDB_ins_code 
_struct_conf.end_label_comp_id 
_struct_conf.end_label_asym_id 
_struct_conf.end_label_seq_id 
_struct_conf.pdbx_end_PDB_ins_code 
_struct_conf.beg_auth_comp_id 
_struct_conf.beg_auth_asym_id 
_struct_conf.beg_auth_seq_id 
_struct_conf.end_auth_comp_id 
_struct_conf.end_auth_asym_id 
_struct_conf.end_auth_seq_id 
_struct_conf.pdbx_PDB_helix_class 
_struct_conf.details 
_struct_conf.pdbx_PDB_helix_length 
HELX_P HELX_P1 AA1 ALA A 6   ? GLN A 19  ? ALA A 1   GLN A 14  1 ? 14 
HELX_P HELX_P2 AA2 ASP A 21  ? ASP A 36  ? ASP A 16  ASP A 31  1 ? 16 
HELX_P HELX_P3 AA3 SER A 39  ? GLY A 54  ? SER A 34  GLY A 49  1 ? 16 
HELX_P HELX_P4 AA4 ASP A 55  ? ASP A 70  ? ASP A 50  ASP A 65  1 ? 16 
HELX_P HELX_P5 AA5 SER A 73  ? GLN A 87  ? SER A 68  GLN A 82  1 ? 15 
HELX_P HELX_P6 AA6 ASP A 89  ? ASP A 104 ? ASP A 84  ASP A 99  1 ? 16 
HELX_P HELX_P7 AA7 SER A 107 ? GLN A 121 ? SER A 102 GLN A 116 1 ? 15 
HELX_P HELX_P8 AA8 ASP A 123 ? ASP A 138 ? ASP A 118 ASP A 133 1 ? 16 
# 
_struct_conf_type.id          HELX_P 
_struct_conf_type.criteria    ? 
_struct_conf_type.reference   ? 
# 
loop_
_struct_conn.id 
_struct_conn.conn_type_id 
_struct_conn.pdbx_leaving_atom_flag 
_struct_conn.pdbx_PDB_id 
_struct_conn.ptnr1_label_asym_id 
_struct_conn.ptnr1_label_comp_id 
_struct_conn.ptnr1_label_seq_id 
_struct_conn.ptnr1_label_atom_id 
_struct_conn.pdbx_ptnr1_label_alt_id 
_struct_conn.pdbx_ptnr1_PDB_ins_code 
_struct_conn.pdbx_ptnr1_standard_comp_id 
_struct_conn.ptnr1_symmetry 
_struct_conn.ptnr2_label_asym_id 
_struct_conn.ptnr2_label_comp_id 
_struct_conn.ptnr2_label_seq_id 
_struct_conn.ptnr2_label_atom_id 
_struct_conn.pdbx_ptnr2_label_alt_id 
_struct_conn.pdbx_ptnr2_PDB_ins_code 
_struct_conn.ptnr1_auth_asym_id 
_struct_conn.ptnr1_auth_comp_id 
_struct_conn.ptnr1_auth_seq_id 
_struct_conn.ptnr2_auth_asym_id 
_struct_conn.ptnr2_auth_comp_id 
_struct_conn.ptnr2_auth_seq_id 
_struct_conn.ptnr2_symmetry 
_struct_conn.pdbx_ptnr3_label_atom_id 
_struct_conn.pdbx_ptnr3_label_seq_id 
_struct_conn.pdbx_ptnr3_label_comp_id 
_struct_conn.pdbx_ptnr3_label_asym_id 
_struct_conn.pdbx_ptnr3_label_alt_id 
_struct_conn.pdbx_ptnr3_PDB_ins_code 
_struct_conn.details 
_struct_conn.pdbx_dist_value 
_struct_conn.pdbx_value_order 
_struct_conn.pdbx_role 
metalc1  metalc ? ? A ASP 23  OD1 ? ? ? 1_555 B GD  . GD ? ? A ASP 18  A GD  201 1_555 ? ? ? ? ? ? ? 2.649 ? ? 
metalc2  metalc ? ? A ASP 23  OD2 ? ? ? 1_555 B GD  . GD ? ? A ASP 18  A GD  201 1_555 ? ? ? ? ? ? ? 2.495 ? ? 
metalc3  metalc ? ? A GLU 24  OE1 ? ? ? 1_555 B GD  . GD ? ? A GLU 19  A GD  201 1_555 ? ? ? ? ? ? ? 2.512 ? ? 
metalc4  metalc ? ? A GLU 24  OE2 ? ? ? 1_555 B GD  . GD ? ? A GLU 19  A GD  201 1_555 ? ? ? ? ? ? ? 2.632 ? ? 
metalc5  metalc ? ? A ASP 55  OD1 ? ? ? 1_555 C GD  . GD ? ? A ASP 50  A GD  202 1_555 ? ? ? ? ? ? ? 2.451 ? ? 
metalc6  metalc ? ? A ASP 55  OD2 ? ? ? 1_555 C GD  . GD ? ? A ASP 50  A GD  202 1_555 ? ? ? ? ? ? ? 2.552 ? ? 
metalc7  metalc ? ? A ASP 57  OD1 ? ? ? 1_555 D GD  . GD ? ? A ASP 52  A GD  203 1_555 ? ? ? ? ? ? ? 2.564 ? ? 
metalc8  metalc ? ? A ASP 57  OD2 ? ? ? 1_555 D GD  . GD ? ? A ASP 52  A GD  203 1_555 ? ? ? ? ? ? ? 2.498 ? ? 
metalc9  metalc ? ? A GLU 58  OE1 ? ? ? 1_555 D GD  . GD ? ? A GLU 53  A GD  203 1_555 ? ? ? ? ? ? ? 2.533 ? ? 
metalc10 metalc ? ? A GLU 58  OE2 ? ? ? 1_555 D GD  . GD ? ? A GLU 53  A GD  203 1_555 ? ? ? ? ? ? ? 2.446 ? ? 
metalc11 metalc ? ? A ASP 123 OD1 ? ? ? 1_555 C GD  . GD ? ? A ASP 118 A GD  202 3_445 ? ? ? ? ? ? ? 2.506 ? ? 
metalc12 metalc ? ? A ASP 123 OD2 ? ? ? 1_555 C GD  . GD ? ? A ASP 118 A GD  202 3_445 ? ? ? ? ? ? ? 2.492 ? ? 
metalc13 metalc ? ? A ASP 125 OD1 ? ? ? 1_555 D GD  . GD ? ? A ASP 120 A GD  203 3_445 ? ? ? ? ? ? ? 2.453 ? ? 
metalc14 metalc ? ? A ASP 125 OD2 ? ? ? 1_555 D GD  . GD ? ? A ASP 120 A GD  203 3_445 ? ? ? ? ? ? ? 2.463 ? ? 
metalc15 metalc ? ? A GLU 126 OE1 ? ? ? 1_555 C GD  . GD ? ? A GLU 121 A GD  202 3_445 ? ? ? ? ? ? ? 2.499 ? ? 
metalc16 metalc ? ? A GLU 126 OE2 ? ? ? 1_555 C GD  . GD ? ? A GLU 121 A GD  202 3_445 ? ? ? ? ? ? ? 2.416 ? ? 
metalc17 metalc ? ? A GLU 129 OE2 ? ? ? 1_555 D GD  . GD ? ? A GLU 124 A GD  203 3_445 ? ? ? ? ? ? ? 2.242 ? ? 
metalc18 metalc ? ? B GD  .   GD  ? ? ? 1_555 H HOH . O  ? ? A GD  201 A HOH 320 1_555 ? ? ? ? ? ? ? 2.311 ? ? 
metalc19 metalc ? ? B GD  .   GD  ? ? ? 1_555 H HOH . O  ? ? A GD  201 A HOH 334 1_555 ? ? ? ? ? ? ? 2.217 ? ? 
metalc20 metalc ? ? B GD  .   GD  ? ? ? 1_555 H HOH . O  ? ? A GD  201 A HOH 335 1_555 ? ? ? ? ? ? ? 2.314 ? ? 
metalc21 metalc ? ? C GD  .   GD  ? ? ? 1_555 H HOH . O  ? ? A GD  202 A HOH 324 3_455 ? ? ? ? ? ? ? 2.347 ? ? 
metalc22 metalc ? ? C GD  .   GD  ? ? ? 1_555 H HOH . O  ? ? A GD  202 A HOH 326 1_555 ? ? ? ? ? ? ? 2.374 ? ? 
metalc23 metalc ? ? C GD  .   GD  ? ? ? 1_555 H HOH . O  ? ? A GD  202 A HOH 340 3_455 ? ? ? ? ? ? ? 2.414 ? ? 
metalc24 metalc ? ? D GD  .   GD  ? ? ? 1_555 H HOH . O  ? ? A GD  203 A HOH 307 1_555 ? ? ? ? ? ? ? 2.427 ? ? 
metalc25 metalc ? ? D GD  .   GD  ? ? ? 1_555 H HOH . O  ? ? A GD  203 A HOH 333 1_555 ? ? ? ? ? ? ? 2.421 ? ? 
# 
_struct_conn_type.id          metalc 
_struct_conn_type.criteria    ? 
_struct_conn_type.reference   ? 
# 
loop_
_pdbx_struct_conn_angle.id 
_pdbx_struct_conn_angle.ptnr1_label_atom_id 
_pdbx_struct_conn_angle.ptnr1_label_alt_id 
_pdbx_struct_conn_angle.ptnr1_label_asym_id 
_pdbx_struct_conn_angle.ptnr1_label_comp_id 
_pdbx_struct_conn_angle.ptnr1_label_seq_id 
_pdbx_struct_conn_angle.ptnr1_auth_atom_id 
_pdbx_struct_conn_angle.ptnr1_auth_asym_id 
_pdbx_struct_conn_angle.ptnr1_auth_comp_id 
_pdbx_struct_conn_angle.ptnr1_auth_seq_id 
_pdbx_struct_conn_angle.ptnr1_PDB_ins_code 
_pdbx_struct_conn_angle.ptnr1_symmetry 
_pdbx_struct_conn_angle.ptnr2_label_atom_id 
_pdbx_struct_conn_angle.ptnr2_label_alt_id 
_pdbx_struct_conn_angle.ptnr2_label_asym_id 
_pdbx_struct_conn_angle.ptnr2_label_comp_id 
_pdbx_struct_conn_angle.ptnr2_label_seq_id 
_pdbx_struct_conn_angle.ptnr2_auth_atom_id 
_pdbx_struct_conn_angle.ptnr2_auth_asym_id 
_pdbx_struct_conn_angle.ptnr2_auth_comp_id 
_pdbx_struct_conn_angle.ptnr2_auth_seq_id 
_pdbx_struct_conn_angle.ptnr2_PDB_ins_code 
_pdbx_struct_conn_angle.ptnr2_symmetry 
_pdbx_struct_conn_angle.ptnr3_label_atom_id 
_pdbx_struct_conn_angle.ptnr3_label_alt_id 
_pdbx_struct_conn_angle.ptnr3_label_asym_id 
_pdbx_struct_conn_angle.ptnr3_label_comp_id 
_pdbx_struct_conn_angle.ptnr3_label_seq_id 
_pdbx_struct_conn_angle.ptnr3_auth_atom_id 
_pdbx_struct_conn_angle.ptnr3_auth_asym_id 
_pdbx_struct_conn_angle.ptnr3_auth_comp_id 
_pdbx_struct_conn_angle.ptnr3_auth_seq_id 
_pdbx_struct_conn_angle.ptnr3_PDB_ins_code 
_pdbx_struct_conn_angle.ptnr3_symmetry 
_pdbx_struct_conn_angle.value 
_pdbx_struct_conn_angle.value_esd 
1  OD1 ? A ASP 23  ? A ASP 18  ? 1_555 GD ? B GD . ? A GD 201 ? 1_555 OD2 ? A ASP 23  ? A ASP 18  ? 1_555 52.7  ? 
2  OD1 ? A ASP 23  ? A ASP 18  ? 1_555 GD ? B GD . ? A GD 201 ? 1_555 OE1 ? A GLU 24  ? A GLU 19  ? 1_555 74.5  ? 
3  OD2 ? A ASP 23  ? A ASP 18  ? 1_555 GD ? B GD . ? A GD 201 ? 1_555 OE1 ? A GLU 24  ? A GLU 19  ? 1_555 82.0  ? 
4  OD1 ? A ASP 23  ? A ASP 18  ? 1_555 GD ? B GD . ? A GD 201 ? 1_555 OE2 ? A GLU 24  ? A GLU 19  ? 1_555 109.0 ? 
5  OD2 ? A ASP 23  ? A ASP 18  ? 1_555 GD ? B GD . ? A GD 201 ? 1_555 OE2 ? A GLU 24  ? A GLU 19  ? 1_555 74.8  ? 
6  OE1 ? A GLU 24  ? A GLU 19  ? 1_555 GD ? B GD . ? A GD 201 ? 1_555 OE2 ? A GLU 24  ? A GLU 19  ? 1_555 52.0  ? 
7  OD1 ? A ASP 23  ? A ASP 18  ? 1_555 GD ? B GD . ? A GD 201 ? 1_555 O   ? H HOH .   ? A HOH 320 ? 1_555 146.0 ? 
8  OD2 ? A ASP 23  ? A ASP 18  ? 1_555 GD ? B GD . ? A GD 201 ? 1_555 O   ? H HOH .   ? A HOH 320 ? 1_555 140.7 ? 
9  OE1 ? A GLU 24  ? A GLU 19  ? 1_555 GD ? B GD . ? A GD 201 ? 1_555 O   ? H HOH .   ? A HOH 320 ? 1_555 77.6  ? 
10 OE2 ? A GLU 24  ? A GLU 19  ? 1_555 GD ? B GD . ? A GD 201 ? 1_555 O   ? H HOH .   ? A HOH 320 ? 1_555 66.1  ? 
11 OD1 ? A ASP 23  ? A ASP 18  ? 1_555 GD ? B GD . ? A GD 201 ? 1_555 O   ? H HOH .   ? A HOH 334 ? 1_555 71.8  ? 
12 OD2 ? A ASP 23  ? A ASP 18  ? 1_555 GD ? B GD . ? A GD 201 ? 1_555 O   ? H HOH .   ? A HOH 334 ? 1_555 86.3  ? 
13 OE1 ? A GLU 24  ? A GLU 19  ? 1_555 GD ? B GD . ? A GD 201 ? 1_555 O   ? H HOH .   ? A HOH 334 ? 1_555 144.4 ? 
14 OE2 ? A GLU 24  ? A GLU 19  ? 1_555 GD ? B GD . ? A GD 201 ? 1_555 O   ? H HOH .   ? A HOH 334 ? 1_555 153.3 ? 
15 O   ? H HOH .   ? A HOH 320 ? 1_555 GD ? B GD . ? A GD 201 ? 1_555 O   ? H HOH .   ? A HOH 334 ? 1_555 128.4 ? 
16 OD1 ? A ASP 23  ? A ASP 18  ? 1_555 GD ? B GD . ? A GD 201 ? 1_555 O   ? H HOH .   ? A HOH 335 ? 1_555 70.6  ? 
17 OD2 ? A ASP 23  ? A ASP 18  ? 1_555 GD ? B GD . ? A GD 201 ? 1_555 O   ? H HOH .   ? A HOH 335 ? 1_555 122.2 ? 
18 OE1 ? A GLU 24  ? A GLU 19  ? 1_555 GD ? B GD . ? A GD 201 ? 1_555 O   ? H HOH .   ? A HOH 335 ? 1_555 93.9  ? 
19 OE2 ? A GLU 24  ? A GLU 19  ? 1_555 GD ? B GD . ? A GD 201 ? 1_555 O   ? H HOH .   ? A HOH 335 ? 1_555 141.8 ? 
20 O   ? H HOH .   ? A HOH 320 ? 1_555 GD ? B GD . ? A GD 201 ? 1_555 O   ? H HOH .   ? A HOH 335 ? 1_555 92.6  ? 
21 O   ? H HOH .   ? A HOH 334 ? 1_555 GD ? B GD . ? A GD 201 ? 1_555 O   ? H HOH .   ? A HOH 335 ? 1_555 64.6  ? 
22 OD1 ? A ASP 55  ? A ASP 50  ? 1_555 GD ? C GD . ? A GD 202 ? 1_555 OD2 ? A ASP 55  ? A ASP 50  ? 1_555 52.9  ? 
23 OD1 ? A ASP 55  ? A ASP 50  ? 1_555 GD ? C GD . ? A GD 202 ? 1_555 OD1 ? A ASP 123 ? A ASP 118 ? 1_555 46.4  ? 
24 OD2 ? A ASP 55  ? A ASP 50  ? 1_555 GD ? C GD . ? A GD 202 ? 1_555 OD1 ? A ASP 123 ? A ASP 118 ? 1_555 66.4  ? 
25 OD1 ? A ASP 55  ? A ASP 50  ? 1_555 GD ? C GD . ? A GD 202 ? 1_555 OD2 ? A ASP 123 ? A ASP 118 ? 1_555 43.2  ? 
26 OD2 ? A ASP 55  ? A ASP 50  ? 1_555 GD ? C GD . ? A GD 202 ? 1_555 OD2 ? A ASP 123 ? A ASP 118 ? 1_555 64.3  ? 
27 OD1 ? A ASP 123 ? A ASP 118 ? 1_555 GD ? C GD . ? A GD 202 ? 1_555 OD2 ? A ASP 123 ? A ASP 118 ? 1_555 3.3   ? 
28 OD1 ? A ASP 55  ? A ASP 50  ? 1_555 GD ? C GD . ? A GD 202 ? 1_555 OE1 ? A GLU 126 ? A GLU 121 ? 1_555 45.1  ? 
29 OD2 ? A ASP 55  ? A ASP 50  ? 1_555 GD ? C GD . ? A GD 202 ? 1_555 OE1 ? A GLU 126 ? A GLU 121 ? 1_555 61.8  ? 
30 OD1 ? A ASP 123 ? A ASP 118 ? 1_555 GD ? C GD . ? A GD 202 ? 1_555 OE1 ? A GLU 126 ? A GLU 121 ? 1_555 4.7   ? 
31 OD2 ? A ASP 123 ? A ASP 118 ? 1_555 GD ? C GD . ? A GD 202 ? 1_555 OE1 ? A GLU 126 ? A GLU 121 ? 1_555 4.3   ? 
32 OD1 ? A ASP 55  ? A ASP 50  ? 1_555 GD ? C GD . ? A GD 202 ? 1_555 OE2 ? A GLU 126 ? A GLU 121 ? 1_555 41.4  ? 
33 OD2 ? A ASP 55  ? A ASP 50  ? 1_555 GD ? C GD . ? A GD 202 ? 1_555 OE2 ? A GLU 126 ? A GLU 121 ? 1_555 60.2  ? 
34 OD1 ? A ASP 123 ? A ASP 118 ? 1_555 GD ? C GD . ? A GD 202 ? 1_555 OE2 ? A GLU 126 ? A GLU 121 ? 1_555 6.7   ? 
35 OD2 ? A ASP 123 ? A ASP 118 ? 1_555 GD ? C GD . ? A GD 202 ? 1_555 OE2 ? A GLU 126 ? A GLU 121 ? 1_555 4.1   ? 
36 OE1 ? A GLU 126 ? A GLU 121 ? 1_555 GD ? C GD . ? A GD 202 ? 1_555 OE2 ? A GLU 126 ? A GLU 121 ? 1_555 3.7   ? 
37 OD1 ? A ASP 55  ? A ASP 50  ? 1_555 GD ? C GD . ? A GD 202 ? 1_555 O   ? H HOH .   ? A HOH 324 ? 3_455 78.3  ? 
38 OD2 ? A ASP 55  ? A ASP 50  ? 1_555 GD ? C GD . ? A GD 202 ? 1_555 O   ? H HOH .   ? A HOH 324 ? 3_455 71.8  ? 
39 OD1 ? A ASP 123 ? A ASP 118 ? 1_555 GD ? C GD . ? A GD 202 ? 1_555 O   ? H HOH .   ? A HOH 324 ? 3_455 123.5 ? 
40 OD2 ? A ASP 123 ? A ASP 118 ? 1_555 GD ? C GD . ? A GD 202 ? 1_555 O   ? H HOH .   ? A HOH 324 ? 3_455 120.2 ? 
41 OE1 ? A GLU 126 ? A GLU 121 ? 1_555 GD ? C GD . ? A GD 202 ? 1_555 O   ? H HOH .   ? A HOH 324 ? 3_455 120.8 ? 
42 OE2 ? A GLU 126 ? A GLU 121 ? 1_555 GD ? C GD . ? A GD 202 ? 1_555 O   ? H HOH .   ? A HOH 324 ? 3_455 117.4 ? 
43 OD1 ? A ASP 55  ? A ASP 50  ? 1_555 GD ? C GD . ? A GD 202 ? 1_555 O   ? H HOH .   ? A HOH 326 ? 1_555 95.2  ? 
44 OD2 ? A ASP 55  ? A ASP 50  ? 1_555 GD ? C GD . ? A GD 202 ? 1_555 O   ? H HOH .   ? A HOH 326 ? 1_555 76.5  ? 
45 OD1 ? A ASP 123 ? A ASP 118 ? 1_555 GD ? C GD . ? A GD 202 ? 1_555 O   ? H HOH .   ? A HOH 326 ? 1_555 53.0  ? 
46 OD2 ? A ASP 123 ? A ASP 118 ? 1_555 GD ? C GD . ? A GD 202 ? 1_555 O   ? H HOH .   ? A HOH 326 ? 1_555 55.6  ? 
47 OE1 ? A GLU 126 ? A GLU 121 ? 1_555 GD ? C GD . ? A GD 202 ? 1_555 O   ? H HOH .   ? A HOH 326 ? 1_555 52.3  ? 
48 OE2 ? A GLU 126 ? A GLU 121 ? 1_555 GD ? C GD . ? A GD 202 ? 1_555 O   ? H HOH .   ? A HOH 326 ? 1_555 55.7  ? 
49 O   ? H HOH .   ? A HOH 324 ? 3_455 GD ? C GD . ? A GD 202 ? 1_555 O   ? H HOH .   ? A HOH 326 ? 1_555 144.5 ? 
50 OD1 ? A ASP 55  ? A ASP 50  ? 1_555 GD ? C GD . ? A GD 202 ? 1_555 O   ? H HOH .   ? A HOH 340 ? 3_455 130.5 ? 
51 OD2 ? A ASP 55  ? A ASP 50  ? 1_555 GD ? C GD . ? A GD 202 ? 1_555 O   ? H HOH .   ? A HOH 340 ? 3_455 78.0  ? 
52 OD1 ? A ASP 123 ? A ASP 118 ? 1_555 GD ? C GD . ? A GD 202 ? 1_555 O   ? H HOH .   ? A HOH 340 ? 3_455 122.8 ? 
53 OD2 ? A ASP 123 ? A ASP 118 ? 1_555 GD ? C GD . ? A GD 202 ? 1_555 O   ? H HOH .   ? A HOH 340 ? 3_455 123.7 ? 
54 OE1 ? A GLU 126 ? A GLU 121 ? 1_555 GD ? C GD . ? A GD 202 ? 1_555 O   ? H HOH .   ? A HOH 340 ? 3_455 119.4 ? 
55 OE2 ? A GLU 126 ? A GLU 121 ? 1_555 GD ? C GD . ? A GD 202 ? 1_555 O   ? H HOH .   ? A HOH 340 ? 3_455 121.1 ? 
56 O   ? H HOH .   ? A HOH 324 ? 3_455 GD ? C GD . ? A GD 202 ? 1_555 O   ? H HOH .   ? A HOH 340 ? 3_455 81.4  ? 
57 O   ? H HOH .   ? A HOH 326 ? 1_555 GD ? C GD . ? A GD 202 ? 1_555 O   ? H HOH .   ? A HOH 340 ? 3_455 76.7  ? 
58 OD1 ? A ASP 57  ? A ASP 52  ? 1_555 GD ? D GD . ? A GD 203 ? 1_555 OD2 ? A ASP 57  ? A ASP 52  ? 1_555 52.2  ? 
59 OD1 ? A ASP 57  ? A ASP 52  ? 1_555 GD ? D GD . ? A GD 203 ? 1_555 OE1 ? A GLU 58  ? A GLU 53  ? 1_555 71.1  ? 
60 OD2 ? A ASP 57  ? A ASP 52  ? 1_555 GD ? D GD . ? A GD 203 ? 1_555 OE1 ? A GLU 58  ? A GLU 53  ? 1_555 79.1  ? 
61 OD1 ? A ASP 57  ? A ASP 52  ? 1_555 GD ? D GD . ? A GD 203 ? 1_555 OE2 ? A GLU 58  ? A GLU 53  ? 1_555 109.4 ? 
62 OD2 ? A ASP 57  ? A ASP 52  ? 1_555 GD ? D GD . ? A GD 203 ? 1_555 OE2 ? A GLU 58  ? A GLU 53  ? 1_555 76.1  ? 
63 OE1 ? A GLU 58  ? A GLU 53  ? 1_555 GD ? D GD . ? A GD 203 ? 1_555 OE2 ? A GLU 58  ? A GLU 53  ? 1_555 53.0  ? 
64 OD1 ? A ASP 57  ? A ASP 52  ? 1_555 GD ? D GD . ? A GD 203 ? 1_555 OD1 ? A ASP 125 ? A ASP 120 ? 1_555 1.7   ? 
65 OD2 ? A ASP 57  ? A ASP 52  ? 1_555 GD ? D GD . ? A GD 203 ? 1_555 OD1 ? A ASP 125 ? A ASP 120 ? 1_555 52.2  ? 
66 OE1 ? A GLU 58  ? A GLU 53  ? 1_555 GD ? D GD . ? A GD 203 ? 1_555 OD1 ? A ASP 125 ? A ASP 120 ? 1_555 72.8  ? 
67 OE2 ? A GLU 58  ? A GLU 53  ? 1_555 GD ? D GD . ? A GD 203 ? 1_555 OD1 ? A ASP 125 ? A ASP 120 ? 1_555 110.7 ? 
68 OD1 ? A ASP 57  ? A ASP 52  ? 1_555 GD ? D GD . ? A GD 203 ? 1_555 OD2 ? A ASP 125 ? A ASP 120 ? 1_555 4.8   ? 
69 OD2 ? A ASP 57  ? A ASP 52  ? 1_555 GD ? D GD . ? A GD 203 ? 1_555 OD2 ? A ASP 125 ? A ASP 120 ? 1_555 50.5  ? 
70 OE1 ? A GLU 58  ? A GLU 53  ? 1_555 GD ? D GD . ? A GD 203 ? 1_555 OD2 ? A ASP 125 ? A ASP 120 ? 1_555 75.5  ? 
71 OE2 ? A GLU 58  ? A GLU 53  ? 1_555 GD ? D GD . ? A GD 203 ? 1_555 OD2 ? A ASP 125 ? A ASP 120 ? 1_555 111.8 ? 
72 OD1 ? A ASP 125 ? A ASP 120 ? 1_555 GD ? D GD . ? A GD 203 ? 1_555 OD2 ? A ASP 125 ? A ASP 120 ? 1_555 3.3   ? 
73 OD1 ? A ASP 57  ? A ASP 52  ? 1_555 GD ? D GD . ? A GD 203 ? 1_555 OE2 ? A GLU 129 ? A GLU 124 ? 1_555 3.5   ? 
74 OD2 ? A ASP 57  ? A ASP 52  ? 1_555 GD ? D GD . ? A GD 203 ? 1_555 OE2 ? A GLU 129 ? A GLU 124 ? 1_555 49.6  ? 
75 OE1 ? A GLU 58  ? A GLU 53  ? 1_555 GD ? D GD . ? A GD 203 ? 1_555 OE2 ? A GLU 129 ? A GLU 124 ? 1_555 68.9  ? 
76 OE2 ? A GLU 58  ? A GLU 53  ? 1_555 GD ? D GD . ? A GD 203 ? 1_555 OE2 ? A GLU 129 ? A GLU 124 ? 1_555 106.0 ? 
77 OD1 ? A ASP 125 ? A ASP 120 ? 1_555 GD ? D GD . ? A GD 203 ? 1_555 OE2 ? A GLU 129 ? A GLU 124 ? 1_555 4.7   ? 
78 OD2 ? A ASP 125 ? A ASP 120 ? 1_555 GD ? D GD . ? A GD 203 ? 1_555 OE2 ? A GLU 129 ? A GLU 124 ? 1_555 6.7   ? 
79 OD1 ? A ASP 57  ? A ASP 52  ? 1_555 GD ? D GD . ? A GD 203 ? 1_555 O   ? H HOH .   ? A HOH 307 ? 1_555 74.0  ? 
80 OD2 ? A ASP 57  ? A ASP 52  ? 1_555 GD ? D GD . ? A GD 203 ? 1_555 O   ? H HOH .   ? A HOH 307 ? 1_555 126.2 ? 
81 OE1 ? A GLU 58  ? A GLU 53  ? 1_555 GD ? D GD . ? A GD 203 ? 1_555 O   ? H HOH .   ? A HOH 307 ? 1_555 85.8  ? 
82 OE2 ? A GLU 58  ? A GLU 53  ? 1_555 GD ? D GD . ? A GD 203 ? 1_555 O   ? H HOH .   ? A HOH 307 ? 1_555 130.8 ? 
83 OD1 ? A ASP 125 ? A ASP 120 ? 1_555 GD ? D GD . ? A GD 203 ? 1_555 O   ? H HOH .   ? A HOH 307 ? 1_555 74.1  ? 
84 OD2 ? A ASP 125 ? A ASP 120 ? 1_555 GD ? D GD . ? A GD 203 ? 1_555 O   ? H HOH .   ? A HOH 307 ? 1_555 75.9  ? 
85 OE2 ? A GLU 129 ? A GLU 124 ? 1_555 GD ? D GD . ? A GD 203 ? 1_555 O   ? H HOH .   ? A HOH 307 ? 1_555 76.8  ? 
86 OD1 ? A ASP 57  ? A ASP 52  ? 1_555 GD ? D GD . ? A GD 203 ? 1_555 O   ? H HOH .   ? A HOH 333 ? 1_555 123.0 ? 
87 OD2 ? A ASP 57  ? A ASP 52  ? 1_555 GD ? D GD . ? A GD 203 ? 1_555 O   ? H HOH .   ? A HOH 333 ? 1_555 75.2  ? 
88 OE1 ? A GLU 58  ? A GLU 53  ? 1_555 GD ? D GD . ? A GD 203 ? 1_555 O   ? H HOH .   ? A HOH 333 ? 1_555 123.1 ? 
89 OE2 ? A GLU 58  ? A GLU 53  ? 1_555 GD ? D GD . ? A GD 203 ? 1_555 O   ? H HOH .   ? A HOH 333 ? 1_555 71.8  ? 
90 OD1 ? A ASP 125 ? A ASP 120 ? 1_555 GD ? D GD . ? A GD 203 ? 1_555 O   ? H HOH .   ? A HOH 333 ? 1_555 122.2 ? 
91 OD2 ? A ASP 125 ? A ASP 120 ? 1_555 GD ? D GD . ? A GD 203 ? 1_555 O   ? H HOH .   ? A HOH 333 ? 1_555 119.3 ? 
92 OE2 ? A GLU 129 ? A GLU 124 ? 1_555 GD ? D GD . ? A GD 203 ? 1_555 O   ? H HOH .   ? A HOH 333 ? 1_555 121.6 ? 
93 O   ? H HOH .   ? A HOH 307 ? 1_555 GD ? D GD . ? A GD 203 ? 1_555 O   ? H HOH .   ? A HOH 333 ? 1_555 148.9 ? 
# 
_pdbx_validate_symm_contact.id                1 
_pdbx_validate_symm_contact.PDB_model_num     1 
_pdbx_validate_symm_contact.auth_atom_id_1    N 
_pdbx_validate_symm_contact.auth_asym_id_1    A 
_pdbx_validate_symm_contact.auth_comp_id_1    ALA 
_pdbx_validate_symm_contact.auth_seq_id_1     1 
_pdbx_validate_symm_contact.PDB_ins_code_1    ? 
_pdbx_validate_symm_contact.label_alt_id_1    ? 
_pdbx_validate_symm_contact.site_symmetry_1   1_555 
_pdbx_validate_symm_contact.auth_atom_id_2    C 
_pdbx_validate_symm_contact.auth_asym_id_2    A 
_pdbx_validate_symm_contact.auth_comp_id_2    SER 
_pdbx_validate_symm_contact.auth_seq_id_2     136 
_pdbx_validate_symm_contact.PDB_ins_code_2    ? 
_pdbx_validate_symm_contact.label_alt_id_2    ? 
_pdbx_validate_symm_contact.site_symmetry_2   2_454 
_pdbx_validate_symm_contact.dist              1.83 
# 
_pdbx_entry_details.entry_id                 8CH0 
_pdbx_entry_details.has_ligand_of_interest   Y 
_pdbx_entry_details.compound_details         ? 
_pdbx_entry_details.source_details           ? 
_pdbx_entry_details.nonpolymer_details       ? 
_pdbx_entry_details.sequence_details         ? 
# 
loop_
_pdbx_unobs_or_zero_occ_residues.id 
_pdbx_unobs_or_zero_occ_residues.PDB_model_num 
_pdbx_unobs_or_zero_occ_residues.polymer_flag 
_pdbx_unobs_or_zero_occ_residues.occupancy_flag 
_pdbx_unobs_or_zero_occ_residues.auth_asym_id 
_pdbx_unobs_or_zero_occ_residues.auth_comp_id 
_pdbx_unobs_or_zero_occ_residues.auth_seq_id 
_pdbx_unobs_or_zero_occ_residues.PDB_ins_code 
_pdbx_unobs_or_zero_occ_residues.label_asym_id 
_pdbx_unobs_or_zero_occ_residues.label_comp_id 
_pdbx_unobs_or_zero_occ_residues.label_seq_id 
1 1 Y 1 A GLY -4 ? A GLY 1 
2 1 Y 1 A ALA -3 ? A ALA 2 
3 1 Y 1 A MET -2 ? A MET 3 
4 1 Y 1 A GLY -1 ? A GLY 4 
5 1 Y 1 A SER 0  ? A SER 5 
# 
loop_
_chem_comp_atom.comp_id 
_chem_comp_atom.atom_id 
_chem_comp_atom.type_symbol 
_chem_comp_atom.pdbx_aromatic_flag 
_chem_comp_atom.pdbx_stereo_config 
_chem_comp_atom.pdbx_ordinal 
ALA N    N  N N 1   
ALA CA   C  N S 2   
ALA C    C  N N 3   
ALA O    O  N N 4   
ALA CB   C  N N 5   
ALA OXT  O  N N 6   
ALA H    H  N N 7   
ALA H2   H  N N 8   
ALA HA   H  N N 9   
ALA HB1  H  N N 10  
ALA HB2  H  N N 11  
ALA HB3  H  N N 12  
ALA HXT  H  N N 13  
ARG N    N  N N 14  
ARG CA   C  N S 15  
ARG C    C  N N 16  
ARG O    O  N N 17  
ARG CB   C  N N 18  
ARG CG   C  N N 19  
ARG CD   C  N N 20  
ARG NE   N  N N 21  
ARG CZ   C  N N 22  
ARG NH1  N  N N 23  
ARG NH2  N  N N 24  
ARG OXT  O  N N 25  
ARG H    H  N N 26  
ARG H2   H  N N 27  
ARG HA   H  N N 28  
ARG HB2  H  N N 29  
ARG HB3  H  N N 30  
ARG HG2  H  N N 31  
ARG HG3  H  N N 32  
ARG HD2  H  N N 33  
ARG HD3  H  N N 34  
ARG HE   H  N N 35  
ARG HH11 H  N N 36  
ARG HH12 H  N N 37  
ARG HH21 H  N N 38  
ARG HH22 H  N N 39  
ARG HXT  H  N N 40  
ASN N    N  N N 41  
ASN CA   C  N S 42  
ASN C    C  N N 43  
ASN O    O  N N 44  
ASN CB   C  N N 45  
ASN CG   C  N N 46  
ASN OD1  O  N N 47  
ASN ND2  N  N N 48  
ASN OXT  O  N N 49  
ASN H    H  N N 50  
ASN H2   H  N N 51  
ASN HA   H  N N 52  
ASN HB2  H  N N 53  
ASN HB3  H  N N 54  
ASN HD21 H  N N 55  
ASN HD22 H  N N 56  
ASN HXT  H  N N 57  
ASP N    N  N N 58  
ASP CA   C  N S 59  
ASP C    C  N N 60  
ASP O    O  N N 61  
ASP CB   C  N N 62  
ASP CG   C  N N 63  
ASP OD1  O  N N 64  
ASP OD2  O  N N 65  
ASP OXT  O  N N 66  
ASP H    H  N N 67  
ASP H2   H  N N 68  
ASP HA   H  N N 69  
ASP HB2  H  N N 70  
ASP HB3  H  N N 71  
ASP HD2  H  N N 72  
ASP HXT  H  N N 73  
GD  GD   GD N N 74  
GLN N    N  N N 75  
GLN CA   C  N S 76  
GLN C    C  N N 77  
GLN O    O  N N 78  
GLN CB   C  N N 79  
GLN CG   C  N N 80  
GLN CD   C  N N 81  
GLN OE1  O  N N 82  
GLN NE2  N  N N 83  
GLN OXT  O  N N 84  
GLN H    H  N N 85  
GLN H2   H  N N 86  
GLN HA   H  N N 87  
GLN HB2  H  N N 88  
GLN HB3  H  N N 89  
GLN HG2  H  N N 90  
GLN HG3  H  N N 91  
GLN HE21 H  N N 92  
GLN HE22 H  N N 93  
GLN HXT  H  N N 94  
GLU N    N  N N 95  
GLU CA   C  N S 96  
GLU C    C  N N 97  
GLU O    O  N N 98  
GLU CB   C  N N 99  
GLU CG   C  N N 100 
GLU CD   C  N N 101 
GLU OE1  O  N N 102 
GLU OE2  O  N N 103 
GLU OXT  O  N N 104 
GLU H    H  N N 105 
GLU H2   H  N N 106 
GLU HA   H  N N 107 
GLU HB2  H  N N 108 
GLU HB3  H  N N 109 
GLU HG2  H  N N 110 
GLU HG3  H  N N 111 
GLU HE2  H  N N 112 
GLU HXT  H  N N 113 
GLY N    N  N N 114 
GLY CA   C  N N 115 
GLY C    C  N N 116 
GLY O    O  N N 117 
GLY OXT  O  N N 118 
GLY H    H  N N 119 
GLY H2   H  N N 120 
GLY HA2  H  N N 121 
GLY HA3  H  N N 122 
GLY HXT  H  N N 123 
HOH O    O  N N 124 
HOH H1   H  N N 125 
HOH H2   H  N N 126 
ILE N    N  N N 127 
ILE CA   C  N S 128 
ILE C    C  N N 129 
ILE O    O  N N 130 
ILE CB   C  N S 131 
ILE CG1  C  N N 132 
ILE CG2  C  N N 133 
ILE CD1  C  N N 134 
ILE OXT  O  N N 135 
ILE H    H  N N 136 
ILE H2   H  N N 137 
ILE HA   H  N N 138 
ILE HB   H  N N 139 
ILE HG12 H  N N 140 
ILE HG13 H  N N 141 
ILE HG21 H  N N 142 
ILE HG22 H  N N 143 
ILE HG23 H  N N 144 
ILE HD11 H  N N 145 
ILE HD12 H  N N 146 
ILE HD13 H  N N 147 
ILE HXT  H  N N 148 
LEU N    N  N N 149 
LEU CA   C  N S 150 
LEU C    C  N N 151 
LEU O    O  N N 152 
LEU CB   C  N N 153 
LEU CG   C  N N 154 
LEU CD1  C  N N 155 
LEU CD2  C  N N 156 
LEU OXT  O  N N 157 
LEU H    H  N N 158 
LEU H2   H  N N 159 
LEU HA   H  N N 160 
LEU HB2  H  N N 161 
LEU HB3  H  N N 162 
LEU HG   H  N N 163 
LEU HD11 H  N N 164 
LEU HD12 H  N N 165 
LEU HD13 H  N N 166 
LEU HD21 H  N N 167 
LEU HD22 H  N N 168 
LEU HD23 H  N N 169 
LEU HXT  H  N N 170 
LYS N    N  N N 171 
LYS CA   C  N S 172 
LYS C    C  N N 173 
LYS O    O  N N 174 
LYS CB   C  N N 175 
LYS CG   C  N N 176 
LYS CD   C  N N 177 
LYS CE   C  N N 178 
LYS NZ   N  N N 179 
LYS OXT  O  N N 180 
LYS H    H  N N 181 
LYS H2   H  N N 182 
LYS HA   H  N N 183 
LYS HB2  H  N N 184 
LYS HB3  H  N N 185 
LYS HG2  H  N N 186 
LYS HG3  H  N N 187 
LYS HD2  H  N N 188 
LYS HD3  H  N N 189 
LYS HE2  H  N N 190 
LYS HE3  H  N N 191 
LYS HZ1  H  N N 192 
LYS HZ2  H  N N 193 
LYS HZ3  H  N N 194 
LYS HXT  H  N N 195 
MET N    N  N N 196 
MET CA   C  N S 197 
MET C    C  N N 198 
MET O    O  N N 199 
MET CB   C  N N 200 
MET CG   C  N N 201 
MET SD   S  N N 202 
MET CE   C  N N 203 
MET OXT  O  N N 204 
MET H    H  N N 205 
MET H2   H  N N 206 
MET HA   H  N N 207 
MET HB2  H  N N 208 
MET HB3  H  N N 209 
MET HG2  H  N N 210 
MET HG3  H  N N 211 
MET HE1  H  N N 212 
MET HE2  H  N N 213 
MET HE3  H  N N 214 
MET HXT  H  N N 215 
MPD C1   C  N N 216 
MPD C2   C  N N 217 
MPD O2   O  N N 218 
MPD CM   C  N N 219 
MPD C3   C  N N 220 
MPD C4   C  N S 221 
MPD O4   O  N N 222 
MPD C5   C  N N 223 
MPD H11  H  N N 224 
MPD H12  H  N N 225 
MPD H13  H  N N 226 
MPD HO2  H  N N 227 
MPD HM1  H  N N 228 
MPD HM2  H  N N 229 
MPD HM3  H  N N 230 
MPD H31  H  N N 231 
MPD H32  H  N N 232 
MPD H4   H  N N 233 
MPD HO4  H  N N 234 
MPD H51  H  N N 235 
MPD H52  H  N N 236 
MPD H53  H  N N 237 
PRO N    N  N N 238 
PRO CA   C  N S 239 
PRO C    C  N N 240 
PRO O    O  N N 241 
PRO CB   C  N N 242 
PRO CG   C  N N 243 
PRO CD   C  N N 244 
PRO OXT  O  N N 245 
PRO H    H  N N 246 
PRO HA   H  N N 247 
PRO HB2  H  N N 248 
PRO HB3  H  N N 249 
PRO HG2  H  N N 250 
PRO HG3  H  N N 251 
PRO HD2  H  N N 252 
PRO HD3  H  N N 253 
PRO HXT  H  N N 254 
SER N    N  N N 255 
SER CA   C  N S 256 
SER C    C  N N 257 
SER O    O  N N 258 
SER CB   C  N N 259 
SER OG   O  N N 260 
SER OXT  O  N N 261 
SER H    H  N N 262 
SER H2   H  N N 263 
SER HA   H  N N 264 
SER HB2  H  N N 265 
SER HB3  H  N N 266 
SER HG   H  N N 267 
SER HXT  H  N N 268 
TRP N    N  N N 269 
TRP CA   C  N S 270 
TRP C    C  N N 271 
TRP O    O  N N 272 
TRP CB   C  N N 273 
TRP CG   C  Y N 274 
TRP CD1  C  Y N 275 
TRP CD2  C  Y N 276 
TRP NE1  N  Y N 277 
TRP CE2  C  Y N 278 
TRP CE3  C  Y N 279 
TRP CZ2  C  Y N 280 
TRP CZ3  C  Y N 281 
TRP CH2  C  Y N 282 
TRP OXT  O  N N 283 
TRP H    H  N N 284 
TRP H2   H  N N 285 
TRP HA   H  N N 286 
TRP HB2  H  N N 287 
TRP HB3  H  N N 288 
TRP HD1  H  N N 289 
TRP HE1  H  N N 290 
TRP HE3  H  N N 291 
TRP HZ2  H  N N 292 
TRP HZ3  H  N N 293 
TRP HH2  H  N N 294 
TRP HXT  H  N N 295 
TRS C    C  N N 296 
TRS C1   C  N N 297 
TRS C2   C  N N 298 
TRS C3   C  N N 299 
TRS N    N  N N 300 
TRS O1   O  N N 301 
TRS O2   O  N N 302 
TRS O3   O  N N 303 
TRS H11  H  N N 304 
TRS H12  H  N N 305 
TRS H21  H  N N 306 
TRS H22  H  N N 307 
TRS H31  H  N N 308 
TRS H32  H  N N 309 
TRS HN1  H  N N 310 
TRS HN2  H  N N 311 
TRS HN3  H  N N 312 
TRS HO1  H  N N 313 
TRS HO2  H  N N 314 
TRS HO3  H  N N 315 
TYR N    N  N N 316 
TYR CA   C  N S 317 
TYR C    C  N N 318 
TYR O    O  N N 319 
TYR CB   C  N N 320 
TYR CG   C  Y N 321 
TYR CD1  C  Y N 322 
TYR CD2  C  Y N 323 
TYR CE1  C  Y N 324 
TYR CE2  C  Y N 325 
TYR CZ   C  Y N 326 
TYR OH   O  N N 327 
TYR OXT  O  N N 328 
TYR H    H  N N 329 
TYR H2   H  N N 330 
TYR HA   H  N N 331 
TYR HB2  H  N N 332 
TYR HB3  H  N N 333 
TYR HD1  H  N N 334 
TYR HD2  H  N N 335 
TYR HE1  H  N N 336 
TYR HE2  H  N N 337 
TYR HH   H  N N 338 
TYR HXT  H  N N 339 
# 
loop_
_chem_comp_bond.comp_id 
_chem_comp_bond.atom_id_1 
_chem_comp_bond.atom_id_2 
_chem_comp_bond.value_order 
_chem_comp_bond.pdbx_aromatic_flag 
_chem_comp_bond.pdbx_stereo_config 
_chem_comp_bond.pdbx_ordinal 
ALA N   CA   sing N N 1   
ALA N   H    sing N N 2   
ALA N   H2   sing N N 3   
ALA CA  C    sing N N 4   
ALA CA  CB   sing N N 5   
ALA CA  HA   sing N N 6   
ALA C   O    doub N N 7   
ALA C   OXT  sing N N 8   
ALA CB  HB1  sing N N 9   
ALA CB  HB2  sing N N 10  
ALA CB  HB3  sing N N 11  
ALA OXT HXT  sing N N 12  
ARG N   CA   sing N N 13  
ARG N   H    sing N N 14  
ARG N   H2   sing N N 15  
ARG CA  C    sing N N 16  
ARG CA  CB   sing N N 17  
ARG CA  HA   sing N N 18  
ARG C   O    doub N N 19  
ARG C   OXT  sing N N 20  
ARG CB  CG   sing N N 21  
ARG CB  HB2  sing N N 22  
ARG CB  HB3  sing N N 23  
ARG CG  CD   sing N N 24  
ARG CG  HG2  sing N N 25  
ARG CG  HG3  sing N N 26  
ARG CD  NE   sing N N 27  
ARG CD  HD2  sing N N 28  
ARG CD  HD3  sing N N 29  
ARG NE  CZ   sing N N 30  
ARG NE  HE   sing N N 31  
ARG CZ  NH1  sing N N 32  
ARG CZ  NH2  doub N N 33  
ARG NH1 HH11 sing N N 34  
ARG NH1 HH12 sing N N 35  
ARG NH2 HH21 sing N N 36  
ARG NH2 HH22 sing N N 37  
ARG OXT HXT  sing N N 38  
ASN N   CA   sing N N 39  
ASN N   H    sing N N 40  
ASN N   H2   sing N N 41  
ASN CA  C    sing N N 42  
ASN CA  CB   sing N N 43  
ASN CA  HA   sing N N 44  
ASN C   O    doub N N 45  
ASN C   OXT  sing N N 46  
ASN CB  CG   sing N N 47  
ASN CB  HB2  sing N N 48  
ASN CB  HB3  sing N N 49  
ASN CG  OD1  doub N N 50  
ASN CG  ND2  sing N N 51  
ASN ND2 HD21 sing N N 52  
ASN ND2 HD22 sing N N 53  
ASN OXT HXT  sing N N 54  
ASP N   CA   sing N N 55  
ASP N   H    sing N N 56  
ASP N   H2   sing N N 57  
ASP CA  C    sing N N 58  
ASP CA  CB   sing N N 59  
ASP CA  HA   sing N N 60  
ASP C   O    doub N N 61  
ASP C   OXT  sing N N 62  
ASP CB  CG   sing N N 63  
ASP CB  HB2  sing N N 64  
ASP CB  HB3  sing N N 65  
ASP CG  OD1  doub N N 66  
ASP CG  OD2  sing N N 67  
ASP OD2 HD2  sing N N 68  
ASP OXT HXT  sing N N 69  
GLN N   CA   sing N N 70  
GLN N   H    sing N N 71  
GLN N   H2   sing N N 72  
GLN CA  C    sing N N 73  
GLN CA  CB   sing N N 74  
GLN CA  HA   sing N N 75  
GLN C   O    doub N N 76  
GLN C   OXT  sing N N 77  
GLN CB  CG   sing N N 78  
GLN CB  HB2  sing N N 79  
GLN CB  HB3  sing N N 80  
GLN CG  CD   sing N N 81  
GLN CG  HG2  sing N N 82  
GLN CG  HG3  sing N N 83  
GLN CD  OE1  doub N N 84  
GLN CD  NE2  sing N N 85  
GLN NE2 HE21 sing N N 86  
GLN NE2 HE22 sing N N 87  
GLN OXT HXT  sing N N 88  
GLU N   CA   sing N N 89  
GLU N   H    sing N N 90  
GLU N   H2   sing N N 91  
GLU CA  C    sing N N 92  
GLU CA  CB   sing N N 93  
GLU CA  HA   sing N N 94  
GLU C   O    doub N N 95  
GLU C   OXT  sing N N 96  
GLU CB  CG   sing N N 97  
GLU CB  HB2  sing N N 98  
GLU CB  HB3  sing N N 99  
GLU CG  CD   sing N N 100 
GLU CG  HG2  sing N N 101 
GLU CG  HG3  sing N N 102 
GLU CD  OE1  doub N N 103 
GLU CD  OE2  sing N N 104 
GLU OE2 HE2  sing N N 105 
GLU OXT HXT  sing N N 106 
GLY N   CA   sing N N 107 
GLY N   H    sing N N 108 
GLY N   H2   sing N N 109 
GLY CA  C    sing N N 110 
GLY CA  HA2  sing N N 111 
GLY CA  HA3  sing N N 112 
GLY C   O    doub N N 113 
GLY C   OXT  sing N N 114 
GLY OXT HXT  sing N N 115 
HOH O   H1   sing N N 116 
HOH O   H2   sing N N 117 
ILE N   CA   sing N N 118 
ILE N   H    sing N N 119 
ILE N   H2   sing N N 120 
ILE CA  C    sing N N 121 
ILE CA  CB   sing N N 122 
ILE CA  HA   sing N N 123 
ILE C   O    doub N N 124 
ILE C   OXT  sing N N 125 
ILE CB  CG1  sing N N 126 
ILE CB  CG2  sing N N 127 
ILE CB  HB   sing N N 128 
ILE CG1 CD1  sing N N 129 
ILE CG1 HG12 sing N N 130 
ILE CG1 HG13 sing N N 131 
ILE CG2 HG21 sing N N 132 
ILE CG2 HG22 sing N N 133 
ILE CG2 HG23 sing N N 134 
ILE CD1 HD11 sing N N 135 
ILE CD1 HD12 sing N N 136 
ILE CD1 HD13 sing N N 137 
ILE OXT HXT  sing N N 138 
LEU N   CA   sing N N 139 
LEU N   H    sing N N 140 
LEU N   H2   sing N N 141 
LEU CA  C    sing N N 142 
LEU CA  CB   sing N N 143 
LEU CA  HA   sing N N 144 
LEU C   O    doub N N 145 
LEU C   OXT  sing N N 146 
LEU CB  CG   sing N N 147 
LEU CB  HB2  sing N N 148 
LEU CB  HB3  sing N N 149 
LEU CG  CD1  sing N N 150 
LEU CG  CD2  sing N N 151 
LEU CG  HG   sing N N 152 
LEU CD1 HD11 sing N N 153 
LEU CD1 HD12 sing N N 154 
LEU CD1 HD13 sing N N 155 
LEU CD2 HD21 sing N N 156 
LEU CD2 HD22 sing N N 157 
LEU CD2 HD23 sing N N 158 
LEU OXT HXT  sing N N 159 
LYS N   CA   sing N N 160 
LYS N   H    sing N N 161 
LYS N   H2   sing N N 162 
LYS CA  C    sing N N 163 
LYS CA  CB   sing N N 164 
LYS CA  HA   sing N N 165 
LYS C   O    doub N N 166 
LYS C   OXT  sing N N 167 
LYS CB  CG   sing N N 168 
LYS CB  HB2  sing N N 169 
LYS CB  HB3  sing N N 170 
LYS CG  CD   sing N N 171 
LYS CG  HG2  sing N N 172 
LYS CG  HG3  sing N N 173 
LYS CD  CE   sing N N 174 
LYS CD  HD2  sing N N 175 
LYS CD  HD3  sing N N 176 
LYS CE  NZ   sing N N 177 
LYS CE  HE2  sing N N 178 
LYS CE  HE3  sing N N 179 
LYS NZ  HZ1  sing N N 180 
LYS NZ  HZ2  sing N N 181 
LYS NZ  HZ3  sing N N 182 
LYS OXT HXT  sing N N 183 
MET N   CA   sing N N 184 
MET N   H    sing N N 185 
MET N   H2   sing N N 186 
MET CA  C    sing N N 187 
MET CA  CB   sing N N 188 
MET CA  HA   sing N N 189 
MET C   O    doub N N 190 
MET C   OXT  sing N N 191 
MET CB  CG   sing N N 192 
MET CB  HB2  sing N N 193 
MET CB  HB3  sing N N 194 
MET CG  SD   sing N N 195 
MET CG  HG2  sing N N 196 
MET CG  HG3  sing N N 197 
MET SD  CE   sing N N 198 
MET CE  HE1  sing N N 199 
MET CE  HE2  sing N N 200 
MET CE  HE3  sing N N 201 
MET OXT HXT  sing N N 202 
MPD C1  C2   sing N N 203 
MPD C1  H11  sing N N 204 
MPD C1  H12  sing N N 205 
MPD C1  H13  sing N N 206 
MPD C2  O2   sing N N 207 
MPD C2  CM   sing N N 208 
MPD C2  C3   sing N N 209 
MPD O2  HO2  sing N N 210 
MPD CM  HM1  sing N N 211 
MPD CM  HM2  sing N N 212 
MPD CM  HM3  sing N N 213 
MPD C3  C4   sing N N 214 
MPD C3  H31  sing N N 215 
MPD C3  H32  sing N N 216 
MPD C4  O4   sing N N 217 
MPD C4  C5   sing N N 218 
MPD C4  H4   sing N N 219 
MPD O4  HO4  sing N N 220 
MPD C5  H51  sing N N 221 
MPD C5  H52  sing N N 222 
MPD C5  H53  sing N N 223 
PRO N   CA   sing N N 224 
PRO N   CD   sing N N 225 
PRO N   H    sing N N 226 
PRO CA  C    sing N N 227 
PRO CA  CB   sing N N 228 
PRO CA  HA   sing N N 229 
PRO C   O    doub N N 230 
PRO C   OXT  sing N N 231 
PRO CB  CG   sing N N 232 
PRO CB  HB2  sing N N 233 
PRO CB  HB3  sing N N 234 
PRO CG  CD   sing N N 235 
PRO CG  HG2  sing N N 236 
PRO CG  HG3  sing N N 237 
PRO CD  HD2  sing N N 238 
PRO CD  HD3  sing N N 239 
PRO OXT HXT  sing N N 240 
SER N   CA   sing N N 241 
SER N   H    sing N N 242 
SER N   H2   sing N N 243 
SER CA  C    sing N N 244 
SER CA  CB   sing N N 245 
SER CA  HA   sing N N 246 
SER C   O    doub N N 247 
SER C   OXT  sing N N 248 
SER CB  OG   sing N N 249 
SER CB  HB2  sing N N 250 
SER CB  HB3  sing N N 251 
SER OG  HG   sing N N 252 
SER OXT HXT  sing N N 253 
TRP N   CA   sing N N 254 
TRP N   H    sing N N 255 
TRP N   H2   sing N N 256 
TRP CA  C    sing N N 257 
TRP CA  CB   sing N N 258 
TRP CA  HA   sing N N 259 
TRP C   O    doub N N 260 
TRP C   OXT  sing N N 261 
TRP CB  CG   sing N N 262 
TRP CB  HB2  sing N N 263 
TRP CB  HB3  sing N N 264 
TRP CG  CD1  doub Y N 265 
TRP CG  CD2  sing Y N 266 
TRP CD1 NE1  sing Y N 267 
TRP CD1 HD1  sing N N 268 
TRP CD2 CE2  doub Y N 269 
TRP CD2 CE3  sing Y N 270 
TRP NE1 CE2  sing Y N 271 
TRP NE1 HE1  sing N N 272 
TRP CE2 CZ2  sing Y N 273 
TRP CE3 CZ3  doub Y N 274 
TRP CE3 HE3  sing N N 275 
TRP CZ2 CH2  doub Y N 276 
TRP CZ2 HZ2  sing N N 277 
TRP CZ3 CH2  sing Y N 278 
TRP CZ3 HZ3  sing N N 279 
TRP CH2 HH2  sing N N 280 
TRP OXT HXT  sing N N 281 
TRS C   C1   sing N N 282 
TRS C   C2   sing N N 283 
TRS C   C3   sing N N 284 
TRS C   N    sing N N 285 
TRS C1  O1   sing N N 286 
TRS C1  H11  sing N N 287 
TRS C1  H12  sing N N 288 
TRS C2  O2   sing N N 289 
TRS C2  H21  sing N N 290 
TRS C2  H22  sing N N 291 
TRS C3  O3   sing N N 292 
TRS C3  H31  sing N N 293 
TRS C3  H32  sing N N 294 
TRS N   HN1  sing N N 295 
TRS N   HN2  sing N N 296 
TRS N   HN3  sing N N 297 
TRS O1  HO1  sing N N 298 
TRS O2  HO2  sing N N 299 
TRS O3  HO3  sing N N 300 
TYR N   CA   sing N N 301 
TYR N   H    sing N N 302 
TYR N   H2   sing N N 303 
TYR CA  C    sing N N 304 
TYR CA  CB   sing N N 305 
TYR CA  HA   sing N N 306 
TYR C   O    doub N N 307 
TYR C   OXT  sing N N 308 
TYR CB  CG   sing N N 309 
TYR CB  HB2  sing N N 310 
TYR CB  HB3  sing N N 311 
TYR CG  CD1  doub Y N 312 
TYR CG  CD2  sing Y N 313 
TYR CD1 CE1  sing Y N 314 
TYR CD1 HD1  sing N N 315 
TYR CD2 CE2  doub Y N 316 
TYR CD2 HD2  sing N N 317 
TYR CE1 CZ   doub Y N 318 
TYR CE1 HE1  sing N N 319 
TYR CE2 CZ   sing Y N 320 
TYR CE2 HE2  sing N N 321 
TYR CZ  OH   sing N N 322 
TYR OH  HH   sing N N 323 
TYR OXT HXT  sing N N 324 
# 
_pdbx_audit_support.funding_organization   'European Research Council (ERC)' 
_pdbx_audit_support.country                'European Union' 
_pdbx_audit_support.grant_number           'ProNANO- 648071' 
_pdbx_audit_support.ordinal                1 
# 
_pdbx_entity_instance_feature.ordinal        1 
_pdbx_entity_instance_feature.comp_id        GD 
_pdbx_entity_instance_feature.asym_id        ? 
_pdbx_entity_instance_feature.seq_num        ? 
_pdbx_entity_instance_feature.auth_comp_id   GD 
_pdbx_entity_instance_feature.auth_asym_id   ? 
_pdbx_entity_instance_feature.auth_seq_num   ? 
_pdbx_entity_instance_feature.feature_type   'SUBJECT OF INVESTIGATION' 
_pdbx_entity_instance_feature.details        ? 
# 
_pdbx_initial_refinement_model.id               1 
_pdbx_initial_refinement_model.entity_id_list   ? 
_pdbx_initial_refinement_model.type             'experimental model' 
_pdbx_initial_refinement_model.source_name      PDB 
_pdbx_initial_refinement_model.accession_code   2fo7 
_pdbx_initial_refinement_model.details          ? 
# 
_atom_sites.entry_id                    8CH0 
_atom_sites.Cartn_transf_matrix[1][1]   ? 
_atom_sites.Cartn_transf_matrix[1][2]   ? 
_atom_sites.Cartn_transf_matrix[1][3]   ? 
_atom_sites.Cartn_transf_matrix[2][1]   ? 
_atom_sites.Cartn_transf_matrix[2][2]   ? 
_atom_sites.Cartn_transf_matrix[2][3]   ? 
_atom_sites.Cartn_transf_matrix[3][1]   ? 
_atom_sites.Cartn_transf_matrix[3][2]   ? 
_atom_sites.Cartn_transf_matrix[3][3]   ? 
_atom_sites.Cartn_transf_vector[1]      ? 
_atom_sites.Cartn_transf_vector[2]      ? 
_atom_sites.Cartn_transf_vector[3]      ? 
_atom_sites.fract_transf_matrix[1][1]   -0.01336344 
_atom_sites.fract_transf_matrix[1][2]   -0.01245445 
_atom_sites.fract_transf_matrix[1][3]   -0.01332356 
_atom_sites.fract_transf_matrix[2][1]   -0.01057091 
_atom_sites.fract_transf_matrix[2][2]   0.01356442 
_atom_sites.fract_transf_matrix[2][3]   -0.00207703 
_atom_sites.fract_transf_matrix[3][1]   0.00691444 
_atom_sites.fract_transf_matrix[3][2]   0.00378483 
_atom_sites.fract_transf_matrix[3][3]   -0.01047307 
_atom_sites.fract_transf_vector[1]      -0.404841 
_atom_sites.fract_transf_vector[2]      -0.058806 
_atom_sites.fract_transf_vector[3]      0.101274 
_atom_sites.solution_primary            ? 
_atom_sites.solution_secondary          ? 
_atom_sites.solution_hydrogens          ? 
_atom_sites.special_details             ? 
# 
loop_
_atom_type.symbol 
C  
GD 
N  
O  
# 
loop_
_atom_site.group_PDB 
_atom_site.id 
_atom_site.type_symbol 
_atom_site.label_atom_id 
_atom_site.label_alt_id 
_atom_site.label_comp_id 
_atom_site.label_asym_id 
_atom_site.label_entity_id 
_atom_site.label_seq_id 
_atom_site.pdbx_PDB_ins_code 
_atom_site.Cartn_x 
_atom_site.Cartn_y 
_atom_site.Cartn_z 
_atom_site.occupancy 
_atom_site.B_iso_or_equiv 
_atom_site.pdbx_formal_charge 
_atom_site.auth_seq_id 
_atom_site.auth_comp_id 
_atom_site.auth_asym_id 
_atom_site.auth_atom_id 
_atom_site.pdbx_PDB_model_num 
ATOM   1    N  N   . ALA A 1 6   ? -13.571 1.763   20.862  1.00 51.98 ? 1   ALA A N   1 
ATOM   2    C  CA  . ALA A 1 6   ? -12.766 1.893   19.629  1.00 47.00 ? 1   ALA A CA  1 
ATOM   3    C  C   . ALA A 1 6   ? -13.457 1.136   18.469  1.00 49.27 ? 1   ALA A C   1 
ATOM   4    O  O   . ALA A 1 6   ? -13.533 1.699   17.351  1.00 44.73 ? 1   ALA A O   1 
ATOM   5    C  CB  . ALA A 1 6   ? -11.369 1.376   19.916  1.00 46.77 ? 1   ALA A CB  1 
ATOM   6    N  N   . GLU A 1 7   ? -13.900 -0.110  18.712  1.00 46.42 ? 2   GLU A N   1 
ATOM   7    C  CA  . GLU A 1 7   ? -14.384 -1.048  17.668  1.00 51.55 ? 2   GLU A CA  1 
ATOM   8    C  C   . GLU A 1 7   ? -15.560 -0.406  16.938  1.00 48.43 ? 2   GLU A C   1 
ATOM   9    O  O   . GLU A 1 7   ? -15.588 -0.507  15.700  1.00 44.50 ? 2   GLU A O   1 
ATOM   10   C  CB  . GLU A 1 7   ? -14.759 -2.430  18.213  1.00 54.10 ? 2   GLU A CB  1 
ATOM   11   C  CG  . GLU A 1 7   ? -15.142 -3.376  17.089  1.00 64.55 ? 2   GLU A CG  1 
ATOM   12   C  CD  . GLU A 1 7   ? -15.112 -4.860  17.396  1.00 76.59 ? 2   GLU A CD  1 
ATOM   13   O  OE1 . GLU A 1 7   ? -15.361 -5.226  18.560  1.00 78.48 ? 2   GLU A OE1 1 
ATOM   14   O  OE2 . GLU A 1 7   ? -14.855 -5.640  16.456  1.00 80.98 ? 2   GLU A OE2 1 
ATOM   15   N  N   . ALA A 1 8   ? -16.428 0.306   17.656  1.00 43.03 ? 3   ALA A N   1 
ATOM   16   C  CA  . ALA A 1 8   ? -17.658 0.917   17.081  1.00 44.24 ? 3   ALA A CA  1 
ATOM   17   C  C   . ALA A 1 8   ? -17.273 2.049   16.125  1.00 44.79 ? 3   ALA A C   1 
ATOM   18   O  O   . ALA A 1 8   ? -17.818 2.091   14.986  1.00 39.17 ? 3   ALA A O   1 
ATOM   19   C  CB  . ALA A 1 8   ? -18.557 1.447   18.167  1.00 46.80 ? 3   ALA A CB  1 
ATOM   20   N  N   . TRP A 1 9   ? -16.380 2.945   16.564  1.00 41.73 ? 4   TRP A N   1 
ATOM   21   C  CA  . TRP A 1 9   ? -15.898 4.056   15.712  1.00 39.74 ? 4   TRP A CA  1 
ATOM   22   C  C   . TRP A 1 9   ? -15.255 3.467   14.451  1.00 35.15 ? 4   TRP A C   1 
ATOM   23   O  O   . TRP A 1 9   ? -15.423 4.060   13.385  1.00 35.07 ? 4   TRP A O   1 
ATOM   24   C  CB  . TRP A 1 9   ? -14.925 4.948   16.477  1.00 41.36 ? 4   TRP A CB  1 
ATOM   25   C  CG  . TRP A 1 9   ? -15.584 5.767   17.542  1.00 46.18 ? 4   TRP A CG  1 
ATOM   26   C  CD1 . TRP A 1 9   ? -15.556 5.535   18.888  1.00 48.72 ? 4   TRP A CD1 1 
ATOM   27   C  CD2 . TRP A 1 9   ? -16.440 6.895   17.349  1.00 43.46 ? 4   TRP A CD2 1 
ATOM   28   N  NE1 . TRP A 1 9   ? -16.290 6.480   19.541  1.00 48.51 ? 4   TRP A NE1 1 
ATOM   29   C  CE2 . TRP A 1 9   ? -16.834 7.335   18.630  1.00 45.65 ? 4   TRP A CE2 1 
ATOM   30   C  CE3 . TRP A 1 9   ? -16.895 7.600   16.231  1.00 48.78 ? 4   TRP A CE3 1 
ATOM   31   C  CZ2 . TRP A 1 9   ? -17.683 8.420   18.811  1.00 48.18 ? 4   TRP A CZ2 1 
ATOM   32   C  CZ3 . TRP A 1 9   ? -17.741 8.670   16.409  1.00 51.75 ? 4   TRP A CZ3 1 
ATOM   33   C  CH2 . TRP A 1 9   ? -18.129 9.073   17.686  1.00 54.19 ? 4   TRP A CH2 1 
ATOM   34   N  N   . TYR A 1 10  ? -14.481 2.415   14.613  1.00 34.83 ? 5   TYR A N   1 
ATOM   35   C  CA  . TYR A 1 10  ? -13.745 1.751   13.529  1.00 35.34 ? 5   TYR A CA  1 
ATOM   36   C  C   . TYR A 1 10  ? -14.730 1.242   12.464  1.00 36.80 ? 5   TYR A C   1 
ATOM   37   O  O   . TYR A 1 10  ? -14.528 1.472   11.280  1.00 32.41 ? 5   TYR A O   1 
ATOM   38   C  CB  . TYR A 1 10  ? -12.914 0.615   14.082  1.00 37.40 ? 5   TYR A CB  1 
ATOM   39   C  CG  . TYR A 1 10  ? -12.135 -0.162  13.060  1.00 38.23 ? 5   TYR A CG  1 
ATOM   40   C  CD1 . TYR A 1 10  ? -11.106 0.466   12.376  1.00 40.66 ? 5   TYR A CD1 1 
ATOM   41   C  CD2 . TYR A 1 10  ? -12.436 -1.498  12.756  1.00 38.19 ? 5   TYR A CD2 1 
ATOM   42   C  CE1 . TYR A 1 10  ? -10.376 -0.214  11.422  1.00 40.92 ? 5   TYR A CE1 1 
ATOM   43   C  CE2 . TYR A 1 10  ? -11.664 -2.212  11.845  1.00 43.29 ? 5   TYR A CE2 1 
ATOM   44   C  CZ  . TYR A 1 10  ? -10.628 -1.554  11.188  1.00 43.54 ? 5   TYR A CZ  1 
ATOM   45   O  OH  . TYR A 1 10  ? -9.828  -2.191  10.293  1.00 45.67 ? 5   TYR A OH  1 
ATOM   46   N  N   . ASN A 1 11  ? -15.786 0.576   12.884  1.00 34.54 ? 6   ASN A N   1 
ATOM   47   C  CA  . ASN A 1 11  ? -16.834 0.045   11.973  1.00 37.37 ? 6   ASN A CA  1 
ATOM   48   C  C   . ASN A 1 11  ? -17.590 1.171   11.258  1.00 32.74 ? 6   ASN A C   1 
ATOM   49   O  O   . ASN A 1 11  ? -17.937 1.021   10.051  1.00 32.04 ? 6   ASN A O   1 
ATOM   50   C  CB  . ASN A 1 11  ? -17.717 -0.975  12.689  1.00 39.30 ? 6   ASN A CB  1 
ATOM   51   C  CG  . ASN A 1 11  ? -16.963 -2.283  12.856  1.00 47.82 ? 6   ASN A CG  1 
ATOM   52   O  OD1 . ASN A 1 11  ? -16.145 -2.617  11.992  1.00 45.84 ? 6   ASN A OD1 1 
ATOM   53   N  ND2 . ASN A 1 11  ? -17.262 -3.048  13.912  1.00 49.41 ? 6   ASN A ND2 1 
ATOM   54   N  N   . LEU A 1 12  ? -17.834 2.286   11.930  1.00 33.18 ? 7   LEU A N   1 
ATOM   55   C  CA  . LEU A 1 12  ? -18.388 3.469   11.277  1.00 33.80 ? 7   LEU A CA  1 
ATOM   56   C  C   . LEU A 1 12  ? -17.434 3.958   10.171  1.00 32.34 ? 7   LEU A C   1 
ATOM   57   O  O   . LEU A 1 12  ? -17.914 4.218   9.036   1.00 30.61 ? 7   LEU A O   1 
ATOM   58   C  CB  . LEU A 1 12  ? -18.640 4.537   12.325  1.00 35.88 ? 7   LEU A CB  1 
ATOM   59   C  CG  . LEU A 1 12  ? -19.339 5.794   11.830  1.00 38.49 ? 7   LEU A CG  1 
ATOM   60   C  CD1 . LEU A 1 12  ? -20.633 5.489   11.117  1.00 36.86 ? 7   LEU A CD1 1 
ATOM   61   C  CD2 . LEU A 1 12  ? -19.629 6.724   13.007  1.00 43.82 ? 7   LEU A CD2 1 
ATOM   62   N  N   . GLY A 1 13  ? -16.140 4.042   10.458  1.00 29.62 ? 8   GLY A N   1 
ATOM   63   C  CA  . GLY A 1 13  ? -15.146 4.433   9.430   1.00 29.44 ? 8   GLY A CA  1 
ATOM   64   C  C   . GLY A 1 13  ? -15.184 3.455   8.251   1.00 28.90 ? 8   GLY A C   1 
ATOM   65   O  O   . GLY A 1 13  ? -15.138 3.913   7.106   1.00 28.90 ? 8   GLY A O   1 
ATOM   66   N  N   . ASN A 1 14  ? -15.308 2.150   8.537   1.00 30.45 ? 9   ASN A N   1 
ATOM   67   C  CA  . ASN A 1 14  ? -15.354 1.087   7.508   1.00 30.25 ? 9   ASN A CA  1 
ATOM   68   C  C   . ASN A 1 14  ? -16.556 1.330   6.607   1.00 31.82 ? 9   ASN A C   1 
ATOM   69   O  O   . ASN A 1 14  ? -16.392 1.284   5.399   1.00 31.05 ? 9   ASN A O   1 
ATOM   70   C  CB  . ASN A 1 14  ? -15.366 -0.340  8.050   1.00 33.19 ? 9   ASN A CB  1 
ATOM   71   C  CG  . ASN A 1 14  ? -14.036 -0.773  8.635   1.00 35.08 ? 9   ASN A CG  1 
ATOM   72   O  OD1 . ASN A 1 14  ? -12.985 -0.260  8.284   1.00 36.34 ? 9   ASN A OD1 1 
ATOM   73   N  ND2 . ASN A 1 14  ? -14.069 -1.676  9.605   1.00 38.40 ? 9   ASN A ND2 1 
ATOM   74   N  N   . ALA A 1 15  ? -17.717 1.641   7.173   1.00 31.28 ? 10  ALA A N   1 
ATOM   75   C  CA  . ALA A 1 15  ? -18.938 1.839   6.382   1.00 29.46 ? 10  ALA A CA  1 
ATOM   76   C  C   . ALA A 1 15  ? -18.803 3.066   5.471   1.00 30.34 ? 10  ALA A C   1 
ATOM   77   O  O   . ALA A 1 15  ? -19.177 3.017   4.290   1.00 31.91 ? 10  ALA A O   1 
ATOM   78   C  CB  . ALA A 1 15  ? -20.141 1.880   7.291   1.00 29.68 ? 10  ALA A CB  1 
ATOM   79   N  N   . TYR A 1 16  ? -18.266 4.162   5.974   1.00 31.02 ? 11  TYR A N   1 
ATOM   80   C  CA  . TYR A 1 16  ? -17.980 5.351   5.159   1.00 28.94 ? 11  TYR A CA  1 
ATOM   81   C  C   . TYR A 1 16  ? -16.971 4.996   4.044   1.00 29.89 ? 11  TYR A C   1 
ATOM   82   O  O   . TYR A 1 16  ? -17.104 5.490   2.913   1.00 31.42 ? 11  TYR A O   1 
ATOM   83   C  CB  . TYR A 1 16  ? -17.454 6.483   6.041   1.00 31.14 ? 11  TYR A CB  1 
ATOM   84   C  CG  . TYR A 1 16  ? -18.531 7.276   6.718   1.00 31.49 ? 11  TYR A CG  1 
ATOM   85   C  CD1 . TYR A 1 16  ? -19.417 8.061   5.983   1.00 35.05 ? 11  TYR A CD1 1 
ATOM   86   C  CD2 . TYR A 1 16  ? -18.650 7.267   8.101   1.00 37.35 ? 11  TYR A CD2 1 
ATOM   87   C  CE1 . TYR A 1 16  ? -20.416 8.777   6.613   1.00 33.45 ? 11  TYR A CE1 1 
ATOM   88   C  CE2 . TYR A 1 16  ? -19.624 8.012   8.739   1.00 36.64 ? 11  TYR A CE2 1 
ATOM   89   C  CZ  . TYR A 1 16  ? -20.522 8.733   7.983   1.00 35.76 ? 11  TYR A CZ  1 
ATOM   90   O  OH  . TYR A 1 16  ? -21.473 9.459   8.617   1.00 41.03 ? 11  TYR A OH  1 
ATOM   91   N  N   . TYR A 1 17  ? -15.903 4.292   4.402   1.00 29.88 ? 12  TYR A N   1 
ATOM   92   C  CA  . TYR A 1 17  ? -14.863 3.890   3.417   1.00 29.80 ? 12  TYR A CA  1 
ATOM   93   C  C   . TYR A 1 17  ? -15.557 3.152   2.263   1.00 30.20 ? 12  TYR A C   1 
ATOM   94   O  O   . TYR A 1 17  ? -15.303 3.458   1.084   1.00 31.35 ? 12  TYR A O   1 
ATOM   95   C  CB  . TYR A 1 17  ? -13.810 2.989   4.056   1.00 28.43 ? 12  TYR A CB  1 
ATOM   96   C  CG  . TYR A 1 17  ? -12.656 2.678   3.151   1.00 29.12 ? 12  TYR A CG  1 
ATOM   97   C  CD1 . TYR A 1 17  ? -12.697 1.591   2.274   1.00 33.88 ? 12  TYR A CD1 1 
ATOM   98   C  CD2 . TYR A 1 17  ? -11.504 3.438   3.189   1.00 30.67 ? 12  TYR A CD2 1 
ATOM   99   C  CE1 . TYR A 1 17  ? -11.656 1.304   1.404   1.00 32.88 ? 12  TYR A CE1 1 
ATOM   100  C  CE2 . TYR A 1 17  ? -10.449 3.172   2.322   1.00 33.12 ? 12  TYR A CE2 1 
ATOM   101  C  CZ  . TYR A 1 17  ? -10.529 2.109   1.434   1.00 33.62 ? 12  TYR A CZ  1 
ATOM   102  O  OH  . TYR A 1 17  ? -9.452  1.836   0.649   1.00 34.81 ? 12  TYR A OH  1 
ATOM   103  N  N   . LYS A 1 18  ? -16.403 2.191   2.610   1.00 30.67 ? 13  LYS A N   1 
ATOM   104  C  CA  . LYS A 1 18  ? -17.131 1.297   1.647   1.00 36.09 ? 13  LYS A CA  1 
ATOM   105  C  C   . LYS A 1 18  ? -18.047 2.100   0.723   1.00 36.81 ? 13  LYS A C   1 
ATOM   106  O  O   . LYS A 1 18  ? -18.226 1.667   -0.379  1.00 36.98 ? 13  LYS A O   1 
ATOM   107  C  CB  . LYS A 1 18  ? -17.950 0.237   2.378   1.00 37.92 ? 13  LYS A CB  1 
ATOM   108  C  CG  . LYS A 1 18  ? -17.116 -0.883  2.961   1.00 40.56 ? 13  LYS A CG  1 
ATOM   109  C  CD  . LYS A 1 18  ? -16.634 -1.826  1.905   1.00 52.25 ? 13  LYS A CD  1 
ATOM   110  C  CE  . LYS A 1 18  ? -16.407 -3.208  2.474   1.00 64.97 ? 13  LYS A CE  1 
ATOM   111  N  NZ  . LYS A 1 18  ? -15.429 -3.966  1.654   1.00 73.53 ? 13  LYS A NZ  1 
ATOM   112  N  N   . GLN A 1 19  ? -18.552 3.259   1.110   1.00 35.57 ? 14  GLN A N   1 
ATOM   113  C  CA  . GLN A 1 19  ? -19.362 4.043   0.162   1.00 38.40 ? 14  GLN A CA  1 
ATOM   114  C  C   . GLN A 1 19  ? -18.500 5.147   -0.450  1.00 40.81 ? 14  GLN A C   1 
ATOM   115  O  O   . GLN A 1 19  ? -19.052 5.989   -1.142  1.00 39.32 ? 14  GLN A O   1 
ATOM   116  C  CB  . GLN A 1 19  ? -20.721 4.423   0.767   1.00 45.61 ? 14  GLN A CB  1 
ATOM   117  C  CG  . GLN A 1 19  ? -20.686 5.192   2.045   1.00 39.74 ? 14  GLN A CG  1 
ATOM   118  C  CD  . GLN A 1 19  ? -21.990 5.833   2.462   1.00 42.74 ? 14  GLN A CD  1 
ATOM   119  O  OE1 . GLN A 1 19  ? -23.061 5.241   2.411   1.00 45.95 ? 14  GLN A OE1 1 
ATOM   120  N  NE2 . GLN A 1 19  ? -21.898 7.059   2.934   1.00 37.76 ? 14  GLN A NE2 1 
ATOM   121  N  N   . GLY A 1 20  ? -17.168 5.103   -0.323  1.00 32.22 ? 15  GLY A N   1 
ATOM   122  C  CA  . GLY A 1 20  ? -16.291 6.079   -0.989  1.00 33.05 ? 15  GLY A CA  1 
ATOM   123  C  C   . GLY A 1 20  ? -16.135 7.408   -0.285  1.00 34.72 ? 15  GLY A C   1 
ATOM   124  O  O   . GLY A 1 20  ? -15.596 8.350   -0.917  1.00 35.62 ? 15  GLY A O   1 
ATOM   125  N  N   . ASP A 1 21  ? -16.587 7.532   0.968   1.00 35.78 ? 16  ASP A N   1 
ATOM   126  C  CA  . ASP A 1 21  ? -16.508 8.792   1.759   1.00 31.92 ? 16  ASP A CA  1 
ATOM   127  C  C   . ASP A 1 21  ? -15.211 8.850   2.578   1.00 34.91 ? 16  ASP A C   1 
ATOM   128  O  O   . ASP A 1 21  ? -15.283 8.601   3.777   1.00 33.37 ? 16  ASP A O   1 
ATOM   129  C  CB  . ASP A 1 21  ? -17.777 8.935   2.630   1.00 33.86 ? 16  ASP A CB  1 
ATOM   130  C  CG  . ASP A 1 21  ? -19.059 9.243   1.814   1.00 44.44 ? 16  ASP A CG  1 
ATOM   131  O  OD1 . ASP A 1 21  ? -18.916 9.903   0.746   1.00 45.88 ? 16  ASP A OD1 1 
ATOM   132  O  OD2 . ASP A 1 21  ? -20.200 8.823   2.239   1.00 46.95 ? 16  ASP A OD2 1 
ATOM   133  N  N   . TYR A 1 22  ? -14.068 9.076   1.936   1.00 33.19 ? 17  TYR A N   1 
ATOM   134  C  CA  . TYR A 1 22  ? -12.732 8.850   2.537   1.00 32.87 ? 17  TYR A CA  1 
ATOM   135  C  C   . TYR A 1 22  ? -12.484 9.865   3.665   1.00 33.74 ? 17  TYR A C   1 
ATOM   136  O  O   . TYR A 1 22  ? -11.876 9.491   4.646   1.00 30.05 ? 17  TYR A O   1 
ATOM   137  C  CB  . TYR A 1 22  ? -11.662 8.773   1.444   1.00 33.53 ? 17  TYR A CB  1 
ATOM   138  C  CG  . TYR A 1 22  ? -11.971 7.711   0.412   1.00 33.96 ? 17  TYR A CG  1 
ATOM   139  C  CD1 . TYR A 1 22  ? -12.107 6.399   0.779   1.00 31.20 ? 17  TYR A CD1 1 
ATOM   140  C  CD2 . TYR A 1 22  ? -12.163 8.021   -0.936  1.00 38.24 ? 17  TYR A CD2 1 
ATOM   141  C  CE1 . TYR A 1 22  ? -12.395 5.410   -0.133  1.00 36.35 ? 17  TYR A CE1 1 
ATOM   142  C  CE2 . TYR A 1 22  ? -12.490 7.051   -1.864  1.00 36.07 ? 17  TYR A CE2 1 
ATOM   143  C  CZ  . TYR A 1 22  ? -12.602 5.741   -1.457  1.00 34.54 ? 17  TYR A CZ  1 
ATOM   144  O  OH  . TYR A 1 22  ? -12.890 4.712   -2.271  1.00 37.69 ? 17  TYR A OH  1 
ATOM   145  N  N   . ASP A 1 23  ? -13.012 11.087  3.591   1.00 34.22 ? 18  ASP A N   1 
ATOM   146  C  CA  . ASP A 1 23  ? -12.696 12.142  4.602   1.00 36.82 ? 18  ASP A CA  1 
ATOM   147  C  C   . ASP A 1 23  ? -13.426 11.785  5.898   1.00 36.19 ? 18  ASP A C   1 
ATOM   148  O  O   . ASP A 1 23  ? -12.845 11.917  7.003   1.00 32.81 ? 18  ASP A O   1 
ATOM   149  C  CB  . ASP A 1 23  ? -13.033 13.553  4.105   1.00 44.18 ? 18  ASP A CB  1 
ATOM   150  C  CG  . ASP A 1 23  ? -14.392 13.660  3.447   1.00 56.39 ? 18  ASP A CG  1 
ATOM   151  O  OD1 . ASP A 1 23  ? -14.646 12.896  2.424   1.00 57.76 ? 18  ASP A OD1 1 
ATOM   152  O  OD2 . ASP A 1 23  ? -15.197 14.490  3.968   1.00 68.66 ? 18  ASP A OD2 1 
ATOM   153  N  N   . GLU A 1 24  ? -14.642 11.248  5.776   1.00 33.49 ? 19  GLU A N   1 
ATOM   154  C  CA  . GLU A 1 24  ? -15.370 10.743  6.968   1.00 33.20 ? 19  GLU A CA  1 
ATOM   155  C  C   . GLU A 1 24  ? -14.687 9.515   7.546   1.00 33.70 ? 19  GLU A C   1 
ATOM   156  O  O   . GLU A 1 24  ? -14.587 9.413   8.807   1.00 35.27 ? 19  GLU A O   1 
ATOM   157  C  CB  . GLU A 1 24  ? -16.839 10.421  6.630   1.00 41.61 ? 19  GLU A CB  1 
ATOM   158  C  CG  . GLU A 1 24  ? -17.698 11.662  6.444   1.00 43.56 ? 19  GLU A CG  1 
ATOM   159  C  CD  . GLU A 1 24  ? -17.557 12.385  5.114   1.00 53.14 ? 19  GLU A CD  1 
ATOM   160  O  OE1 . GLU A 1 24  ? -17.037 11.771  4.093   1.00 50.88 ? 19  GLU A OE1 1 
ATOM   161  O  OE2 . GLU A 1 24  ? -17.966 13.582  5.070   1.00 61.65 ? 19  GLU A OE2 1 
ATOM   162  N  N   . ALA A 1 25  ? -14.267 8.568   6.705   1.00 30.15 ? 20  ALA A N   1 
ATOM   163  C  CA  . ALA A 1 25  ? -13.568 7.349   7.161   1.00 29.73 ? 20  ALA A CA  1 
ATOM   164  C  C   . ALA A 1 25  ? -12.320 7.766   7.972   1.00 30.72 ? 20  ALA A C   1 
ATOM   165  O  O   . ALA A 1 25  ? -12.150 7.276   9.067   1.00 30.16 ? 20  ALA A O   1 
ATOM   166  C  CB  . ALA A 1 25  ? -13.224 6.440   6.001   1.00 30.53 ? 20  ALA A CB  1 
ATOM   167  N  N   . ILE A 1 26  ? -11.531 8.716   7.468   1.00 30.10 ? 21  ILE A N   1 
ATOM   168  C  CA  . ILE A 1 26  ? -10.353 9.286   8.170   1.00 30.38 ? 21  ILE A CA  1 
ATOM   169  C  C   . ILE A 1 26  ? -10.764 9.832   9.554   1.00 32.33 ? 21  ILE A C   1 
ATOM   170  O  O   . ILE A 1 26  ? -10.068 9.421   10.528  1.00 32.84 ? 21  ILE A O   1 
ATOM   171  C  CB  . ILE A 1 26  ? -9.614  10.314  7.312   1.00 30.70 ? 21  ILE A CB  1 
ATOM   172  C  CG1 . ILE A 1 26  ? -8.928  9.616   6.150   1.00 32.05 ? 21  ILE A CG1 1 
ATOM   173  C  CG2 . ILE A 1 26  ? -8.616  11.132  8.137   1.00 34.02 ? 21  ILE A CG2 1 
ATOM   174  C  CD1 . ILE A 1 26  ? -8.603  10.547  5.007   1.00 33.43 ? 21  ILE A CD1 1 
ATOM   175  N  N   . GLU A 1 27  ? -11.871 10.565  9.678   1.00 32.68 ? 22  GLU A N   1 
ATOM   176  C  CA  . GLU A 1 27  ? -12.283 11.179  10.985  1.00 37.46 ? 22  GLU A CA  1 
ATOM   177  C  C   . GLU A 1 27  ? -12.541 10.072  11.999  1.00 36.15 ? 22  GLU A C   1 
ATOM   178  O  O   . GLU A 1 27  ? -12.020 10.105  13.114  1.00 35.54 ? 22  GLU A O   1 
ATOM   179  C  CB  . GLU A 1 27  ? -13.537 12.042  10.878  1.00 44.19 ? 22  GLU A CB  1 
ATOM   180  C  CG  . GLU A 1 27  ? -13.406 13.268  9.992   1.00 62.54 ? 22  GLU A CG  1 
ATOM   181  C  CD  . GLU A 1 27  ? -14.760 13.839  9.540   1.00 81.13 ? 22  GLU A CD  1 
ATOM   182  O  OE1 . GLU A 1 27  ? -15.784 13.601  10.249  1.00 81.46 ? 22  GLU A OE1 1 
ATOM   183  O  OE2 . GLU A 1 27  ? -14.822 14.497  8.459   1.00 81.77 ? 22  GLU A OE2 1 
ATOM   184  N  N   . TYR A 1 28  ? -13.287 9.050   11.600  1.00 33.65 ? 23  TYR A N   1 
ATOM   185  C  CA  . TYR A 1 28  ? -13.739 7.967   12.501  1.00 33.12 ? 23  TYR A CA  1 
ATOM   186  C  C   . TYR A 1 28  ? -12.634 6.969   12.773  1.00 38.48 ? 23  TYR A C   1 
ATOM   187  O  O   . TYR A 1 28  ? -12.568 6.488   13.910  1.00 34.52 ? 23  TYR A O   1 
ATOM   188  C  CB  . TYR A 1 28  ? -15.025 7.366   11.957  1.00 33.12 ? 23  TYR A CB  1 
ATOM   189  C  CG  . TYR A 1 28  ? -16.105 8.410   11.955  1.00 39.59 ? 23  TYR A CG  1 
ATOM   190  C  CD1 . TYR A 1 28  ? -16.369 9.113   13.119  1.00 54.45 ? 23  TYR A CD1 1 
ATOM   191  C  CD2 . TYR A 1 28  ? -16.754 8.806   10.801  1.00 39.30 ? 23  TYR A CD2 1 
ATOM   192  C  CE1 . TYR A 1 28  ? -17.307 10.122  13.150  1.00 55.58 ? 23  TYR A CE1 1 
ATOM   193  C  CE2 . TYR A 1 28  ? -17.675 9.843   10.809  1.00 46.50 ? 23  TYR A CE2 1 
ATOM   194  C  CZ  . TYR A 1 28  ? -17.974 10.472  11.999  1.00 51.33 ? 23  TYR A CZ  1 
ATOM   195  O  OH  . TYR A 1 28  ? -18.920 11.437  12.064  1.00 55.67 ? 23  TYR A OH  1 
ATOM   196  N  N   . TYR A 1 29  ? -11.804 6.642   11.782  1.00 32.51 ? 24  TYR A N   1 
ATOM   197  C  CA  . TYR A 1 29  ? -10.620 5.803   12.042  1.00 32.88 ? 24  TYR A CA  1 
ATOM   198  C  C   . TYR A 1 29  ? -9.751  6.511   13.111  1.00 32.33 ? 24  TYR A C   1 
ATOM   199  O  O   . TYR A 1 29  ? -9.218  5.850   13.969  1.00 36.28 ? 24  TYR A O   1 
ATOM   200  C  CB  . TYR A 1 29  ? -9.870  5.553   10.734  1.00 30.96 ? 24  TYR A CB  1 
ATOM   201  C  CG  . TYR A 1 29  ? -10.501 4.568   9.768   1.00 32.82 ? 24  TYR A CG  1 
ATOM   202  C  CD1 . TYR A 1 29  ? -11.275 3.491   10.178  1.00 29.50 ? 24  TYR A CD1 1 
ATOM   203  C  CD2 . TYR A 1 29  ? -10.206 4.648   8.416   1.00 31.95 ? 24  TYR A CD2 1 
ATOM   204  C  CE1 . TYR A 1 29  ? -11.761 2.542   9.283   1.00 32.08 ? 24  TYR A CE1 1 
ATOM   205  C  CE2 . TYR A 1 29  ? -10.667 3.698   7.512   1.00 30.83 ? 24  TYR A CE2 1 
ATOM   206  C  CZ  . TYR A 1 29  ? -11.439 2.648   7.938   1.00 32.10 ? 24  TYR A CZ  1 
ATOM   207  O  OH  . TYR A 1 29  ? -11.830 1.736   7.014   1.00 30.97 ? 24  TYR A OH  1 
ATOM   208  N  N   . GLN A 1 30  ? -9.507  7.794   12.972  1.00 34.66 ? 25  GLN A N   1 
ATOM   209  C  CA  . GLN A 1 30  ? -8.617  8.541   13.902  1.00 39.78 ? 25  GLN A CA  1 
ATOM   210  C  C   . GLN A 1 30  ? -9.226  8.503   15.314  1.00 43.36 ? 25  GLN A C   1 
ATOM   211  O  O   . GLN A 1 30  ? -8.470  8.190   16.263  1.00 43.49 ? 25  GLN A O   1 
ATOM   212  C  CB  . GLN A 1 30  ? -8.398  9.938   13.339  1.00 40.41 ? 25  GLN A CB  1 
ATOM   213  C  CG  . GLN A 1 30  ? -7.587  9.786   12.070  1.00 44.60 ? 25  GLN A CG  1 
ATOM   214  C  CD  . GLN A 1 30  ? -6.711  10.920  11.679  1.00 55.32 ? 25  GLN A CD  1 
ATOM   215  O  OE1 . GLN A 1 30  ? -5.605  10.696  11.128  1.00 50.03 ? 25  GLN A OE1 1 
ATOM   216  N  NE2 . GLN A 1 30  ? -7.246  12.114  11.909  1.00 52.39 ? 25  GLN A NE2 1 
ATOM   217  N  N   . LYS A 1 31  ? -10.536 8.703   15.445  1.00 40.93 ? 26  LYS A N   1 
ATOM   218  C  CA  . LYS A 1 31  ? -11.234 8.531   16.755  1.00 42.34 ? 26  LYS A CA  1 
ATOM   219  C  C   . LYS A 1 31  ? -11.039 7.100   17.305  1.00 48.52 ? 26  LYS A C   1 
ATOM   220  O  O   . LYS A 1 31  ? -10.682 6.950   18.525  1.00 45.81 ? 26  LYS A O   1 
ATOM   221  C  CB  . LYS A 1 31  ? -12.691 8.968   16.643  1.00 50.32 ? 26  LYS A CB  1 
ATOM   222  C  CG  . LYS A 1 31  ? -13.441 8.991   17.978  1.00 63.89 ? 26  LYS A CG  1 
ATOM   223  C  CD  . LYS A 1 31  ? -14.156 10.317  18.218  1.00 78.44 ? 26  LYS A CD  1 
ATOM   224  C  CE  . LYS A 1 31  ? -15.153 10.682  17.125  1.00 82.21 ? 26  LYS A CE  1 
ATOM   225  N  NZ  . LYS A 1 31  ? -15.140 12.126  16.782  1.00 84.03 ? 26  LYS A NZ  1 
ATOM   226  N  N   . ALA A 1 32  ? -11.177 6.053   16.485  1.00 39.39 ? 27  ALA A N   1 
ATOM   227  C  CA  . ALA A 1 32  ? -10.962 4.654   16.924  1.00 40.38 ? 27  ALA A CA  1 
ATOM   228  C  C   . ALA A 1 32  ? -9.525  4.483   17.445  1.00 45.17 ? 27  ALA A C   1 
ATOM   229  O  O   . ALA A 1 32  ? -9.328  3.754   18.441  1.00 43.53 ? 27  ALA A O   1 
ATOM   230  C  CB  . ALA A 1 32  ? -11.274 3.653   15.825  1.00 38.69 ? 27  ALA A CB  1 
ATOM   231  N  N   . LEU A 1 33  ? -8.536  5.030   16.740  1.00 40.68 ? 28  LEU A N   1 
ATOM   232  C  CA  . LEU A 1 33  ? -7.111  4.751   17.003  1.00 41.10 ? 28  LEU A CA  1 
ATOM   233  C  C   . LEU A 1 33  ? -6.681  5.540   18.239  1.00 48.88 ? 28  LEU A C   1 
ATOM   234  O  O   . LEU A 1 33  ? -5.733  5.062   18.916  1.00 52.35 ? 28  LEU A O   1 
ATOM   235  C  CB  . LEU A 1 33  ? -6.254  5.044   15.759  1.00 39.45 ? 28  LEU A CB  1 
ATOM   236  C  CG  . LEU A 1 33  ? -6.359  3.947   14.704  1.00 45.13 ? 28  LEU A CG  1 
ATOM   237  C  CD1 . LEU A 1 33  ? -5.892  4.425   13.325  1.00 47.09 ? 28  LEU A CD1 1 
ATOM   238  C  CD2 . LEU A 1 33  ? -5.585  2.706   15.131  1.00 47.88 ? 28  LEU A CD2 1 
ATOM   239  N  N   . GLU A 1 34  ? -7.331  6.678   18.513  1.00 46.90 ? 29  GLU A N   1 
ATOM   240  C  CA  . GLU A 1 34  ? -7.131  7.451   19.764  1.00 58.29 ? 29  GLU A CA  1 
ATOM   241  C  C   . GLU A 1 34  ? -7.485  6.521   20.944  1.00 62.17 ? 29  GLU A C   1 
ATOM   242  O  O   . GLU A 1 34  ? -6.644  6.384   21.839  1.00 63.62 ? 29  GLU A O   1 
ATOM   243  C  CB  . GLU A 1 34  ? -7.932  8.751   19.708  1.00 62.55 ? 29  GLU A CB  1 
ATOM   244  C  CG  . GLU A 1 34  ? -8.110  9.432   21.059  1.00 82.59 ? 29  GLU A CG  1 
ATOM   245  C  CD  . GLU A 1 34  ? -9.542  9.874   21.332  1.00 96.68 ? 29  GLU A CD  1 
ATOM   246  O  OE1 . GLU A 1 34  ? -10.156 9.353   22.302  1.00 98.40 ? 29  GLU A OE1 1 
ATOM   247  O  OE2 . GLU A 1 34  ? -10.055 10.712  20.555  1.00 84.83 ? 29  GLU A OE2 1 
ATOM   248  N  N   . LEU A 1 35  ? -8.611  5.802   20.889  1.00 51.95 ? 30  LEU A N   1 
ATOM   249  C  CA  . LEU A 1 35  ? -9.060  4.887   21.977  1.00 56.38 ? 30  LEU A CA  1 
ATOM   250  C  C   . LEU A 1 35  ? -8.241  3.574   22.050  1.00 58.24 ? 30  LEU A C   1 
ATOM   251  O  O   . LEU A 1 35  ? -8.090  3.044   23.151  1.00 56.93 ? 30  LEU A O   1 
ATOM   252  C  CB  . LEU A 1 35  ? -10.544 4.603   21.763  1.00 54.21 ? 30  LEU A CB  1 
ATOM   253  C  CG  . LEU A 1 35  ? -11.449 5.831   21.731  1.00 52.34 ? 30  LEU A CG  1 
ATOM   254  C  CD1 . LEU A 1 35  ? -12.825 5.450   21.200  1.00 60.28 ? 30  LEU A CD1 1 
ATOM   255  C  CD2 . LEU A 1 35  ? -11.581 6.445   23.105  1.00 59.50 ? 30  LEU A CD2 1 
ATOM   256  N  N   . ASP A 1 36  ? -7.737  3.021   20.947  1.00 50.26 ? 31  ASP A N   1 
ATOM   257  C  CA  . ASP A 1 36  ? -6.933  1.769   20.963  1.00 54.41 ? 31  ASP A CA  1 
ATOM   258  C  C   . ASP A 1 36  ? -5.971  1.751   19.772  1.00 55.89 ? 31  ASP A C   1 
ATOM   259  O  O   . ASP A 1 36  ? -6.388  1.393   18.674  1.00 46.18 ? 31  ASP A O   1 
ATOM   260  C  CB  . ASP A 1 36  ? -7.855  0.541   20.941  1.00 53.82 ? 31  ASP A CB  1 
ATOM   261  C  CG  . ASP A 1 36  ? -7.101  -0.759  21.109  1.00 57.72 ? 31  ASP A CG  1 
ATOM   262  O  OD1 . ASP A 1 36  ? -5.845  -0.737  21.043  1.00 53.46 ? 31  ASP A OD1 1 
ATOM   263  O  OD2 . ASP A 1 36  ? -7.773  -1.782  21.272  1.00 65.74 ? 31  ASP A OD2 1 
ATOM   264  N  N   . PRO A 1 37  ? -4.677  2.136   19.937  1.00 51.66 ? 32  PRO A N   1 
ATOM   265  C  CA  . PRO A 1 37  ? -3.717  2.099   18.833  1.00 46.32 ? 32  PRO A CA  1 
ATOM   266  C  C   . PRO A 1 37  ? -3.018  0.777   18.513  1.00 50.45 ? 32  PRO A C   1 
ATOM   267  O  O   . PRO A 1 37  ? -2.043  0.839   17.797  1.00 46.28 ? 32  PRO A O   1 
ATOM   268  C  CB  . PRO A 1 37  ? -2.646  3.107   19.269  1.00 48.73 ? 32  PRO A CB  1 
ATOM   269  C  CG  . PRO A 1 37  ? -2.643  2.998   20.792  1.00 54.56 ? 32  PRO A CG  1 
ATOM   270  C  CD  . PRO A 1 37  ? -4.097  2.718   21.161  1.00 56.35 ? 32  PRO A CD  1 
ATOM   271  N  N   . ARG A 1 38  ? -3.519  -0.372  18.965  1.00 49.73 ? 33  ARG A N   1 
ATOM   272  C  CA  . ARG A 1 38  ? -2.707  -1.615  18.944  1.00 52.06 ? 33  ARG A CA  1 
ATOM   273  C  C   . ARG A 1 38  ? -2.810  -2.341  17.589  1.00 50.45 ? 33  ARG A C   1 
ATOM   274  O  O   . ARG A 1 38  ? -1.887  -3.116  17.281  1.00 48.67 ? 33  ARG A O   1 
ATOM   275  C  CB  . ARG A 1 38  ? -3.108  -2.499  20.137  1.00 51.50 ? 33  ARG A CB  1 
ATOM   276  C  CG  . ARG A 1 38  ? -2.651  -1.936  21.486  1.00 51.44 ? 33  ARG A CG  1 
ATOM   277  C  CD  . ARG A 1 38  ? -3.068  -2.877  22.627  1.00 54.97 ? 33  ARG A CD  1 
ATOM   278  N  NE  . ARG A 1 38  ? -4.530  -2.932  22.691  1.00 54.56 ? 33  ARG A NE  1 
ATOM   279  C  CZ  . ARG A 1 38  ? -5.268  -3.669  23.522  1.00 67.74 ? 33  ARG A CZ  1 
ATOM   280  N  NH1 . ARG A 1 38  ? -6.597  -3.601  23.463  1.00 59.84 ? 33  ARG A NH1 1 
ATOM   281  N  NH2 . ARG A 1 38  ? -4.687  -4.458  24.413  1.00 61.83 ? 33  ARG A NH2 1 
ATOM   282  N  N   . SER A 1 39  ? -3.866  -2.131  16.801  1.00 47.50 ? 34  SER A N   1 
ATOM   283  C  CA  . SER A 1 39  ? -4.156  -2.959  15.604  1.00 45.13 ? 34  SER A CA  1 
ATOM   284  C  C   . SER A 1 39  ? -3.401  -2.443  14.376  1.00 42.28 ? 34  SER A C   1 
ATOM   285  O  O   . SER A 1 39  ? -3.710  -1.341  13.919  1.00 43.57 ? 34  SER A O   1 
ATOM   286  C  CB  . SER A 1 39  ? -5.611  -3.010  15.315  1.00 47.98 ? 34  SER A CB  1 
ATOM   287  O  OG  . SER A 1 39  ? -5.791  -3.564  14.014  1.00 48.27 ? 34  SER A OG  1 
ATOM   288  N  N   . ALA A 1 40  ? -2.473  -3.239  13.848  1.00 41.94 ? 35  ALA A N   1 
ATOM   289  C  CA  . ALA A 1 40  ? -1.805  -2.998  12.542  1.00 43.77 ? 35  ALA A CA  1 
ATOM   290  C  C   . ALA A 1 40  ? -2.854  -2.769  11.442  1.00 45.04 ? 35  ALA A C   1 
ATOM   291  O  O   . ALA A 1 40  ? -2.700  -1.809  10.662  1.00 40.58 ? 35  ALA A O   1 
ATOM   292  C  CB  . ALA A 1 40  ? -0.880  -4.143  12.177  1.00 47.93 ? 35  ALA A CB  1 
ATOM   293  N  N   . GLU A 1 41  ? -3.876  -3.617  11.351  1.00 43.04 ? 36  GLU A N   1 
ATOM   294  C  CA  . GLU A 1 41  ? -4.926  -3.538  10.304  1.00 48.29 ? 36  GLU A CA  1 
ATOM   295  C  C   . GLU A 1 41  ? -5.661  -2.185  10.332  1.00 46.73 ? 36  GLU A C   1 
ATOM   296  O  O   . GLU A 1 41  ? -5.957  -1.657  9.240   1.00 44.81 ? 36  GLU A O   1 
ATOM   297  C  CB  . GLU A 1 41  ? -5.931  -4.688  10.414  1.00 50.62 ? 36  GLU A CB  1 
ATOM   298  C  CG  . GLU A 1 41  ? -7.001  -4.627  9.322   1.00 57.83 ? 36  GLU A CG  1 
ATOM   299  C  CD  . GLU A 1 41  ? -7.807  -5.892  9.005   1.00 70.48 ? 36  GLU A CD  1 
ATOM   300  O  OE1 . GLU A 1 41  ? -8.009  -6.741  9.900   1.00 65.19 ? 36  GLU A OE1 1 
ATOM   301  O  OE2 . GLU A 1 41  ? -8.266  -6.011  7.851   1.00 76.77 ? 36  GLU A OE2 1 
ATOM   302  N  N   . ALA A 1 42  ? -5.947  -1.625  11.502  1.00 39.64 ? 37  ALA A N   1 
ATOM   303  C  CA  . ALA A 1 42  ? -6.613  -0.304  11.620  1.00 38.26 ? 37  ALA A CA  1 
ATOM   304  C  C   . ALA A 1 42  ? -5.737  0.836   11.046  1.00 41.66 ? 37  ALA A C   1 
ATOM   305  O  O   . ALA A 1 42  ? -6.254  1.733   10.280  1.00 37.79 ? 37  ALA A O   1 
ATOM   306  C  CB  . ALA A 1 42  ? -6.930  0.005   13.046  1.00 38.70 ? 37  ALA A CB  1 
ATOM   307  N  N   . TRP A 1 43  ? -4.457  0.872   11.397  1.00 36.39 ? 38  TRP A N   1 
ATOM   308  C  CA  . TRP A 1 43  ? -3.530  1.890   10.845  1.00 35.68 ? 38  TRP A CA  1 
ATOM   309  C  C   . TRP A 1 43  ? -3.469  1.729   9.328   1.00 30.96 ? 38  TRP A C   1 
ATOM   310  O  O   . TRP A 1 43  ? -3.323  2.730   8.636   1.00 32.74 ? 38  TRP A O   1 
ATOM   311  C  CB  . TRP A 1 43  ? -2.141  1.753   11.476  1.00 33.39 ? 38  TRP A CB  1 
ATOM   312  C  CG  . TRP A 1 43  ? -2.068  2.187   12.908  1.00 35.15 ? 38  TRP A CG  1 
ATOM   313  C  CD1 . TRP A 1 43  ? -2.008  1.349   13.985  1.00 38.87 ? 38  TRP A CD1 1 
ATOM   314  C  CD2 . TRP A 1 43  ? -2.029  3.520   13.433  1.00 36.65 ? 38  TRP A CD2 1 
ATOM   315  N  NE1 . TRP A 1 43  ? -1.967  2.076   15.140  1.00 42.10 ? 38  TRP A NE1 1 
ATOM   316  C  CE2 . TRP A 1 43  ? -1.940  3.404   14.842  1.00 40.19 ? 38  TRP A CE2 1 
ATOM   317  C  CE3 . TRP A 1 43  ? -2.042  4.795   12.878  1.00 37.62 ? 38  TRP A CE3 1 
ATOM   318  C  CZ2 . TRP A 1 43  ? -1.847  4.505   15.687  1.00 39.43 ? 38  TRP A CZ2 1 
ATOM   319  C  CZ3 . TRP A 1 43  ? -1.959  5.889   13.712  1.00 44.73 ? 38  TRP A CZ3 1 
ATOM   320  C  CH2 . TRP A 1 43  ? -1.859  5.749   15.102  1.00 43.68 ? 38  TRP A CH2 1 
ATOM   321  N  N   . TYR A 1 44  ? -3.433  0.492   8.853   1.00 32.26 ? 39  TYR A N   1 
ATOM   322  C  CA  . TYR A 1 44  ? -3.381  0.160   7.413   1.00 35.84 ? 39  TYR A CA  1 
ATOM   323  C  C   . TYR A 1 44  ? -4.635  0.726   6.733   1.00 34.98 ? 39  TYR A C   1 
ATOM   324  O  O   . TYR A 1 44  ? -4.494  1.373   5.684   1.00 32.03 ? 39  TYR A O   1 
ATOM   325  C  CB  . TYR A 1 44  ? -3.199  -1.338  7.236   1.00 39.39 ? 39  TYR A CB  1 
ATOM   326  C  CG  . TYR A 1 44  ? -3.385  -1.846  5.831   1.00 36.26 ? 39  TYR A CG  1 
ATOM   327  C  CD1 . TYR A 1 44  ? -2.396  -1.663  4.875   1.00 36.32 ? 39  TYR A CD1 1 
ATOM   328  C  CD2 . TYR A 1 44  ? -4.555  -2.482  5.455   1.00 36.92 ? 39  TYR A CD2 1 
ATOM   329  C  CE1 . TYR A 1 44  ? -2.541  -2.175  3.602   1.00 39.06 ? 39  TYR A CE1 1 
ATOM   330  C  CE2 . TYR A 1 44  ? -4.711  -3.001  4.175   1.00 37.47 ? 39  TYR A CE2 1 
ATOM   331  C  CZ  . TYR A 1 44  ? -3.682  -2.860  3.254   1.00 41.28 ? 39  TYR A CZ  1 
ATOM   332  O  OH  . TYR A 1 44  ? -3.791  -3.318  1.977   1.00 48.51 ? 39  TYR A OH  1 
ATOM   333  N  N   . ASN A 1 45  ? -5.817  0.589   7.336   1.00 31.94 ? 40  ASN A N   1 
ATOM   334  C  CA  . ASN A 1 45  ? -7.067  1.093   6.718   1.00 33.50 ? 40  ASN A CA  1 
ATOM   335  C  C   . ASN A 1 45  ? -7.092  2.621   6.735   1.00 31.88 ? 40  ASN A C   1 
ATOM   336  O  O   . ASN A 1 45  ? -7.572  3.212   5.750   1.00 29.99 ? 40  ASN A O   1 
ATOM   337  C  CB  . ASN A 1 45  ? -8.312  0.489   7.380   1.00 36.48 ? 40  ASN A CB  1 
ATOM   338  C  CG  . ASN A 1 45  ? -8.491  -0.975  7.058   1.00 40.34 ? 40  ASN A CG  1 
ATOM   339  O  OD1 . ASN A 1 45  ? -9.012  -1.710  7.869   1.00 51.82 ? 40  ASN A OD1 1 
ATOM   340  N  ND2 . ASN A 1 45  ? -8.105  -1.401  5.875   1.00 38.18 ? 40  ASN A ND2 1 
ATOM   341  N  N   . LEU A 1 46  ? -6.502  3.256   7.733   1.00 30.01 ? 41  LEU A N   1 
ATOM   342  C  CA  . LEU A 1 46  ? -6.345  4.713   7.753   1.00 29.13 ? 41  LEU A CA  1 
ATOM   343  C  C   . LEU A 1 46  ? -5.416  5.130   6.616   1.00 27.44 ? 41  LEU A C   1 
ATOM   344  O  O   . LEU A 1 46  ? -5.770  6.084   5.901   1.00 28.15 ? 41  LEU A O   1 
ATOM   345  C  CB  . LEU A 1 46  ? -5.801  5.152   9.098   1.00 31.98 ? 41  LEU A CB  1 
ATOM   346  C  CG  . LEU A 1 46  ? -5.664  6.651   9.305   1.00 30.22 ? 41  LEU A CG  1 
ATOM   347  C  CD1 . LEU A 1 46  ? -6.951  7.432   9.121   1.00 31.50 ? 41  LEU A CD1 1 
ATOM   348  C  CD2 . LEU A 1 46  ? -5.072  6.956   10.674  1.00 37.79 ? 41  LEU A CD2 1 
ATOM   349  N  N   . GLY A 1 47  ? -4.300  4.444   6.440   1.00 27.33 ? 42  GLY A N   1 
ATOM   350  C  CA  . GLY A 1 47  ? -3.383  4.706   5.297   1.00 30.06 ? 42  GLY A CA  1 
ATOM   351  C  C   . GLY A 1 47  ? -4.122  4.608   3.957   1.00 29.07 ? 42  GLY A C   1 
ATOM   352  O  O   . GLY A 1 47  ? -3.949  5.475   3.102   1.00 26.42 ? 42  GLY A O   1 
ATOM   353  N  N   . ASN A 1 48  ? -4.972  3.609   3.803   1.00 27.93 ? 43  ASN A N   1 
ATOM   354  C  CA  . ASN A 1 48  ? -5.728  3.391   2.553   1.00 31.25 ? 43  ASN A CA  1 
ATOM   355  C  C   . ASN A 1 48  ? -6.693  4.540   2.291   1.00 32.24 ? 43  ASN A C   1 
ATOM   356  O  O   . ASN A 1 48  ? -6.853  4.969   1.086   1.00 28.28 ? 43  ASN A O   1 
ATOM   357  C  CB  . ASN A 1 48  ? -6.515  2.108   2.578   1.00 28.65 ? 43  ASN A CB  1 
ATOM   358  C  CG  . ASN A 1 48  ? -5.661  0.882   2.380   1.00 35.55 ? 43  ASN A CG  1 
ATOM   359  O  OD1 . ASN A 1 48  ? -4.497  0.940   1.974   1.00 33.26 ? 43  ASN A OD1 1 
ATOM   360  N  ND2 . ASN A 1 48  ? -6.252  -0.249  2.724   1.00 40.82 ? 43  ASN A ND2 1 
ATOM   361  N  N   . ALA A 1 49  ? -7.322  5.057   3.343   1.00 29.12 ? 44  ALA A N   1 
ATOM   362  C  CA  . ALA A 1 49  ? -8.251  6.191   3.196   1.00 30.12 ? 44  ALA A CA  1 
ATOM   363  C  C   . ALA A 1 49  ? -7.463  7.398   2.690   1.00 30.60 ? 44  ALA A C   1 
ATOM   364  O  O   . ALA A 1 49  ? -7.939  8.072   1.754   1.00 31.74 ? 44  ALA A O   1 
ATOM   365  C  CB  . ALA A 1 49  ? -8.962  6.422   4.489   1.00 31.52 ? 44  ALA A CB  1 
ATOM   366  N  N   . TYR A 1 50  ? -6.300  7.691   3.261   1.00 29.00 ? 45  TYR A N   1 
ATOM   367  C  CA  . TYR A 1 50  ? -5.503  8.846   2.804   1.00 27.48 ? 45  TYR A CA  1 
ATOM   368  C  C   . TYR A 1 50  ? -5.050  8.577   1.359   1.00 27.42 ? 45  TYR A C   1 
ATOM   369  O  O   . TYR A 1 50  ? -5.028  9.507   0.558   1.00 28.73 ? 45  TYR A O   1 
ATOM   370  C  CB  . TYR A 1 50  ? -4.286  9.114   3.708   1.00 26.17 ? 45  TYR A CB  1 
ATOM   371  C  CG  . TYR A 1 50  ? -4.621  9.831   4.993   1.00 26.96 ? 45  TYR A CG  1 
ATOM   372  C  CD1 . TYR A 1 50  ? -4.904  11.171  5.006   1.00 29.82 ? 45  TYR A CD1 1 
ATOM   373  C  CD2 . TYR A 1 50  ? -4.620  9.170   6.203   1.00 30.73 ? 45  TYR A CD2 1 
ATOM   374  C  CE1 . TYR A 1 50  ? -5.174  11.847  6.187   1.00 30.76 ? 45  TYR A CE1 1 
ATOM   375  C  CE2 . TYR A 1 50  ? -4.898  9.829   7.390   1.00 32.87 ? 45  TYR A CE2 1 
ATOM   376  C  CZ  . TYR A 1 50  ? -5.120  11.181  7.385   1.00 30.94 ? 45  TYR A CZ  1 
ATOM   377  O  OH  . TYR A 1 50  ? -5.394  11.844  8.527   1.00 31.29 ? 45  TYR A OH  1 
ATOM   378  N  N   . TYR A 1 51  ? -4.610  7.366   1.065   1.00 27.45 ? 46  TYR A N   1 
ATOM   379  C  CA  . TYR A 1 51  ? -4.172  6.995   -0.307  1.00 29.14 ? 46  TYR A CA  1 
ATOM   380  C  C   . TYR A 1 51  ? -5.310  7.296   -1.300  1.00 27.25 ? 46  TYR A C   1 
ATOM   381  O  O   . TYR A 1 51  ? -5.066  7.958   -2.324  1.00 28.80 ? 46  TYR A O   1 
ATOM   382  C  CB  . TYR A 1 51  ? -3.757  5.537   -0.379  1.00 28.83 ? 46  TYR A CB  1 
ATOM   383  C  CG  . TYR A 1 51  ? -3.195  5.157   -1.732  1.00 29.37 ? 46  TYR A CG  1 
ATOM   384  C  CD1 . TYR A 1 51  ? -4.019  4.826   -2.800  1.00 32.08 ? 46  TYR A CD1 1 
ATOM   385  C  CD2 . TYR A 1 51  ? -1.826  5.080   -1.910  1.00 29.83 ? 46  TYR A CD2 1 
ATOM   386  C  CE1 . TYR A 1 51  ? -3.486  4.491   -4.034  1.00 34.69 ? 46  TYR A CE1 1 
ATOM   387  C  CE2 . TYR A 1 51  ? -1.284  4.782   -3.137  1.00 30.36 ? 46  TYR A CE2 1 
ATOM   388  C  CZ  . TYR A 1 51  ? -2.109  4.476   -4.201  1.00 31.39 ? 46  TYR A CZ  1 
ATOM   389  O  OH  . TYR A 1 51  ? -1.496  4.129   -5.379  1.00 34.16 ? 46  TYR A OH  1 
ATOM   390  N  N   . LYS A 1 52  ? -6.525  6.842   -1.016  1.00 28.19 ? 47  LYS A N   1 
ATOM   391  C  CA  . LYS A 1 52  ? -7.698  7.048   -1.939  1.00 32.07 ? 47  LYS A CA  1 
ATOM   392  C  C   . LYS A 1 52  ? -8.012  8.535   -2.137  1.00 33.00 ? 47  LYS A C   1 
ATOM   393  O  O   . LYS A 1 52  ? -8.414  8.901   -3.184  1.00 31.97 ? 47  LYS A O   1 
ATOM   394  C  CB  . LYS A 1 52  ? -8.935  6.386   -1.370  1.00 33.97 ? 47  LYS A CB  1 
ATOM   395  C  CG  . LYS A 1 52  ? -8.902  4.883   -1.384  1.00 38.81 ? 47  LYS A CG  1 
ATOM   396  C  CD  . LYS A 1 52  ? -9.093  4.332   -2.739  1.00 45.30 ? 47  LYS A CD  1 
ATOM   397  C  CE  . LYS A 1 52  ? -9.695  2.952   -2.657  1.00 51.21 ? 47  LYS A CE  1 
ATOM   398  N  NZ  . LYS A 1 52  ? -9.757  2.388   -4.023  1.00 64.42 ? 47  LYS A NZ  1 
ATOM   399  N  N   . GLN A 1 53  ? -7.768  9.383   -1.150  1.00 33.20 ? 48  GLN A N   1 
ATOM   400  C  CA  . GLN A 1 53  ? -7.963  10.850  -1.170  1.00 37.78 ? 48  GLN A CA  1 
ATOM   401  C  C   . GLN A 1 53  ? -6.791  11.511  -1.912  1.00 34.23 ? 48  GLN A C   1 
ATOM   402  O  O   . GLN A 1 53  ? -6.922  12.647  -2.241  1.00 33.97 ? 48  GLN A O   1 
ATOM   403  C  CB  . GLN A 1 53  ? -8.087  11.228  0.309   1.00 39.02 ? 48  GLN A CB  1 
ATOM   404  C  CG  . GLN A 1 53  ? -8.365  12.666  0.567   1.00 52.69 ? 48  GLN A CG  1 
ATOM   405  C  CD  . GLN A 1 53  ? -8.696  12.857  2.027   1.00 51.69 ? 48  GLN A CD  1 
ATOM   406  O  OE1 . GLN A 1 53  ? -9.862  12.673  2.394   1.00 49.59 ? 48  GLN A OE1 1 
ATOM   407  N  NE2 . GLN A 1 53  ? -7.660  13.182  2.831   1.00 35.48 ? 48  GLN A NE2 1 
ATOM   408  N  N   . GLY A 1 54  ? -5.668  10.815  -2.163  1.00 28.96 ? 49  GLY A N   1 
ATOM   409  C  CA  . GLY A 1 54  ? -4.491  11.349  -2.876  1.00 30.03 ? 49  GLY A CA  1 
ATOM   410  C  C   . GLY A 1 54  ? -3.480  12.041  -1.925  1.00 30.89 ? 49  GLY A C   1 
ATOM   411  O  O   . GLY A 1 54  ? -2.481  12.630  -2.389  1.00 30.16 ? 49  GLY A O   1 
ATOM   412  N  N   . ASP A 1 55  ? -3.612  11.833  -0.609  1.00 28.13 ? 50  ASP A N   1 
ATOM   413  C  CA  . ASP A 1 55  ? -2.720  12.434  0.416   1.00 27.18 ? 50  ASP A CA  1 
ATOM   414  C  C   . ASP A 1 55  ? -1.614  11.438  0.740   1.00 27.26 ? 50  ASP A C   1 
ATOM   415  O  O   . ASP A 1 55  ? -1.668  10.741  1.764   1.00 28.94 ? 50  ASP A O   1 
ATOM   416  C  CB  . ASP A 1 55  ? -3.543  12.939  1.601   1.00 27.01 ? 50  ASP A CB  1 
ATOM   417  C  CG  . ASP A 1 55  ? -4.366  14.180  1.191   1.00 29.06 ? 50  ASP A CG  1 
ATOM   418  O  OD1 . ASP A 1 55  ? -3.747  15.281  1.002   1.00 27.29 ? 50  ASP A OD1 1 
ATOM   419  O  OD2 . ASP A 1 55  ? -5.573  14.000  0.979   1.00 27.61 ? 50  ASP A OD2 1 
ATOM   420  N  N   . TYR A 1 56  ? -0.683  11.266  -0.164  1.00 26.39 ? 51  TYR A N   1 
ATOM   421  C  CA  . TYR A 1 56  ? 0.230   10.099  -0.145  1.00 27.35 ? 51  TYR A CA  1 
ATOM   422  C  C   . TYR A 1 56  ? 1.230   10.186  1.021   1.00 28.76 ? 51  TYR A C   1 
ATOM   423  O  O   . TYR A 1 56  ? 1.602   9.139   1.547   1.00 29.02 ? 51  TYR A O   1 
ATOM   424  C  CB  . TYR A 1 56  ? 0.953   10.026  -1.490  1.00 26.27 ? 51  TYR A CB  1 
ATOM   425  C  CG  . TYR A 1 56  ? 0.014   9.794   -2.621  1.00 26.55 ? 51  TYR A CG  1 
ATOM   426  C  CD1 . TYR A 1 56  ? -0.846  8.721   -2.617  1.00 29.49 ? 51  TYR A CD1 1 
ATOM   427  C  CD2 . TYR A 1 56  ? -0.058  10.715  -3.659  1.00 29.92 ? 51  TYR A CD2 1 
ATOM   428  C  CE1 . TYR A 1 56  ? -1.761  8.513   -3.624  1.00 30.29 ? 51  TYR A CE1 1 
ATOM   429  C  CE2 . TYR A 1 56  ? -0.995  10.553  -4.653  1.00 30.56 ? 51  TYR A CE2 1 
ATOM   430  C  CZ  . TYR A 1 56  ? -1.797  9.437   -4.650  1.00 34.87 ? 51  TYR A CZ  1 
ATOM   431  O  OH  . TYR A 1 56  ? -2.662  9.292   -5.661  1.00 34.34 ? 51  TYR A OH  1 
ATOM   432  N  N   . ASP A 1 57  ? 1.615   11.381  1.465   1.00 28.18 ? 52  ASP A N   1 
ATOM   433  C  CA  . ASP A 1 57  ? 2.606   11.525  2.562   1.00 29.28 ? 52  ASP A CA  1 
ATOM   434  C  C   . ASP A 1 57  ? 1.933   11.009  3.850   1.00 32.07 ? 52  ASP A C   1 
ATOM   435  O  O   . ASP A 1 57  ? 2.583   10.297  4.655   1.00 28.23 ? 52  ASP A O   1 
ATOM   436  C  CB  . ASP A 1 57  ? 3.142   12.965  2.667   1.00 30.05 ? 52  ASP A CB  1 
ATOM   437  C  CG  . ASP A 1 57  ? 2.081   14.032  2.868   1.00 28.79 ? 52  ASP A CG  1 
ATOM   438  O  OD1 . ASP A 1 57  ? 1.259   14.212  1.927   1.00 31.56 ? 52  ASP A OD1 1 
ATOM   439  O  OD2 . ASP A 1 57  ? 2.056   14.657  3.961   1.00 26.89 ? 52  ASP A OD2 1 
ATOM   440  N  N   . GLU A 1 58  ? 0.630   11.267  4.018   1.00 28.01 ? 53  GLU A N   1 
ATOM   441  C  CA  . GLU A 1 58  ? -0.132  10.726  5.179   1.00 28.89 ? 53  GLU A CA  1 
ATOM   442  C  C   . GLU A 1 58  ? -0.249  9.200   5.055   1.00 29.02 ? 53  GLU A C   1 
ATOM   443  O  O   . GLU A 1 58  ? -0.022  8.497   6.092   1.00 29.81 ? 53  GLU A O   1 
ATOM   444  C  CB  . GLU A 1 58  ? -1.523  11.364  5.312   1.00 29.36 ? 53  GLU A CB  1 
ATOM   445  C  CG  . GLU A 1 58  ? -1.505  12.762  5.918   1.00 28.55 ? 53  GLU A CG  1 
ATOM   446  C  CD  . GLU A 1 58  ? -0.954  13.841  5.020   1.00 32.42 ? 53  GLU A CD  1 
ATOM   447  O  OE1 . GLU A 1 58  ? -0.968  13.614  3.787   1.00 30.58 ? 53  GLU A OE1 1 
ATOM   448  O  OE2 . GLU A 1 58  ? -0.541  14.929  5.529   1.00 28.79 ? 53  GLU A OE2 1 
ATOM   449  N  N   . ALA A 1 59  ? -0.587  8.686   3.870   1.00 26.63 ? 54  ALA A N   1 
ATOM   450  C  CA  . ALA A 1 59  ? -0.686  7.233   3.623   1.00 27.57 ? 54  ALA A CA  1 
ATOM   451  C  C   . ALA A 1 59  ? 0.642   6.575   4.053   1.00 28.80 ? 54  ALA A C   1 
ATOM   452  O  O   . ALA A 1 59  ? 0.603   5.570   4.769   1.00 27.73 ? 54  ALA A O   1 
ATOM   453  C  CB  . ALA A 1 59  ? -1.004  6.900   2.193   1.00 28.86 ? 54  ALA A CB  1 
ATOM   454  N  N   . ILE A 1 60  ? 1.758   7.133   3.631   1.00 28.45 ? 55  ILE A N   1 
ATOM   455  C  CA  . ILE A 1 60  ? 3.095   6.567   3.984   1.00 28.83 ? 55  ILE A CA  1 
ATOM   456  C  C   . ILE A 1 60  ? 3.255   6.532   5.502   1.00 29.71 ? 55  ILE A C   1 
ATOM   457  O  O   . ILE A 1 60  ? 3.693   5.493   6.006   1.00 32.74 ? 55  ILE A O   1 
ATOM   458  C  CB  . ILE A 1 60  ? 4.199   7.371   3.305   1.00 28.59 ? 55  ILE A CB  1 
ATOM   459  C  CG1 . ILE A 1 60  ? 4.161   7.095   1.798   1.00 29.20 ? 55  ILE A CG1 1 
ATOM   460  C  CG2 . ILE A 1 60  ? 5.564   7.122   3.969   1.00 32.95 ? 55  ILE A CG2 1 
ATOM   461  C  CD1 . ILE A 1 60  ? 4.995   8.050   0.942   1.00 31.02 ? 55  ILE A CD1 1 
ATOM   462  N  N   . GLU A 1 61  ? 2.930   7.599   6.209   1.00 30.54 ? 56  GLU A N   1 
ATOM   463  C  CA  . GLU A 1 61  ? 3.109   7.647   7.689   1.00 34.85 ? 56  GLU A CA  1 
ATOM   464  C  C   . GLU A 1 61  ? 2.285   6.548   8.328   1.00 32.22 ? 56  GLU A C   1 
ATOM   465  O  O   . GLU A 1 61  ? 2.792   5.830   9.212   1.00 31.77 ? 56  GLU A O   1 
ATOM   466  C  CB  . GLU A 1 61  ? 2.734   9.008   8.245   1.00 36.93 ? 56  GLU A CB  1 
ATOM   467  C  CG  . GLU A 1 61  ? 3.720   10.101  7.838   1.00 53.27 ? 56  GLU A CG  1 
ATOM   468  C  CD  . GLU A 1 61  ? 5.228   9.864   8.065   1.00 69.53 ? 56  GLU A CD  1 
ATOM   469  O  OE1 . GLU A 1 61  ? 5.922   9.175   7.207   1.00 63.08 ? 56  GLU A OE1 1 
ATOM   470  O  OE2 . GLU A 1 61  ? 5.749   10.415  9.079   1.00 84.67 ? 56  GLU A OE2 1 
ATOM   471  N  N   . TYR A 1 62  ? 1.051   6.333   7.870   1.00 32.75 ? 57  TYR A N   1 
ATOM   472  C  CA  . TYR A 1 62  ? 0.158   5.323   8.507   1.00 30.15 ? 57  TYR A CA  1 
ATOM   473  C  C   . TYR A 1 62  ? 0.478   3.903   8.080   1.00 30.10 ? 57  TYR A C   1 
ATOM   474  O  O   . TYR A 1 62  ? 0.404   2.990   8.912   1.00 31.67 ? 57  TYR A O   1 
ATOM   475  C  CB  . TYR A 1 62  ? -1.304  5.729   8.399   1.00 32.43 ? 57  TYR A CB  1 
ATOM   476  C  CG  . TYR A 1 62  ? -1.519  7.027   9.130   1.00 32.32 ? 57  TYR A CG  1 
ATOM   477  C  CD1 . TYR A 1 62  ? -1.244  7.135   10.485  1.00 47.00 ? 57  TYR A CD1 1 
ATOM   478  C  CD2 . TYR A 1 62  ? -1.908  8.165   8.470   1.00 36.32 ? 57  TYR A CD2 1 
ATOM   479  C  CE1 . TYR A 1 62  ? -1.366  8.342   11.161  1.00 44.75 ? 57  TYR A CE1 1 
ATOM   480  C  CE2 . TYR A 1 62  ? -2.063  9.375   9.121   1.00 36.52 ? 57  TYR A CE2 1 
ATOM   481  C  CZ  . TYR A 1 62  ? -1.788  9.457   10.472  1.00 44.33 ? 57  TYR A CZ  1 
ATOM   482  O  OH  . TYR A 1 62  ? -1.909  10.629  11.124  1.00 45.23 ? 57  TYR A OH  1 
ATOM   483  N  N   . TYR A 1 63  ? 0.888   3.671   6.854   1.00 31.70 ? 58  TYR A N   1 
ATOM   484  C  CA  . TYR A 1 63  ? 1.381   2.339   6.431   1.00 29.67 ? 58  TYR A CA  1 
ATOM   485  C  C   . TYR A 1 63  ? 2.635   1.964   7.260   1.00 33.69 ? 58  TYR A C   1 
ATOM   486  O  O   . TYR A 1 63  ? 2.737   0.761   7.600   1.00 33.63 ? 58  TYR A O   1 
ATOM   487  C  CB  . TYR A 1 63  ? 1.693   2.339   4.931   1.00 31.99 ? 58  TYR A CB  1 
ATOM   488  C  CG  . TYR A 1 63  ? 0.492   2.411   4.001   1.00 25.77 ? 58  TYR A CG  1 
ATOM   489  C  CD1 . TYR A 1 63  ? -0.720  1.830   4.301   1.00 28.34 ? 58  TYR A CD1 1 
ATOM   490  C  CD2 . TYR A 1 63  ? 0.621   3.071   2.795   1.00 28.12 ? 58  TYR A CD2 1 
ATOM   491  C  CE1 . TYR A 1 63  ? -1.795  1.843   3.426   1.00 29.09 ? 58  TYR A CE1 1 
ATOM   492  C  CE2 . TYR A 1 63  ? -0.454  3.118   1.924   1.00 30.19 ? 58  TYR A CE2 1 
ATOM   493  C  CZ  . TYR A 1 63  ? -1.643  2.492   2.213   1.00 29.93 ? 58  TYR A CZ  1 
ATOM   494  O  OH  . TYR A 1 63  ? -2.687  2.513   1.330   1.00 31.26 ? 58  TYR A OH  1 
ATOM   495  N  N   . GLN A 1 64  ? 3.538   2.922   7.509   1.00 32.53 ? 59  GLN A N   1 
ATOM   496  C  CA  . GLN A 1 64  ? 4.809   2.683   8.236   1.00 33.02 ? 59  GLN A CA  1 
ATOM   497  C  C   . GLN A 1 64  ? 4.422   2.324   9.664   1.00 38.55 ? 59  GLN A C   1 
ATOM   498  O  O   . GLN A 1 64  ? 5.017   1.392   10.221  1.00 39.59 ? 59  GLN A O   1 
ATOM   499  C  CB  . GLN A 1 64  ? 5.727   3.895   8.189   1.00 34.30 ? 59  GLN A CB  1 
ATOM   500  C  CG  . GLN A 1 64  ? 6.475   4.024   6.877   1.00 38.71 ? 59  GLN A CG  1 
ATOM   501  C  CD  . GLN A 1 64  ? 7.255   5.311   6.761   1.00 50.13 ? 59  GLN A CD  1 
ATOM   502  O  OE1 . GLN A 1 64  ? 7.004   6.305   7.460   1.00 59.42 ? 59  GLN A OE1 1 
ATOM   503  N  NE2 . GLN A 1 64  ? 8.158   5.326   5.795   1.00 59.39 ? 59  GLN A NE2 1 
ATOM   504  N  N   . LYS A 1 65  ? 3.392   2.959   10.210  1.00 37.53 ? 60  LYS A N   1 
ATOM   505  C  CA  . LYS A 1 65  ? 2.918   2.645   11.589  1.00 38.57 ? 60  LYS A CA  1 
ATOM   506  C  C   . LYS A 1 65  ? 2.328   1.237   11.611  1.00 41.77 ? 60  LYS A C   1 
ATOM   507  O  O   . LYS A 1 65  ? 2.692   0.461   12.513  1.00 42.10 ? 60  LYS A O   1 
ATOM   508  C  CB  . LYS A 1 65  ? 1.933   3.691   12.101  1.00 37.82 ? 60  LYS A CB  1 
ATOM   509  C  CG  . LYS A 1 65  ? 1.511   3.496   13.545  1.00 46.18 ? 60  LYS A CG  1 
ATOM   510  C  CD  . LYS A 1 65  ? 2.707   3.516   14.507  1.00 54.03 ? 60  LYS A CD  1 
ATOM   511  C  CE  . LYS A 1 65  ? 2.341   4.034   15.884  1.00 64.25 ? 60  LYS A CE  1 
ATOM   512  N  NZ  . LYS A 1 65  ? 2.447   2.968   16.903  1.00 58.20 ? 60  LYS A NZ  1 
ATOM   513  N  N   . ALA A 1 66  ? 1.519   0.853   10.617  1.00 35.74 ? 61  ALA A N   1 
ATOM   514  C  CA  . ALA A 1 66  ? 0.985   -0.523  10.482  1.00 34.95 ? 61  ALA A CA  1 
ATOM   515  C  C   . ALA A 1 66  ? 2.147   -1.537  10.428  1.00 37.47 ? 61  ALA A C   1 
ATOM   516  O  O   . ALA A 1 66  ? 2.029   -2.616  11.057  1.00 39.06 ? 61  ALA A O   1 
ATOM   517  C  CB  . ALA A 1 66  ? 0.076   -0.661  9.268   1.00 36.17 ? 61  ALA A CB  1 
ATOM   518  N  N   . LEU A 1 67  ? 3.184   -1.261  9.636   1.00 35.95 ? 62  LEU A N   1 
ATOM   519  C  CA  . LEU A 1 67  ? 4.309   -2.216  9.420   1.00 37.95 ? 62  LEU A CA  1 
ATOM   520  C  C   . LEU A 1 67  ? 5.169   -2.352  10.686  1.00 42.13 ? 62  LEU A C   1 
ATOM   521  O  O   . LEU A 1 67  ? 5.699   -3.455  10.868  1.00 48.38 ? 62  LEU A O   1 
ATOM   522  C  CB  . LEU A 1 67  ? 5.165   -1.762  8.235   1.00 40.32 ? 62  LEU A CB  1 
ATOM   523  C  CG  . LEU A 1 67  ? 4.510   -2.023  6.884   1.00 40.46 ? 62  LEU A CG  1 
ATOM   524  C  CD1 . LEU A 1 67  ? 5.260   -1.254  5.789   1.00 38.68 ? 62  LEU A CD1 1 
ATOM   525  C  CD2 . LEU A 1 67  ? 4.434   -3.521  6.610   1.00 41.42 ? 62  LEU A CD2 1 
ATOM   526  N  N   . GLU A 1 68  ? 5.329   -1.279  11.463  1.00 45.79 ? 63  GLU A N   1 
ATOM   527  C  CA  . GLU A 1 68  ? 6.037   -1.255  12.781  1.00 50.72 ? 63  GLU A CA  1 
ATOM   528  C  C   . GLU A 1 68  ? 5.351   -2.259  13.695  1.00 48.53 ? 63  GLU A C   1 
ATOM   529  O  O   . GLU A 1 68  ? 6.027   -3.074  14.302  1.00 49.60 ? 63  GLU A O   1 
ATOM   530  C  CB  . GLU A 1 68  ? 6.069   0.136   13.409  1.00 50.99 ? 63  GLU A CB  1 
ATOM   531  C  CG  . GLU A 1 68  ? 7.244   0.959   12.915  1.00 65.24 ? 63  GLU A CG  1 
ATOM   532  C  CD  . GLU A 1 68  ? 7.084   2.460   13.117  1.00 76.53 ? 63  GLU A CD  1 
ATOM   533  O  OE1 . GLU A 1 68  ? 6.417   2.840   14.119  1.00 70.56 ? 63  GLU A OE1 1 
ATOM   534  O  OE2 . GLU A 1 68  ? 7.598   3.243   12.255  1.00 72.11 ? 63  GLU A OE2 1 
ATOM   535  N  N   . LEU A 1 69  ? 4.039   -2.272  13.661  1.00 43.80 ? 64  LEU A N   1 
ATOM   536  C  CA  . LEU A 1 69  ? 3.217   -3.179  14.489  1.00 46.36 ? 64  LEU A CA  1 
ATOM   537  C  C   . LEU A 1 69  ? 3.200   -4.577  13.899  1.00 52.13 ? 64  LEU A C   1 
ATOM   538  O  O   . LEU A 1 69  ? 3.084   -5.498  14.715  1.00 52.49 ? 64  LEU A O   1 
ATOM   539  C  CB  . LEU A 1 69  ? 1.799   -2.627  14.623  1.00 45.27 ? 64  LEU A CB  1 
ATOM   540  C  CG  . LEU A 1 69  ? 1.650   -1.320  15.407  1.00 49.20 ? 64  LEU A CG  1 
ATOM   541  C  CD1 . LEU A 1 69  ? 0.202   -0.848  15.343  1.00 50.58 ? 64  LEU A CD1 1 
ATOM   542  C  CD2 . LEU A 1 69  ? 2.080   -1.493  16.861  1.00 51.01 ? 64  LEU A CD2 1 
ATOM   543  N  N   . ASP A 1 70  ? 3.245   -4.739  12.565  1.00 46.50 ? 65  ASP A N   1 
ATOM   544  C  CA  . ASP A 1 70  ? 3.162   -6.074  11.892  1.00 50.86 ? 65  ASP A CA  1 
ATOM   545  C  C   . ASP A 1 70  ? 3.865   -6.117  10.534  1.00 55.29 ? 65  ASP A C   1 
ATOM   546  O  O   . ASP A 1 70  ? 3.228   -5.901  9.507   1.00 56.87 ? 65  ASP A O   1 
ATOM   547  C  CB  . ASP A 1 70  ? 1.737   -6.559  11.662  1.00 56.78 ? 65  ASP A CB  1 
ATOM   548  C  CG  . ASP A 1 70  ? 1.685   -8.037  11.221  1.00 63.08 ? 65  ASP A CG  1 
ATOM   549  O  OD1 . ASP A 1 70  ? 2.695   -8.570  10.695  1.00 63.53 ? 65  ASP A OD1 1 
ATOM   550  O  OD2 . ASP A 1 70  ? 0.635   -8.661  11.407  1.00 72.57 ? 65  ASP A OD2 1 
ATOM   551  N  N   . PRO A 1 71  ? 5.171   -6.490  10.486  1.00 52.54 ? 66  PRO A N   1 
ATOM   552  C  CA  . PRO A 1 71  ? 5.949   -6.449  9.242   1.00 50.15 ? 66  PRO A CA  1 
ATOM   553  C  C   . PRO A 1 71  ? 5.784   -7.640  8.281   1.00 54.60 ? 66  PRO A C   1 
ATOM   554  O  O   . PRO A 1 71  ? 6.502   -7.716  7.308   1.00 52.29 ? 66  PRO A O   1 
ATOM   555  C  CB  . PRO A 1 71  ? 7.390   -6.274  9.737   1.00 52.37 ? 66  PRO A CB  1 
ATOM   556  C  CG  . PRO A 1 71  ? 7.416   -6.903  11.122  1.00 50.81 ? 66  PRO A CG  1 
ATOM   557  C  CD  . PRO A 1 71  ? 6.006   -6.791  11.661  1.00 50.21 ? 66  PRO A CD  1 
ATOM   558  N  N   . ARG A 1 72  ? 4.777   -8.480  8.475   1.00 55.06 ? 67  ARG A N   1 
ATOM   559  C  CA  . ARG A 1 72  ? 4.597   -9.705  7.639   1.00 64.77 ? 67  ARG A CA  1 
ATOM   560  C  C   . ARG A 1 72  ? 3.449   -9.462  6.647   1.00 47.06 ? 67  ARG A C   1 
ATOM   561  O  O   . ARG A 1 72  ? 3.102   -10.353 5.909   1.00 50.00 ? 67  ARG A O   1 
ATOM   562  C  CB  . ARG A 1 72  ? 4.322   -10.930 8.528   1.00 74.06 ? 67  ARG A CB  1 
ATOM   563  C  CG  . ARG A 1 72  ? 5.383   -11.228 9.586   1.00 82.44 ? 67  ARG A CG  1 
ATOM   564  C  CD  . ARG A 1 72  ? 6.760   -11.601 9.024   1.00 91.93 ? 67  ARG A CD  1 
ATOM   565  N  NE  . ARG A 1 72  ? 6.737   -12.715 8.069   1.00 92.25 ? 67  ARG A NE  1 
ATOM   566  C  CZ  . ARG A 1 72  ? 7.799   -13.216 7.424   1.00 88.89 ? 67  ARG A CZ  1 
ATOM   567  N  NH1 . ARG A 1 72  ? 9.010   -12.725 7.631   1.00 90.08 ? 67  ARG A NH1 1 
ATOM   568  N  NH2 . ARG A 1 72  ? 7.646   -14.216 6.568   1.00 83.64 ? 67  ARG A NH2 1 
ATOM   569  N  N   . SER A 1 73  ? 2.870   -8.266  6.641   1.00 53.19 ? 68  SER A N   1 
ATOM   570  C  CA  . SER A 1 73  ? 1.778   -7.870  5.722   1.00 53.62 ? 68  SER A CA  1 
ATOM   571  C  C   . SER A 1 73  ? 2.342   -7.574  4.303   1.00 44.47 ? 68  SER A C   1 
ATOM   572  O  O   . SER A 1 73  ? 2.940   -6.480  4.180   1.00 47.17 ? 68  SER A O   1 
ATOM   573  C  CB  . SER A 1 73  ? 1.118   -6.653  6.334   1.00 57.46 ? 68  SER A CB  1 
ATOM   574  O  OG  . SER A 1 73  ? 0.164   -6.122  5.453   1.00 54.23 ? 68  SER A OG  1 
ATOM   575  N  N   . ALA A 1 74  ? 2.206   -8.491  3.318   1.00 40.24 ? 69  ALA A N   1 
ATOM   576  C  CA  . ALA A 1 74  ? 2.704   -8.266  1.936   1.00 40.31 ? 69  ALA A CA  1 
ATOM   577  C  C   . ALA A 1 74  ? 1.931   -7.043  1.398   1.00 49.95 ? 69  ALA A C   1 
ATOM   578  O  O   . ALA A 1 74  ? 2.542   -6.176  0.786   1.00 37.95 ? 69  ALA A O   1 
ATOM   579  C  CB  . ALA A 1 74  ? 2.562   -9.483  1.050   1.00 45.22 ? 69  ALA A CB  1 
ATOM   580  N  N   . GLU A 1 75  ? 0.643   -6.933  1.748   1.00 49.82 ? 70  GLU A N   1 
ATOM   581  C  CA  . GLU A 1 75  ? -0.325  -5.909  1.286   1.00 47.11 ? 70  GLU A CA  1 
ATOM   582  C  C   . GLU A 1 75  ? 0.120   -4.550  1.775   1.00 42.93 ? 70  GLU A C   1 
ATOM   583  O  O   . GLU A 1 75  ? 0.067   -3.622  0.995   1.00 40.72 ? 70  GLU A O   1 
ATOM   584  C  CB  . GLU A 1 75  ? -1.741  -6.154  1.825   1.00 54.99 ? 70  GLU A CB  1 
ATOM   585  C  CG  . GLU A 1 75  ? -2.272  -7.545  1.504   1.00 63.89 ? 70  GLU A CG  1 
ATOM   586  C  CD  . GLU A 1 75  ? -1.614  -8.675  2.309   1.00 74.13 ? 70  GLU A CD  1 
ATOM   587  O  OE1 . GLU A 1 75  ? -1.007  -8.372  3.399   1.00 65.61 ? 70  GLU A OE1 1 
ATOM   588  O  OE2 . GLU A 1 75  ? -1.645  -9.851  1.833   1.00 71.58 ? 70  GLU A OE2 1 
ATOM   589  N  N   . ALA A 1 76  ? 0.543   -4.437  3.013   1.00 37.35 ? 71  ALA A N   1 
ATOM   590  C  CA  . ALA A 1 76  ? 0.994   -3.162  3.562   1.00 42.32 ? 71  ALA A CA  1 
ATOM   591  C  C   . ALA A 1 76  ? 2.288   -2.724  2.866   1.00 42.58 ? 71  ALA A C   1 
ATOM   592  O  O   . ALA A 1 76  ? 2.404   -1.549  2.577   1.00 38.22 ? 71  ALA A O   1 
ATOM   593  C  CB  . ALA A 1 76  ? 1.157   -3.237  5.056   1.00 44.97 ? 71  ALA A CB  1 
ATOM   594  N  N   . TRP A 1 77  ? 3.270   -3.607  2.686   1.00 37.82 ? 72  TRP A N   1 
ATOM   595  C  CA  . TRP A 1 77  ? 4.517   -3.231  1.971   1.00 34.09 ? 72  TRP A CA  1 
ATOM   596  C  C   . TRP A 1 77  ? 4.168   -2.756  0.554   1.00 27.70 ? 72  TRP A C   1 
ATOM   597  O  O   . TRP A 1 77  ? 4.801   -1.811  0.072   1.00 31.25 ? 72  TRP A O   1 
ATOM   598  C  CB  . TRP A 1 77  ? 5.498   -4.404  1.921   1.00 33.62 ? 72  TRP A CB  1 
ATOM   599  C  CG  . TRP A 1 77  ? 6.088   -4.704  3.259   1.00 36.82 ? 72  TRP A CG  1 
ATOM   600  C  CD1 . TRP A 1 77  ? 5.755   -5.770  4.040   1.00 38.04 ? 72  TRP A CD1 1 
ATOM   601  C  CD2 . TRP A 1 77  ? 7.138   -3.992  3.944   1.00 33.76 ? 72  TRP A CD2 1 
ATOM   602  N  NE1 . TRP A 1 77  ? 6.519   -5.756  5.178   1.00 38.71 ? 72  TRP A NE1 1 
ATOM   603  C  CE2 . TRP A 1 77  ? 7.389   -4.704  5.137   1.00 40.53 ? 72  TRP A CE2 1 
ATOM   604  C  CE3 . TRP A 1 77  ? 7.888   -2.846  3.700   1.00 40.66 ? 72  TRP A CE3 1 
ATOM   605  C  CZ2 . TRP A 1 77  ? 8.329   -4.284  6.078   1.00 41.09 ? 72  TRP A CZ2 1 
ATOM   606  C  CZ3 . TRP A 1 77  ? 8.845   -2.447  4.610   1.00 50.20 ? 72  TRP A CZ3 1 
ATOM   607  C  CH2 . TRP A 1 77  ? 9.058   -3.159  5.790   1.00 43.64 ? 72  TRP A CH2 1 
ATOM   608  N  N   . TYR A 1 78  ? 3.318   -3.491  -0.133  1.00 29.31 ? 73  TYR A N   1 
ATOM   609  C  CA  . TYR A 1 78  ? 2.937   -3.176  -1.515  1.00 30.21 ? 73  TYR A CA  1 
ATOM   610  C  C   . TYR A 1 78  ? 2.299   -1.797  -1.536  1.00 34.47 ? 73  TYR A C   1 
ATOM   611  O  O   . TYR A 1 78  ? 2.664   -1.020  -2.405  1.00 28.49 ? 73  TYR A O   1 
ATOM   612  C  CB  . TYR A 1 78  ? 2.001   -4.244  -2.013  1.00 32.61 ? 73  TYR A CB  1 
ATOM   613  C  CG  . TYR A 1 78  ? 1.506   -3.997  -3.392  1.00 31.76 ? 73  TYR A CG  1 
ATOM   614  C  CD1 . TYR A 1 78  ? 2.380   -4.050  -4.450  1.00 37.26 ? 73  TYR A CD1 1 
ATOM   615  C  CD2 . TYR A 1 78  ? 0.172   -3.752  -3.645  1.00 35.31 ? 73  TYR A CD2 1 
ATOM   616  C  CE1 . TYR A 1 78  ? 1.948   -3.858  -5.742  1.00 38.18 ? 73  TYR A CE1 1 
ATOM   617  C  CE2 . TYR A 1 78  ? -0.298  -3.653  -4.941  1.00 37.56 ? 73  TYR A CE2 1 
ATOM   618  C  CZ  . TYR A 1 78  ? 0.607   -3.655  -5.984  1.00 40.95 ? 73  TYR A CZ  1 
ATOM   619  O  OH  . TYR A 1 78  ? 0.189   -3.517  -7.263  1.00 48.91 ? 73  TYR A OH  1 
ATOM   620  N  N   . ASN A 1 79  ? 1.365   -1.494  -0.617  1.00 32.29 ? 74  ASN A N   1 
ATOM   621  C  CA  . ASN A 1 79  ? 0.680   -0.183  -0.654  1.00 31.84 ? 74  ASN A CA  1 
ATOM   622  C  C   . ASN A 1 79  ? 1.654   0.902   -0.268  1.00 32.55 ? 74  ASN A C   1 
ATOM   623  O  O   . ASN A 1 79  ? 1.533   2.008   -0.792  1.00 28.85 ? 74  ASN A O   1 
ATOM   624  C  CB  . ASN A 1 79  ? -0.575  -0.177  0.199   1.00 38.62 ? 74  ASN A CB  1 
ATOM   625  C  CG  . ASN A 1 79  ? -1.684  -0.948  -0.479  1.00 44.58 ? 74  ASN A CG  1 
ATOM   626  O  OD1 . ASN A 1 79  ? -1.566  -1.272  -1.653  1.00 43.47 ? 74  ASN A OD1 1 
ATOM   627  N  ND2 . ASN A 1 79  ? -2.750  -1.220  0.252   1.00 43.20 ? 74  ASN A ND2 1 
ATOM   628  N  N   . LEU A 1 80  ? 2.630   0.597   0.598   1.00 29.33 ? 75  LEU A N   1 
ATOM   629  C  CA  . LEU A 1 80  ? 3.656   1.583   0.928   1.00 29.70 ? 75  LEU A CA  1 
ATOM   630  C  C   . LEU A 1 80  ? 4.443   1.889   -0.351  1.00 27.54 ? 75  LEU A C   1 
ATOM   631  O  O   . LEU A 1 80  ? 4.727   3.051   -0.629  1.00 29.05 ? 75  LEU A O   1 
ATOM   632  C  CB  . LEU A 1 80  ? 4.574   1.016   2.014   1.00 31.16 ? 75  LEU A CB  1 
ATOM   633  C  CG  . LEU A 1 80  ? 5.672   1.956   2.472   1.00 38.01 ? 75  LEU A CG  1 
ATOM   634  C  CD1 . LEU A 1 80  ? 5.100   3.301   2.990   1.00 37.86 ? 75  LEU A CD1 1 
ATOM   635  C  CD2 . LEU A 1 80  ? 6.520   1.260   3.543   1.00 39.31 ? 75  LEU A CD2 1 
ATOM   636  N  N   . GLY A 1 81  ? 4.809   0.856   -1.094  1.00 29.74 ? 76  GLY A N   1 
ATOM   637  C  CA  . GLY A 1 81  ? 5.495   1.045   -2.389  1.00 28.37 ? 76  GLY A CA  1 
ATOM   638  C  C   . GLY A 1 81  ? 4.664   1.928   -3.312  1.00 27.61 ? 76  GLY A C   1 
ATOM   639  O  O   . GLY A 1 81  ? 5.255   2.826   -3.939  1.00 28.16 ? 76  GLY A O   1 
ATOM   640  N  N   . ASN A 1 82  ? 3.367   1.645   -3.431  1.00 24.59 ? 77  ASN A N   1 
ATOM   641  C  CA  . ASN A 1 82  ? 2.449   2.392   -4.310  1.00 28.03 ? 77  ASN A CA  1 
ATOM   642  C  C   . ASN A 1 82  ? 2.447   3.870   -3.897  1.00 29.17 ? 77  ASN A C   1 
ATOM   643  O  O   . ASN A 1 82  ? 2.447   4.721   -4.780  1.00 26.89 ? 77  ASN A O   1 
ATOM   644  C  CB  . ASN A 1 82  ? 1.040   1.812   -4.316  1.00 28.94 ? 77  ASN A CB  1 
ATOM   645  C  CG  . ASN A 1 82  ? 0.932   0.486   -5.005  1.00 34.08 ? 77  ASN A CG  1 
ATOM   646  O  OD1 . ASN A 1 82  ? 1.724   0.169   -5.890  1.00 34.17 ? 77  ASN A OD1 1 
ATOM   647  N  ND2 . ASN A 1 82  ? 0.035   -0.340  -4.524  1.00 38.80 ? 77  ASN A ND2 1 
ATOM   648  N  N   . ALA A 1 83  ? 2.393   4.198   -2.599  1.00 27.65 ? 78  ALA A N   1 
ATOM   649  C  CA  . ALA A 1 83  ? 2.385   5.587   -2.132  1.00 29.45 ? 78  ALA A CA  1 
ATOM   650  C  C   . ALA A 1 83  ? 3.680   6.307   -2.528  1.00 32.10 ? 78  ALA A C   1 
ATOM   651  O  O   . ALA A 1 83  ? 3.638   7.466   -2.987  1.00 30.70 ? 78  ALA A O   1 
ATOM   652  C  CB  . ALA A 1 83  ? 2.104   5.621   -0.655  1.00 31.52 ? 78  ALA A CB  1 
ATOM   653  N  N   . TYR A 1 84  ? 4.825   5.649   -2.391  1.00 27.18 ? 79  TYR A N   1 
ATOM   654  C  CA  . TYR A 1 84  ? 6.113   6.219   -2.819  1.00 29.56 ? 79  TYR A CA  1 
ATOM   655  C  C   . TYR A 1 84  ? 6.121   6.382   -4.334  1.00 29.56 ? 79  TYR A C   1 
ATOM   656  O  O   . TYR A 1 84  ? 6.564   7.431   -4.812  1.00 33.05 ? 79  TYR A O   1 
ATOM   657  C  CB  . TYR A 1 84  ? 7.266   5.369   -2.297  1.00 31.68 ? 79  TYR A CB  1 
ATOM   658  C  CG  . TYR A 1 84  ? 7.671   5.707   -0.884  1.00 33.08 ? 79  TYR A CG  1 
ATOM   659  C  CD1 . TYR A 1 84  ? 8.308   6.905   -0.601  1.00 35.66 ? 79  TYR A CD1 1 
ATOM   660  C  CD2 . TYR A 1 84  ? 7.418   4.851   0.161   1.00 33.55 ? 79  TYR A CD2 1 
ATOM   661  C  CE1 . TYR A 1 84  ? 8.721   7.220   0.684   1.00 36.57 ? 79  TYR A CE1 1 
ATOM   662  C  CE2 . TYR A 1 84  ? 7.808   5.151   1.455   1.00 37.38 ? 79  TYR A CE2 1 
ATOM   663  C  CZ  . TYR A 1 84  ? 8.467   6.339   1.708   1.00 36.47 ? 79  TYR A CZ  1 
ATOM   664  O  OH  . TYR A 1 84  ? 8.847   6.605   2.982   1.00 41.17 ? 79  TYR A OH  1 
ATOM   665  N  N   . TYR A 1 85  ? 5.626   5.384   -5.072  1.00 29.46 ? 80  TYR A N   1 
ATOM   666  C  CA  . TYR A 1 85  ? 5.521   5.447   -6.545  1.00 29.04 ? 80  TYR A CA  1 
ATOM   667  C  C   . TYR A 1 85  ? 4.751   6.712   -6.939  1.00 31.56 ? 80  TYR A C   1 
ATOM   668  O  O   . TYR A 1 85  ? 5.130   7.449   -7.886  1.00 32.20 ? 80  TYR A O   1 
ATOM   669  C  CB  . TYR A 1 85  ? 4.801   4.234   -7.125  1.00 29.19 ? 80  TYR A CB  1 
ATOM   670  C  CG  . TYR A 1 85  ? 4.845   4.112   -8.627  1.00 31.42 ? 80  TYR A CG  1 
ATOM   671  C  CD1 . TYR A 1 85  ? 3.987   4.843   -9.451  1.00 32.35 ? 80  TYR A CD1 1 
ATOM   672  C  CD2 . TYR A 1 85  ? 5.765   3.267   -9.224  1.00 32.50 ? 80  TYR A CD2 1 
ATOM   673  C  CE1 . TYR A 1 85  ? 4.027   4.719   -10.832 1.00 35.24 ? 80  TYR A CE1 1 
ATOM   674  C  CE2 . TYR A 1 85  ? 5.835   3.146   -10.609 1.00 37.27 ? 80  TYR A CE2 1 
ATOM   675  C  CZ  . TYR A 1 85  ? 4.970   3.877   -11.413 1.00 38.44 ? 80  TYR A CZ  1 
ATOM   676  O  OH  . TYR A 1 85  ? 4.998   3.698   -12.757 1.00 39.67 ? 80  TYR A OH  1 
ATOM   677  N  N   . LYS A 1 86  ? 3.627   6.955   -6.265  1.00 28.93 ? 81  LYS A N   1 
ATOM   678  C  CA  . LYS A 1 86  ? 2.758   8.126   -6.573  1.00 31.18 ? 81  LYS A CA  1 
ATOM   679  C  C   . LYS A 1 86  ? 3.439   9.462   -6.251  1.00 34.25 ? 81  LYS A C   1 
ATOM   680  O  O   . LYS A 1 86  ? 3.004   10.445  -6.813  1.00 37.13 ? 81  LYS A O   1 
ATOM   681  C  CB  . LYS A 1 86  ? 1.456   8.004   -5.796  1.00 33.42 ? 81  LYS A CB  1 
ATOM   682  C  CG  . LYS A 1 86  ? 0.457   7.009   -6.367  1.00 33.13 ? 81  LYS A CG  1 
ATOM   683  C  CD  . LYS A 1 86  ? -0.103  7.384   -7.708  1.00 38.84 ? 81  LYS A CD  1 
ATOM   684  C  CE  . LYS A 1 86  ? -1.353  6.573   -7.961  1.00 51.88 ? 81  LYS A CE  1 
ATOM   685  N  NZ  . LYS A 1 86  ? -1.796  6.666   -9.367  1.00 54.78 ? 81  LYS A NZ  1 
ATOM   686  N  N   . GLN A 1 87  ? 4.435   9.522   -5.381  1.00 35.96 ? 82  GLN A N   1 
ATOM   687  C  CA  . GLN A 1 87  ? 5.239   10.756  -5.107  1.00 37.06 ? 82  GLN A CA  1 
ATOM   688  C  C   . GLN A 1 87  ? 6.418   10.892  -6.058  1.00 38.78 ? 82  GLN A C   1 
ATOM   689  O  O   . GLN A 1 87  ? 7.213   11.801  -5.809  1.00 41.65 ? 82  GLN A O   1 
ATOM   690  C  CB  . GLN A 1 87  ? 5.904   10.727  -3.733  1.00 37.17 ? 82  GLN A CB  1 
ATOM   691  C  CG  . GLN A 1 87  ? 4.874   10.711  -2.666  1.00 35.96 ? 82  GLN A CG  1 
ATOM   692  C  CD  . GLN A 1 87  ? 5.360   10.926  -1.264  1.00 36.85 ? 82  GLN A CD  1 
ATOM   693  O  OE1 . GLN A 1 87  ? 4.555   11.378  -0.472  1.00 35.42 ? 82  GLN A OE1 1 
ATOM   694  N  NE2 . GLN A 1 87  ? 6.585   10.536  -0.924  1.00 36.04 ? 82  GLN A NE2 1 
ATOM   695  N  N   . GLY A 1 88  ? 6.631   9.938   -6.984  1.00 38.03 ? 83  GLY A N   1 
ATOM   696  C  CA  . GLY A 1 88  ? 7.834   9.878   -7.842  1.00 38.52 ? 83  GLY A CA  1 
ATOM   697  C  C   . GLY A 1 88  ? 9.076   9.362   -7.135  1.00 40.17 ? 83  GLY A C   1 
ATOM   698  O  O   . GLY A 1 88  ? 10.184  9.472   -7.696  1.00 44.00 ? 83  GLY A O   1 
ATOM   699  N  N   . ASP A 1 89  ? 8.929   8.730   -5.977  1.00 35.78 ? 84  ASP A N   1 
ATOM   700  C  CA  . ASP A 1 89  ? 10.048  8.136   -5.192  1.00 37.00 ? 84  ASP A CA  1 
ATOM   701  C  C   . ASP A 1 89  ? 10.287  6.677   -5.646  1.00 37.59 ? 84  ASP A C   1 
ATOM   702  O  O   . ASP A 1 89  ? 9.977   5.733   -4.903  1.00 32.93 ? 84  ASP A O   1 
ATOM   703  C  CB  . ASP A 1 89  ? 9.729   8.257   -3.714  1.00 38.57 ? 84  ASP A CB  1 
ATOM   704  C  CG  . ASP A 1 89  ? 9.785   9.696   -3.232  1.00 51.35 ? 84  ASP A CG  1 
ATOM   705  O  OD1 . ASP A 1 89  ? 10.589  10.463  -3.804  1.00 47.46 ? 84  ASP A OD1 1 
ATOM   706  O  OD2 . ASP A 1 89  ? 9.036   10.028  -2.297  1.00 44.05 ? 84  ASP A OD2 1 
ATOM   707  N  N   . TYR A 1 90  ? 10.780  6.497   -6.857  1.00 38.35 ? 85  TYR A N   1 
ATOM   708  C  CA  . TYR A 1 90  ? 10.882  5.158   -7.493  1.00 40.70 ? 85  TYR A CA  1 
ATOM   709  C  C   . TYR A 1 90  ? 11.854  4.273   -6.712  1.00 39.93 ? 85  TYR A C   1 
ATOM   710  O  O   . TYR A 1 90  ? 11.617  3.026   -6.633  1.00 35.71 ? 85  TYR A O   1 
ATOM   711  C  CB  . TYR A 1 90  ? 11.203  5.321   -8.980  1.00 38.80 ? 85  TYR A CB  1 
ATOM   712  C  CG  . TYR A 1 90  ? 10.171  6.140   -9.698  1.00 40.71 ? 85  TYR A CG  1 
ATOM   713  C  CD1 . TYR A 1 90  ? 8.848   5.736   -9.724  1.00 39.77 ? 85  TYR A CD1 1 
ATOM   714  C  CD2 . TYR A 1 90  ? 10.509  7.351   -10.288 1.00 43.19 ? 85  TYR A CD2 1 
ATOM   715  C  CE1 . TYR A 1 90  ? 7.881   6.502   -10.348 1.00 43.79 ? 85  TYR A CE1 1 
ATOM   716  C  CE2 . TYR A 1 90  ? 9.565   8.122   -10.925 1.00 42.11 ? 85  TYR A CE2 1 
ATOM   717  C  CZ  . TYR A 1 90  ? 8.257   7.692   -10.954 1.00 43.09 ? 85  TYR A CZ  1 
ATOM   718  O  OH  . TYR A 1 90  ? 7.326   8.439   -11.587 1.00 45.13 ? 85  TYR A OH  1 
ATOM   719  N  N   . ASP A 1 91  ? 12.921  4.835   -6.151  1.00 37.16 ? 86  ASP A N   1 
ATOM   720  C  CA  . ASP A 1 91  ? 13.915  4.033   -5.412  1.00 37.10 ? 86  ASP A CA  1 
ATOM   721  C  C   . ASP A 1 91  ? 13.239  3.377   -4.217  1.00 41.19 ? 86  ASP A C   1 
ATOM   722  O  O   . ASP A 1 91  ? 13.511  2.181   -3.970  1.00 35.82 ? 86  ASP A O   1 
ATOM   723  C  CB  . ASP A 1 91  ? 15.120  4.833   -4.884  1.00 48.29 ? 86  ASP A CB  1 
ATOM   724  C  CG  . ASP A 1 91  ? 16.041  5.399   -5.959  1.00 53.03 ? 86  ASP A CG  1 
ATOM   725  O  OD1 . ASP A 1 91  ? 15.855  5.067   -7.148  1.00 59.96 ? 86  ASP A OD1 1 
ATOM   726  O  OD2 . ASP A 1 91  ? 16.916  6.224   -5.602  1.00 65.46 ? 86  ASP A OD2 1 
ATOM   727  N  N   . GLU A 1 92  ? 12.446  4.139   -3.456  1.00 35.05 ? 87  GLU A N   1 
ATOM   728  C  CA  . GLU A 1 92  ? 11.700  3.587   -2.299  1.00 35.93 ? 87  GLU A CA  1 
ATOM   729  C  C   . GLU A 1 92  ? 10.613  2.616   -2.765  1.00 31.83 ? 87  GLU A C   1 
ATOM   730  O  O   . GLU A 1 92  ? 10.403  1.610   -2.072  1.00 36.08 ? 87  GLU A O   1 
ATOM   731  C  CB  . GLU A 1 92  ? 11.070  4.702   -1.469  1.00 38.84 ? 87  GLU A CB  1 
ATOM   732  C  CG  . GLU A 1 92  ? 12.072  5.519   -0.722  1.00 40.41 ? 87  GLU A CG  1 
ATOM   733  C  CD  . GLU A 1 92  ? 12.811  6.613   -1.478  1.00 45.85 ? 87  GLU A CD  1 
ATOM   734  O  OE1 . GLU A 1 92  ? 12.630  6.830   -2.723  1.00 41.65 ? 87  GLU A OE1 1 
ATOM   735  O  OE2 . GLU A 1 92  ? 13.603  7.259   -0.799  1.00 64.27 ? 87  GLU A OE2 1 
ATOM   736  N  N   . ALA A 1 93  ? 9.926   2.905   -3.864  1.00 30.25 ? 88  ALA A N   1 
ATOM   737  C  CA  . ALA A 1 93  ? 8.872   2.005   -4.355  1.00 30.38 ? 88  ALA A CA  1 
ATOM   738  C  C   . ALA A 1 93  ? 9.516   0.640   -4.630  1.00 32.78 ? 88  ALA A C   1 
ATOM   739  O  O   . ALA A 1 93  ? 8.983   -0.349  -4.198  1.00 32.28 ? 88  ALA A O   1 
ATOM   740  C  CB  . ALA A 1 93  ? 8.201   2.558   -5.546  1.00 31.85 ? 88  ALA A CB  1 
ATOM   741  N  N   . ILE A 1 94  ? 10.667  0.627   -5.287  1.00 33.36 ? 89  ILE A N   1 
ATOM   742  C  CA  . ILE A 1 94  ? 11.383  -0.641  -5.636  1.00 31.83 ? 89  ILE A CA  1 
ATOM   743  C  C   . ILE A 1 94  ? 11.669  -1.403  -4.349  1.00 31.72 ? 89  ILE A C   1 
ATOM   744  O  O   . ILE A 1 94  ? 11.409  -2.631  -4.279  1.00 31.63 ? 89  ILE A O   1 
ATOM   745  C  CB  . ILE A 1 94  ? 12.631  -0.322  -6.490  1.00 31.10 ? 89  ILE A CB  1 
ATOM   746  C  CG1 . ILE A 1 94  ? 12.194  0.059   -7.903  1.00 32.37 ? 89  ILE A CG1 1 
ATOM   747  C  CG2 . ILE A 1 94  ? 13.632  -1.470  -6.492  1.00 34.66 ? 89  ILE A CG2 1 
ATOM   748  C  CD1 . ILE A 1 94  ? 13.244  0.793   -8.718  1.00 34.67 ? 89  ILE A CD1 1 
ATOM   749  N  N   . GLU A 1 95  ? 12.211  -0.727  -3.349  1.00 32.03 ? 90  GLU A N   1 
ATOM   750  C  CA  . GLU A 1 95  ? 12.582  -1.383  -2.080  1.00 37.17 ? 90  GLU A CA  1 
ATOM   751  C  C   . GLU A 1 95  ? 11.342  -2.045  -1.467  1.00 36.27 ? 90  GLU A C   1 
ATOM   752  O  O   . GLU A 1 95  ? 11.392  -3.206  -0.983  1.00 33.96 ? 90  GLU A O   1 
ATOM   753  C  CB  . GLU A 1 95  ? 13.198  -0.360  -1.110  1.00 40.32 ? 90  GLU A CB  1 
ATOM   754  C  CG  . GLU A 1 95  ? 13.445  -0.954  0.262   1.00 49.25 ? 90  GLU A CG  1 
ATOM   755  C  CD  . GLU A 1 95  ? 14.063  -0.021  1.311   1.00 68.98 ? 90  GLU A CD  1 
ATOM   756  O  OE1 . GLU A 1 95  ? 14.325  -0.501  2.455   1.00 78.50 ? 90  GLU A OE1 1 
ATOM   757  O  OE2 . GLU A 1 95  ? 14.274  1.188   1.008   1.00 78.52 ? 90  GLU A OE2 1 
ATOM   758  N  N   . TYR A 1 96  ? 10.224  -1.346  -1.416  1.00 32.30 ? 91  TYR A N   1 
ATOM   759  C  CA  . TYR A 1 96  ? 9.034   -1.867  -0.688  1.00 30.46 ? 91  TYR A CA  1 
ATOM   760  C  C   . TYR A 1 96  ? 8.319   -2.905  -1.530  1.00 30.14 ? 91  TYR A C   1 
ATOM   761  O  O   . TYR A 1 96  ? 7.798   -3.850  -0.953  1.00 29.73 ? 91  TYR A O   1 
ATOM   762  C  CB  . TYR A 1 96  ? 8.177   -0.713  -0.159  1.00 32.36 ? 91  TYR A CB  1 
ATOM   763  C  CG  . TYR A 1 96  ? 8.968   0.140   0.801   1.00 34.11 ? 91  TYR A CG  1 
ATOM   764  C  CD1 . TYR A 1 96  ? 9.704   -0.441  1.827   1.00 41.93 ? 91  TYR A CD1 1 
ATOM   765  C  CD2 . TYR A 1 96  ? 9.052   1.518   0.629   1.00 38.11 ? 91  TYR A CD2 1 
ATOM   766  C  CE1 . TYR A 1 96  ? 10.425  0.342   2.727   1.00 46.39 ? 91  TYR A CE1 1 
ATOM   767  C  CE2 . TYR A 1 96  ? 9.799   2.307   1.491   1.00 38.15 ? 91  TYR A CE2 1 
ATOM   768  C  CZ  . TYR A 1 96  ? 10.467  1.712   2.551   1.00 41.30 ? 91  TYR A CZ  1 
ATOM   769  O  OH  . TYR A 1 96  ? 11.199  2.521   3.353   1.00 49.42 ? 91  TYR A OH  1 
ATOM   770  N  N   . TYR A 1 97  ? 8.313   -2.743  -2.845  1.00 28.71 ? 92  TYR A N   1 
ATOM   771  C  CA  . TYR A 1 97  ? 7.735   -3.754  -3.749  1.00 28.68 ? 92  TYR A CA  1 
ATOM   772  C  C   . TYR A 1 97  ? 8.537   -5.051  -3.600  1.00 32.36 ? 92  TYR A C   1 
ATOM   773  O  O   . TYR A 1 97  ? 7.943   -6.143  -3.567  1.00 29.24 ? 92  TYR A O   1 
ATOM   774  C  CB  . TYR A 1 97  ? 7.757   -3.336  -5.212  1.00 27.35 ? 92  TYR A CB  1 
ATOM   775  C  CG  . TYR A 1 97  ? 6.769   -2.273  -5.601  1.00 28.31 ? 92  TYR A CG  1 
ATOM   776  C  CD1 . TYR A 1 97  ? 5.545   -2.127  -4.964  1.00 30.13 ? 92  TYR A CD1 1 
ATOM   777  C  CD2 . TYR A 1 97  ? 7.044   -1.431  -6.674  1.00 30.22 ? 92  TYR A CD2 1 
ATOM   778  C  CE1 . TYR A 1 97  ? 4.628   -1.158  -5.369  1.00 32.03 ? 92  TYR A CE1 1 
ATOM   779  C  CE2 . TYR A 1 97  ? 6.147   -0.466  -7.078  1.00 33.72 ? 92  TYR A CE2 1 
ATOM   780  C  CZ  . TYR A 1 97  ? 4.930   -0.324  -6.432  1.00 35.59 ? 92  TYR A CZ  1 
ATOM   781  O  OH  . TYR A 1 97  ? 4.032   0.618   -6.856  1.00 35.49 ? 92  TYR A OH  1 
ATOM   782  N  N   . GLN A 1 98  ? 9.862   -4.954  -3.526  1.00 32.86 ? 93  GLN A N   1 
ATOM   783  C  CA  . GLN A 1 98  ? 10.728  -6.160  -3.375  1.00 34.44 ? 93  GLN A CA  1 
ATOM   784  C  C   . GLN A 1 98  ? 10.390  -6.845  -2.058  1.00 35.98 ? 93  GLN A C   1 
ATOM   785  O  O   . GLN A 1 98  ? 10.282  -8.065  -2.061  1.00 35.68 ? 93  GLN A O   1 
ATOM   786  C  CB  . GLN A 1 98  ? 12.212  -5.783  -3.480  1.00 38.32 ? 93  GLN A CB  1 
ATOM   787  C  CG  . GLN A 1 98  ? 12.567  -5.536  -4.944  1.00 42.78 ? 93  GLN A CG  1 
ATOM   788  C  CD  . GLN A 1 98  ? 14.010  -5.230  -5.256  1.00 58.78 ? 93  GLN A CD  1 
ATOM   789  O  OE1 . GLN A 1 98  ? 14.798  -4.842  -4.384  1.00 59.81 ? 93  GLN A OE1 1 
ATOM   790  N  NE2 . GLN A 1 98  ? 14.327  -5.352  -6.542  1.00 65.55 ? 93  GLN A NE2 1 
ATOM   791  N  N   . LYS A 1 99  ? 10.219  -6.078  -0.992  1.00 36.03 ? 94  LYS A N   1 
ATOM   792  C  CA  . LYS A 1 99  ? 9.865   -6.634  0.340   1.00 35.16 ? 94  LYS A CA  1 
ATOM   793  C  C   . LYS A 1 99  ? 8.505   -7.349  0.237   1.00 38.26 ? 94  LYS A C   1 
ATOM   794  O  O   . LYS A 1 99  ? 8.386   -8.478  0.660   1.00 37.87 ? 94  LYS A O   1 
ATOM   795  C  CB  . LYS A 1 99  ? 9.989   -5.517  1.362   1.00 39.72 ? 94  LYS A CB  1 
ATOM   796  C  CG  . LYS A 1 99  ? 9.709   -5.934  2.790   1.00 56.31 ? 94  LYS A CG  1 
ATOM   797  C  CD  . LYS A 1 99  ? 10.680  -6.965  3.338   1.00 59.00 ? 94  LYS A CD  1 
ATOM   798  C  CE  . LYS A 1 99  ? 10.248  -7.496  4.685   1.00 65.55 ? 94  LYS A CE  1 
ATOM   799  N  NZ  . LYS A 1 99  ? 10.375  -8.969  4.720   1.00 70.22 ? 94  LYS A NZ  1 
ATOM   800  N  N   . ALA A 1 100 ? 7.526   -6.789  -0.467  1.00 34.19 ? 95  ALA A N   1 
ATOM   801  C  CA  . ALA A 1 100 ? 6.200   -7.411  -0.632  1.00 32.09 ? 95  ALA A CA  1 
ATOM   802  C  C   . ALA A 1 100 ? 6.301   -8.747  -1.384  1.00 36.15 ? 95  ALA A C   1 
ATOM   803  O  O   . ALA A 1 100 ? 5.663   -9.714  -0.971  1.00 35.13 ? 95  ALA A O   1 
ATOM   804  C  CB  . ALA A 1 100 ? 5.280   -6.423  -1.303  1.00 31.19 ? 95  ALA A CB  1 
ATOM   805  N  N   . LEU A 1 101 ? 7.114   -8.798  -2.442  1.00 33.65 ? 96  LEU A N   1 
ATOM   806  C  CA  . LEU A 1 101 ? 7.223   -9.955  -3.357  1.00 33.88 ? 96  LEU A CA  1 
ATOM   807  C  C   . LEU A 1 101 ? 8.037   -11.072 -2.673  1.00 38.92 ? 96  LEU A C   1 
ATOM   808  O  O   . LEU A 1 101 ? 7.794   -12.242 -3.007  1.00 41.37 ? 96  LEU A O   1 
ATOM   809  C  CB  . LEU A 1 101 ? 7.844   -9.477  -4.668  1.00 35.15 ? 96  LEU A CB  1 
ATOM   810  C  CG  . LEU A 1 101 ? 6.839   -8.791  -5.582  1.00 37.26 ? 96  LEU A CG  1 
ATOM   811  C  CD1 . LEU A 1 101 ? 7.541   -8.020  -6.686  1.00 41.07 ? 96  LEU A CD1 1 
ATOM   812  C  CD2 . LEU A 1 101 ? 5.821   -9.777  -6.146  1.00 40.99 ? 96  LEU A CD2 1 
ATOM   813  N  N   . GLU A 1 102 ? 8.929   -10.719 -1.747  1.00 38.65 ? 97  GLU A N   1 
ATOM   814  C  CA  . GLU A 1 102 ? 9.632   -11.693 -0.881  1.00 46.54 ? 97  GLU A CA  1 
ATOM   815  C  C   . GLU A 1 102 ? 8.603   -12.389 0.005   1.00 51.17 ? 97  GLU A C   1 
ATOM   816  O  O   . GLU A 1 102 ? 8.737   -13.595 0.182   1.00 47.04 ? 97  GLU A O   1 
ATOM   817  C  CB  . GLU A 1 102 ? 10.606  -11.049 0.097   1.00 51.99 ? 97  GLU A CB  1 
ATOM   818  C  CG  . GLU A 1 102 ? 11.956  -10.629 -0.457  1.00 65.63 ? 97  GLU A CG  1 
ATOM   819  C  CD  . GLU A 1 102 ? 12.775  -9.896  0.618   1.00 74.91 ? 97  GLU A CD  1 
ATOM   820  O  OE1 . GLU A 1 102 ? 13.318  -8.802  0.319   1.00 72.34 ? 97  GLU A OE1 1 
ATOM   821  O  OE2 . GLU A 1 102 ? 12.796  -10.375 1.785   1.00 69.34 ? 97  GLU A OE2 1 
ATOM   822  N  N   . LEU A 1 103 ? 7.635   -11.655 0.569   1.00 47.35 ? 98  LEU A N   1 
ATOM   823  C  CA  . LEU A 1 103 ? 6.563   -12.256 1.407   1.00 42.68 ? 98  LEU A CA  1 
ATOM   824  C  C   . LEU A 1 103 ? 5.547   -12.953 0.513   1.00 50.54 ? 98  LEU A C   1 
ATOM   825  O  O   . LEU A 1 103 ? 5.103   -14.030 0.884   1.00 52.21 ? 98  LEU A O   1 
ATOM   826  C  CB  . LEU A 1 103 ? 5.922   -11.205 2.310   1.00 45.58 ? 98  LEU A CB  1 
ATOM   827  C  CG  . LEU A 1 103 ? 6.906   -10.505 3.247   1.00 49.89 ? 98  LEU A CG  1 
ATOM   828  C  CD1 . LEU A 1 103 ? 6.290   -9.306  3.932   1.00 48.50 ? 98  LEU A CD1 1 
ATOM   829  C  CD2 . LEU A 1 103 ? 7.404   -11.469 4.293   1.00 60.15 ? 98  LEU A CD2 1 
ATOM   830  N  N   . ASP A 1 104 ? 5.222   -12.441 -0.664  1.00 40.65 ? 99  ASP A N   1 
ATOM   831  C  CA  . ASP A 1 104 ? 4.206   -13.103 -1.500  1.00 40.48 ? 99  ASP A CA  1 
ATOM   832  C  C   . ASP A 1 104 ? 4.504   -12.902 -2.973  1.00 43.23 ? 99  ASP A C   1 
ATOM   833  O  O   . ASP A 1 104 ? 4.090   -11.896 -3.538  1.00 44.07 ? 99  ASP A O   1 
ATOM   834  C  CB  . ASP A 1 104 ? 2.797   -12.636 -1.147  1.00 44.56 ? 99  ASP A CB  1 
ATOM   835  C  CG  . ASP A 1 104 ? 1.706   -13.456 -1.825  1.00 52.96 ? 99  ASP A CG  1 
ATOM   836  O  OD1 . ASP A 1 104 ? 2.007   -14.228 -2.822  1.00 51.40 ? 99  ASP A OD1 1 
ATOM   837  O  OD2 . ASP A 1 104 ? 0.544   -13.312 -1.369  1.00 57.27 ? 99  ASP A OD2 1 
ATOM   838  N  N   . PRO A 1 105 ? 5.138   -13.892 -3.642  1.00 42.30 ? 100 PRO A N   1 
ATOM   839  C  CA  . PRO A 1 105 ? 5.419   -13.794 -5.089  1.00 39.21 ? 100 PRO A CA  1 
ATOM   840  C  C   . PRO A 1 105 ? 4.306   -14.130 -6.081  1.00 39.20 ? 100 PRO A C   1 
ATOM   841  O  O   . PRO A 1 105 ? 4.569   -14.210 -7.244  1.00 43.78 ? 100 PRO A O   1 
ATOM   842  C  CB  . PRO A 1 105 ? 6.604   -14.743 -5.237  1.00 41.27 ? 100 PRO A CB  1 
ATOM   843  C  CG  . PRO A 1 105 ? 6.349   -15.815 -4.167  1.00 45.92 ? 100 PRO A CG  1 
ATOM   844  C  CD  . PRO A 1 105 ? 5.824   -15.026 -2.992  1.00 44.85 ? 100 PRO A CD  1 
ATOM   845  N  N   . ARG A 1 106 ? 3.061   -14.245 -5.645  1.00 44.17 ? 101 ARG A N   1 
ATOM   846  C  CA  . ARG A 1 106 ? 1.997   -14.801 -6.525  1.00 44.25 ? 101 ARG A CA  1 
ATOM   847  C  C   . ARG A 1 106 ? 1.412   -13.751 -7.464  1.00 41.95 ? 101 ARG A C   1 
ATOM   848  O  O   . ARG A 1 106 ? 0.845   -14.167 -8.452  1.00 46.99 ? 101 ARG A O   1 
ATOM   849  C  CB  . ARG A 1 106 ? 0.856   -15.399 -5.693  1.00 49.10 ? 101 ARG A CB  1 
ATOM   850  C  CG  . ARG A 1 106 ? 1.229   -16.730 -5.044  1.00 50.23 ? 101 ARG A CG  1 
ATOM   851  C  CD  . ARG A 1 106 ? 0.126   -17.224 -4.110  1.00 50.58 ? 101 ARG A CD  1 
ATOM   852  N  NE  . ARG A 1 106 ? -0.161  -16.281 -3.027  1.00 46.16 ? 101 ARG A NE  1 
ATOM   853  C  CZ  . ARG A 1 106 ? -1.219  -16.361 -2.213  1.00 56.00 ? 101 ARG A CZ  1 
ATOM   854  N  NH1 . ARG A 1 106 ? -2.117  -17.324 -2.377  1.00 60.59 ? 101 ARG A NH1 1 
ATOM   855  N  NH2 . ARG A 1 106 ? -1.410  -15.461 -1.269  1.00 50.52 ? 101 ARG A NH2 1 
ATOM   856  N  N   . SER A 1 107 ? 1.411   -12.467 -7.102  1.00 46.05 ? 102 SER A N   1 
ATOM   857  C  CA  . SER A 1 107 ? 0.623   -11.430 -7.821  1.00 48.23 ? 102 SER A CA  1 
ATOM   858  C  C   . SER A 1 107 ? 1.429   -10.949 -9.027  1.00 42.09 ? 102 SER A C   1 
ATOM   859  O  O   . SER A 1 107 ? 2.435   -10.268 -8.817  1.00 39.52 ? 102 SER A O   1 
ATOM   860  C  CB  . SER A 1 107 ? 0.244   -10.230 -7.003  1.00 53.12 ? 102 SER A CB  1 
ATOM   861  O  OG  . SER A 1 107 ? -0.450  -9.291  -7.858  1.00 54.11 ? 102 SER A OG  1 
ATOM   862  N  N   . ALA A 1 108 ? 0.910   -11.249 -10.204 1.00 43.70 ? 103 ALA A N   1 
ATOM   863  C  CA  . ALA A 1 108 ? 1.380   -10.740 -11.507 1.00 43.64 ? 103 ALA A CA  1 
ATOM   864  C  C   . ALA A 1 108 ? 1.404   -9.222  -11.434 1.00 50.75 ? 103 ALA A C   1 
ATOM   865  O  O   . ALA A 1 108 ? 2.461   -8.622  -11.805 1.00 46.38 ? 103 ALA A O   1 
ATOM   866  C  CB  . ALA A 1 108 ? 0.488   -11.248 -12.615 1.00 48.94 ? 103 ALA A CB  1 
ATOM   867  N  N   . GLU A 1 109 ? 0.307   -8.634  -10.936 1.00 52.90 ? 104 GLU A N   1 
ATOM   868  C  CA  . GLU A 1 109 ? 0.146   -7.161  -10.808 1.00 51.97 ? 104 GLU A CA  1 
ATOM   869  C  C   . GLU A 1 109 ? 1.321   -6.591  -10.002 1.00 41.77 ? 104 GLU A C   1 
ATOM   870  O  O   . GLU A 1 109 ? 1.812   -5.492  -10.362 1.00 41.86 ? 104 GLU A O   1 
ATOM   871  C  CB  . GLU A 1 109 ? -1.205  -6.760  -10.201 1.00 56.86 ? 104 GLU A CB  1 
ATOM   872  C  CG  . GLU A 1 109 ? -1.347  -5.254  -9.993  1.00 65.73 ? 104 GLU A CG  1 
ATOM   873  C  CD  . GLU A 1 109 ? -2.488  -4.842  -9.067  1.00 82.88 ? 104 GLU A CD  1 
ATOM   874  O  OE1 . GLU A 1 109 ? -2.251  -4.069  -8.072  1.00 78.19 ? 104 GLU A OE1 1 
ATOM   875  O  OE2 . GLU A 1 109 ? -3.616  -5.314  -9.327  1.00 79.41 ? 104 GLU A OE2 1 
ATOM   876  N  N   . ALA A 1 110 ? 1.774   -7.219  -8.929  1.00 39.32 ? 105 ALA A N   1 
ATOM   877  C  CA  . ALA A 1 110 ? 2.875   -6.604  -8.125  1.00 34.94 ? 105 ALA A CA  1 
ATOM   878  C  C   . ALA A 1 110 ? 4.244   -6.669  -8.857  1.00 37.18 ? 105 ALA A C   1 
ATOM   879  O  O   . ALA A 1 110 ? 5.078   -5.723  -8.779  1.00 38.79 ? 105 ALA A O   1 
ATOM   880  C  CB  . ALA A 1 110 ? 2.988   -7.319  -6.834  1.00 40.12 ? 105 ALA A CB  1 
ATOM   881  N  N   . TRP A 1 111 ? 4.570   -7.810  -9.448  1.00 35.97 ? 106 TRP A N   1 
ATOM   882  C  CA  . TRP A 1 111 ? 5.781   -7.908  -10.302 1.00 34.64 ? 106 TRP A CA  1 
ATOM   883  C  C   . TRP A 1 111 ? 5.753   -6.798  -11.363 1.00 35.07 ? 106 TRP A C   1 
ATOM   884  O  O   . TRP A 1 111 ? 6.817   -6.255  -11.657 1.00 34.19 ? 106 TRP A O   1 
ATOM   885  C  CB  . TRP A 1 111 ? 5.844   -9.268  -10.980 1.00 36.59 ? 106 TRP A CB  1 
ATOM   886  C  CG  . TRP A 1 111 ? 6.257   -10.380 -10.073 1.00 35.28 ? 106 TRP A CG  1 
ATOM   887  C  CD1 . TRP A 1 111 ? 5.448   -11.382 -9.655  1.00 38.00 ? 106 TRP A CD1 1 
ATOM   888  C  CD2 . TRP A 1 111 ? 7.540   -10.583 -9.441  1.00 38.14 ? 106 TRP A CD2 1 
ATOM   889  N  NE1 . TRP A 1 111 ? 6.148   -12.209 -8.818  1.00 39.56 ? 106 TRP A NE1 1 
ATOM   890  C  CE2 . TRP A 1 111 ? 7.434   -11.765 -8.679  1.00 34.81 ? 106 TRP A CE2 1 
ATOM   891  C  CE3 . TRP A 1 111 ? 8.770   -9.909  -9.448  1.00 37.68 ? 106 TRP A CE3 1 
ATOM   892  C  CZ2 . TRP A 1 111 ? 8.505   -12.296 -7.961  1.00 40.02 ? 106 TRP A CZ2 1 
ATOM   893  C  CZ3 . TRP A 1 111 ? 9.825   -10.412 -8.708  1.00 42.76 ? 106 TRP A CZ3 1 
ATOM   894  C  CH2 . TRP A 1 111 ? 9.696   -11.592 -7.971  1.00 41.11 ? 106 TRP A CH2 1 
ATOM   895  N  N   . TYR A 1 112 ? 4.595   -6.610  -12.010 1.00 34.20 ? 107 TYR A N   1 
ATOM   896  C  CA  . TYR A 1 112 ? 4.379   -5.626  -13.095 1.00 37.25 ? 107 TYR A CA  1 
ATOM   897  C  C   . TYR A 1 112 ? 4.749   -4.250  -12.571 1.00 37.24 ? 107 TYR A C   1 
ATOM   898  O  O   . TYR A 1 112 ? 5.427   -3.515  -13.237 1.00 33.72 ? 107 TYR A O   1 
ATOM   899  C  CB  . TYR A 1 112 ? 2.943   -5.672  -13.613 1.00 39.06 ? 107 TYR A CB  1 
ATOM   900  C  CG  . TYR A 1 112 ? 2.635   -4.637  -14.666 1.00 39.00 ? 107 TYR A CG  1 
ATOM   901  C  CD1 . TYR A 1 112 ? 3.167   -4.760  -15.939 1.00 38.03 ? 107 TYR A CD1 1 
ATOM   902  C  CD2 . TYR A 1 112 ? 1.760   -3.591  -14.421 1.00 38.78 ? 107 TYR A CD2 1 
ATOM   903  C  CE1 . TYR A 1 112 ? 2.876   -3.841  -16.935 1.00 41.31 ? 107 TYR A CE1 1 
ATOM   904  C  CE2 . TYR A 1 112 ? 1.448   -2.667  -15.412 1.00 44.30 ? 107 TYR A CE2 1 
ATOM   905  C  CZ  . TYR A 1 112 ? 2.026   -2.788  -16.671 1.00 47.68 ? 107 TYR A CZ  1 
ATOM   906  O  OH  . TYR A 1 112 ? 1.742   -1.928  -17.692 1.00 48.58 ? 107 TYR A OH  1 
ATOM   907  N  N   . ASN A 1 113 ? 4.289   -3.896  -11.377 1.00 35.96 ? 108 ASN A N   1 
ATOM   908  C  CA  . ASN A 1 113 ? 4.518   -2.553  -10.818 1.00 33.35 ? 108 ASN A CA  1 
ATOM   909  C  C   . ASN A 1 113 ? 5.977   -2.401  -10.429 1.00 34.48 ? 108 ASN A C   1 
ATOM   910  O  O   . ASN A 1 113 ? 6.509   -1.246  -10.508 1.00 31.21 ? 108 ASN A O   1 
ATOM   911  C  CB  . ASN A 1 113 ? 3.512   -2.198  -9.700  1.00 37.12 ? 108 ASN A CB  1 
ATOM   912  C  CG  . ASN A 1 113 ? 2.167   -1.903  -10.310 1.00 37.98 ? 108 ASN A CG  1 
ATOM   913  O  OD1 . ASN A 1 113 ? 2.113   -1.314  -11.384 1.00 42.57 ? 108 ASN A OD1 1 
ATOM   914  N  ND2 . ASN A 1 113 ? 1.092   -2.456  -9.751  1.00 48.32 ? 108 ASN A ND2 1 
ATOM   915  N  N   . LEU A 1 114 ? 6.644   -3.485  -10.003 1.00 33.70 ? 109 LEU A N   1 
ATOM   916  C  CA  . LEU A 1 114 ? 8.086   -3.378  -9.723  1.00 32.75 ? 109 LEU A CA  1 
ATOM   917  C  C   . LEU A 1 114 ? 8.784   -3.081  -11.063 1.00 30.43 ? 109 LEU A C   1 
ATOM   918  O  O   . LEU A 1 114 ? 9.718   -2.296  -11.061 1.00 33.86 ? 109 LEU A O   1 
ATOM   919  C  CB  . LEU A 1 114 ? 8.563   -4.721  -9.144  1.00 33.90 ? 109 LEU A CB  1 
ATOM   920  C  CG  . LEU A 1 114 ? 10.064  -4.822  -8.902  1.00 30.90 ? 109 LEU A CG  1 
ATOM   921  C  CD1 . LEU A 1 114 ? 10.556  -3.739  -7.952  1.00 33.72 ? 109 LEU A CD1 1 
ATOM   922  C  CD2 . LEU A 1 114 ? 10.433  -6.209  -8.379  1.00 34.27 ? 109 LEU A CD2 1 
ATOM   923  N  N   . GLY A 1 115 ? 8.322   -3.731  -12.118 1.00 30.77 ? 110 GLY A N   1 
ATOM   924  C  CA  . GLY A 1 115 ? 8.858   -3.476  -13.474 1.00 33.27 ? 110 GLY A CA  1 
ATOM   925  C  C   . GLY A 1 115 ? 8.663   -2.011  -13.871 1.00 33.38 ? 110 GLY A C   1 
ATOM   926  O  O   . GLY A 1 115 ? 9.631   -1.372  -14.373 1.00 31.02 ? 110 GLY A O   1 
ATOM   927  N  N   . ASN A 1 116 ? 7.461   -1.492  -13.664 1.00 30.12 ? 111 ASN A N   1 
ATOM   928  C  CA  . ASN A 1 116 ? 7.136   -0.060  -13.893 1.00 32.59 ? 111 ASN A CA  1 
ATOM   929  C  C   . ASN A 1 116 ? 8.065   0.865   -13.100 1.00 33.99 ? 111 ASN A C   1 
ATOM   930  O  O   . ASN A 1 116 ? 8.577   1.851   -13.667 1.00 31.85 ? 111 ASN A O   1 
ATOM   931  C  CB  . ASN A 1 116 ? 5.674   0.241   -13.566 1.00 31.25 ? 111 ASN A CB  1 
ATOM   932  C  CG  . ASN A 1 116 ? 4.731   -0.416  -14.539 1.00 36.09 ? 111 ASN A CG  1 
ATOM   933  O  OD1 . ASN A 1 116 ? 5.073   -0.614  -15.710 1.00 39.94 ? 111 ASN A OD1 1 
ATOM   934  N  ND2 . ASN A 1 116 ? 3.538   -0.779  -14.059 1.00 40.09 ? 111 ASN A ND2 1 
ATOM   935  N  N   . ALA A 1 117 ? 8.383   0.561   -11.846 1.00 31.15 ? 112 ALA A N   1 
ATOM   936  C  CA  . ALA A 1 117 ? 9.287   1.470   -11.101 1.00 31.21 ? 112 ALA A CA  1 
ATOM   937  C  C   . ALA A 1 117 ? 10.693  1.510   -11.719 1.00 34.55 ? 112 ALA A C   1 
ATOM   938  O  O   . ALA A 1 117 ? 11.358  2.548   -11.741 1.00 33.40 ? 112 ALA A O   1 
ATOM   939  C  CB  . ALA A 1 117 ? 9.349   1.072   -9.646  1.00 34.56 ? 112 ALA A CB  1 
ATOM   940  N  N   . TYR A 1 118 ? 11.224  0.358   -12.114 1.00 32.38 ? 113 TYR A N   1 
ATOM   941  C  CA  . TYR A 1 118 ? 12.531  0.371   -12.768 1.00 29.10 ? 113 TYR A CA  1 
ATOM   942  C  C   . TYR A 1 118 ? 12.443  1.128   -14.099 1.00 27.00 ? 113 TYR A C   1 
ATOM   943  O  O   . TYR A 1 118 ? 13.428  1.845   -14.411 1.00 30.35 ? 113 TYR A O   1 
ATOM   944  C  CB  . TYR A 1 118 ? 13.003  -1.064  -12.964 1.00 32.31 ? 113 TYR A CB  1 
ATOM   945  C  CG  . TYR A 1 118 ? 13.645  -1.668  -11.751 1.00 35.32 ? 113 TYR A CG  1 
ATOM   946  C  CD1 . TYR A 1 118 ? 14.908  -1.274  -11.339 1.00 35.91 ? 113 TYR A CD1 1 
ATOM   947  C  CD2 . TYR A 1 118 ? 12.989  -2.661  -11.035 1.00 38.73 ? 113 TYR A CD2 1 
ATOM   948  C  CE1 . TYR A 1 118 ? 15.529  -1.867  -10.247 1.00 38.57 ? 113 TYR A CE1 1 
ATOM   949  C  CE2 . TYR A 1 118 ? 13.601  -3.252  -9.944  1.00 38.65 ? 113 TYR A CE2 1 
ATOM   950  C  CZ  . TYR A 1 118 ? 14.864  -2.858  -9.548  1.00 39.83 ? 113 TYR A CZ  1 
ATOM   951  O  OH  . TYR A 1 118 ? 15.444  -3.487  -8.474  1.00 40.91 ? 113 TYR A OH  1 
ATOM   952  N  N   . TYR A 1 119 ? 11.386  0.890   -14.878 1.00 29.74 ? 114 TYR A N   1 
ATOM   953  C  CA  . TYR A 1 119 ? 11.184  1.625   -16.159 1.00 29.77 ? 114 TYR A CA  1 
ATOM   954  C  C   . TYR A 1 119 ? 11.279  3.131   -15.889 1.00 30.38 ? 114 TYR A C   1 
ATOM   955  O  O   . TYR A 1 119 ? 12.021  3.864   -16.583 1.00 29.83 ? 114 TYR A O   1 
ATOM   956  C  CB  . TYR A 1 119 ? 9.859   1.241   -16.805 1.00 29.91 ? 114 TYR A CB  1 
ATOM   957  C  CG  . TYR A 1 119 ? 9.716   1.745   -18.228 1.00 29.74 ? 114 TYR A CG  1 
ATOM   958  C  CD1 . TYR A 1 119 ? 9.355   3.069   -18.479 1.00 37.04 ? 114 TYR A CD1 1 
ATOM   959  C  CD2 . TYR A 1 119 ? 9.967   0.925   -19.308 1.00 34.51 ? 114 TYR A CD2 1 
ATOM   960  C  CE1 . TYR A 1 119 ? 9.220   3.556   -19.776 1.00 36.98 ? 114 TYR A CE1 1 
ATOM   961  C  CE2 . TYR A 1 119 ? 9.840   1.391   -20.612 1.00 34.90 ? 114 TYR A CE2 1 
ATOM   962  C  CZ  . TYR A 1 119 ? 9.468   2.707   -20.838 1.00 40.74 ? 114 TYR A CZ  1 
ATOM   963  O  OH  . TYR A 1 119 ? 9.369   3.126   -22.131 1.00 41.42 ? 114 TYR A OH  1 
ATOM   964  N  N   . LYS A 1 120 ? 10.544  3.602   -14.876 1.00 32.96 ? 115 LYS A N   1 
ATOM   965  C  CA  . LYS A 1 120 ? 10.524  5.055   -14.507 1.00 35.41 ? 115 LYS A CA  1 
ATOM   966  C  C   . LYS A 1 120 ? 11.917  5.534   -14.087 1.00 37.82 ? 115 LYS A C   1 
ATOM   967  O  O   . LYS A 1 120 ? 12.242  6.665   -14.358 1.00 38.17 ? 115 LYS A O   1 
ATOM   968  C  CB  . LYS A 1 120 ? 9.477   5.307   -13.421 1.00 41.19 ? 115 LYS A CB  1 
ATOM   969  C  CG  . LYS A 1 120 ? 8.047   5.194   -13.894 1.00 43.04 ? 115 LYS A CG  1 
ATOM   970  C  CD  . LYS A 1 120 ? 7.758   6.233   -14.932 1.00 49.77 ? 115 LYS A CD  1 
ATOM   971  C  CE  . LYS A 1 120 ? 6.297   6.586   -15.024 1.00 65.88 ? 115 LYS A CE  1 
ATOM   972  N  NZ  . LYS A 1 120 ? 6.062   7.574   -16.108 1.00 69.93 ? 115 LYS A NZ  1 
ATOM   973  N  N   . GLN A 1 121 ? 12.775  4.702   -13.500 1.00 38.60 ? 116 GLN A N   1 
ATOM   974  C  CA  . GLN A 1 121 ? 14.179  5.083   -13.198 1.00 40.79 ? 116 GLN A CA  1 
ATOM   975  C  C   . GLN A 1 121 ? 15.030  5.058   -14.462 1.00 37.97 ? 116 GLN A C   1 
ATOM   976  O  O   . GLN A 1 121 ? 16.173  5.434   -14.407 1.00 43.73 ? 116 GLN A O   1 
ATOM   977  C  CB  . GLN A 1 121 ? 14.795  3.995   -12.314 1.00 51.49 ? 116 GLN A CB  1 
ATOM   978  C  CG  . GLN A 1 121 ? 14.823  4.227   -10.824 1.00 48.93 ? 116 GLN A CG  1 
ATOM   979  C  CD  . GLN A 1 121 ? 15.509  3.070   -10.122 1.00 52.49 ? 116 GLN A CD  1 
ATOM   980  O  OE1 . GLN A 1 121 ? 15.756  1.950   -10.655 1.00 47.82 ? 116 GLN A OE1 1 
ATOM   981  N  NE2 . GLN A 1 121 ? 15.826  3.331   -8.876  1.00 50.97 ? 116 GLN A NE2 1 
ATOM   982  N  N   . GLY A 1 122 ? 14.568  4.441   -15.551 1.00 35.53 ? 117 GLY A N   1 
ATOM   983  C  CA  . GLY A 1 122 ? 15.371  4.290   -16.778 1.00 34.74 ? 117 GLY A CA  1 
ATOM   984  C  C   . GLY A 1 122 ? 16.295  3.079   -16.673 1.00 32.71 ? 117 GLY A C   1 
ATOM   985  O  O   . GLY A 1 122 ? 17.267  3.001   -17.448 1.00 34.98 ? 117 GLY A O   1 
ATOM   986  N  N   . ASP A 1 123 ? 15.952  2.107   -15.816 1.00 32.17 ? 118 ASP A N   1 
ATOM   987  C  CA  . ASP A 1 123 ? 16.722  0.843   -15.687 1.00 30.08 ? 118 ASP A CA  1 
ATOM   988  C  C   . ASP A 1 123 ? 15.966  -0.269  -16.470 1.00 28.34 ? 118 ASP A C   1 
ATOM   989  O  O   . ASP A 1 123 ? 15.236  -1.060  -15.879 1.00 28.36 ? 118 ASP A O   1 
ATOM   990  C  CB  . ASP A 1 123 ? 17.016  0.512   -14.226 1.00 31.46 ? 118 ASP A CB  1 
ATOM   991  C  CG  . ASP A 1 123 ? 18.223  -0.407  -14.079 1.00 31.57 ? 118 ASP A CG  1 
ATOM   992  O  OD1 . ASP A 1 123 ? 18.837  -0.734  -15.148 1.00 29.93 ? 118 ASP A OD1 1 
ATOM   993  O  OD2 . ASP A 1 123 ? 18.604  -0.709  -12.932 1.00 28.68 ? 118 ASP A OD2 1 
ATOM   994  N  N   . TYR A 1 124 ? 16.151  -0.345  -17.780 1.00 27.56 ? 119 TYR A N   1 
ATOM   995  C  CA  . TYR A 1 124 ? 15.277  -1.159  -18.666 1.00 28.63 ? 119 TYR A CA  1 
ATOM   996  C  C   . TYR A 1 124 ? 15.546  -2.655  -18.496 1.00 26.47 ? 119 TYR A C   1 
ATOM   997  O  O   . TYR A 1 124 ? 14.557  -3.401  -18.670 1.00 29.20 ? 119 TYR A O   1 
ATOM   998  C  CB  . TYR A 1 124 ? 15.426  -0.711  -20.125 1.00 29.67 ? 119 TYR A CB  1 
ATOM   999  C  CG  . TYR A 1 124 ? 15.119  0.755   -20.233 1.00 33.17 ? 119 TYR A CG  1 
ATOM   1000 C  CD1 . TYR A 1 124 ? 13.848  1.208   -19.903 1.00 35.58 ? 119 TYR A CD1 1 
ATOM   1001 C  CD2 . TYR A 1 124 ? 16.085  1.687   -20.607 1.00 37.66 ? 119 TYR A CD2 1 
ATOM   1002 C  CE1 . TYR A 1 124 ? 13.534  2.556   -19.942 1.00 36.37 ? 119 TYR A CE1 1 
ATOM   1003 C  CE2 . TYR A 1 124 ? 15.780  3.039   -20.659 1.00 37.65 ? 119 TYR A CE2 1 
ATOM   1004 C  CZ  . TYR A 1 124 ? 14.510  3.454   -20.339 1.00 36.66 ? 119 TYR A CZ  1 
ATOM   1005 O  OH  . TYR A 1 124 ? 14.170  4.760   -20.355 1.00 44.00 ? 119 TYR A OH  1 
ATOM   1006 N  N   . ASP A 1 125 ? 16.780  -3.071  -18.164 1.00 27.41 ? 120 ASP A N   1 
ATOM   1007 C  CA  . ASP A 1 125 ? 17.115  -4.494  -17.920 1.00 25.80 ? 120 ASP A CA  1 
ATOM   1008 C  C   . ASP A 1 125 ? 16.138  -5.078  -16.878 1.00 27.72 ? 120 ASP A C   1 
ATOM   1009 O  O   . ASP A 1 125 ? 15.392  -6.035  -17.181 1.00 27.21 ? 120 ASP A O   1 
ATOM   1010 C  CB  . ASP A 1 125 ? 18.555  -4.630  -17.480 1.00 27.32 ? 120 ASP A CB  1 
ATOM   1011 C  CG  . ASP A 1 125 ? 19.003  -6.001  -17.006 1.00 26.42 ? 120 ASP A CG  1 
ATOM   1012 O  OD1 . ASP A 1 125 ? 18.121  -6.837  -16.693 1.00 32.05 ? 120 ASP A OD1 1 
ATOM   1013 O  OD2 . ASP A 1 125 ? 20.236  -6.197  -16.923 1.00 31.24 ? 120 ASP A OD2 1 
ATOM   1014 N  N   . GLU A 1 126 ? 16.118  -4.487  -15.719 1.00 26.16 ? 121 GLU A N   1 
ATOM   1015 C  CA  . GLU A 1 126 ? 15.285  -4.956  -14.583 1.00 28.25 ? 121 GLU A CA  1 
ATOM   1016 C  C   . GLU A 1 126 ? 13.813  -4.796  -14.947 1.00 28.12 ? 121 GLU A C   1 
ATOM   1017 O  O   . GLU A 1 126 ? 13.019  -5.624  -14.521 1.00 27.82 ? 121 GLU A O   1 
ATOM   1018 C  CB  . GLU A 1 126 ? 15.646  -4.198  -13.320 1.00 29.29 ? 121 GLU A CB  1 
ATOM   1019 C  CG  . GLU A 1 126 ? 16.945  -4.626  -12.671 1.00 29.78 ? 121 GLU A CG  1 
ATOM   1020 C  CD  . GLU A 1 126 ? 18.154  -3.785  -13.093 1.00 33.35 ? 121 GLU A CD  1 
ATOM   1021 O  OE1 . GLU A 1 126 ? 18.203  -3.399  -14.287 1.00 31.56 ? 121 GLU A OE1 1 
ATOM   1022 O  OE2 . GLU A 1 126 ? 19.060  -3.494  -12.244 1.00 31.43 ? 121 GLU A OE2 1 
ATOM   1023 N  N   . ALA A 1 127 ? 13.442  -3.707  -15.637 1.00 27.70 ? 122 ALA A N   1 
ATOM   1024 C  CA  . ALA A 1 127 ? 12.049  -3.547  -16.064 1.00 28.34 ? 122 ALA A CA  1 
ATOM   1025 C  C   . ALA A 1 127 ? 11.662  -4.808  -16.835 1.00 32.83 ? 122 ALA A C   1 
ATOM   1026 O  O   . ALA A 1 127 ? 10.629  -5.345  -16.554 1.00 31.17 ? 122 ALA A O   1 
ATOM   1027 C  CB  . ALA A 1 127 ? 11.848  -2.289  -16.848 1.00 29.18 ? 122 ALA A CB  1 
ATOM   1028 N  N   . ILE A 1 128 ? 12.485  -5.230  -17.787 1.00 29.90 ? 123 ILE A N   1 
ATOM   1029 C  CA  . ILE A 1 128 ? 12.214  -6.430  -18.608 1.00 29.80 ? 123 ILE A CA  1 
ATOM   1030 C  C   . ILE A 1 128 ? 12.189  -7.655  -17.691 1.00 31.11 ? 123 ILE A C   1 
ATOM   1031 O  O   . ILE A 1 128 ? 11.260  -8.452  -17.859 1.00 32.76 ? 123 ILE A O   1 
ATOM   1032 C  CB  . ILE A 1 128 ? 13.222  -6.561  -19.753 1.00 29.14 ? 123 ILE A CB  1 
ATOM   1033 C  CG1 . ILE A 1 128 ? 12.995  -5.448  -20.762 1.00 28.91 ? 123 ILE A CG1 1 
ATOM   1034 C  CG2 . ILE A 1 128 ? 13.143  -7.964  -20.374 1.00 35.04 ? 123 ILE A CG2 1 
ATOM   1035 C  CD1 . ILE A 1 128 ? 14.212  -5.191  -21.630 1.00 30.18 ? 123 ILE A CD1 1 
ATOM   1036 N  N   . GLU A 1 129 ? 13.144  -7.812  -16.768 1.00 30.35 ? 124 GLU A N   1 
ATOM   1037 C  CA  . GLU A 1 129 ? 13.201  -9.001  -15.872 1.00 29.14 ? 124 GLU A CA  1 
ATOM   1038 C  C   . GLU A 1 129 ? 11.875  -9.150  -15.150 1.00 32.64 ? 124 GLU A C   1 
ATOM   1039 O  O   . GLU A 1 129 ? 11.323  -10.289 -15.120 1.00 31.85 ? 124 GLU A O   1 
ATOM   1040 C  CB  . GLU A 1 129 ? 14.311  -8.915  -14.825 1.00 29.73 ? 124 GLU A CB  1 
ATOM   1041 C  CG  . GLU A 1 129 ? 15.710  -8.964  -15.403 1.00 34.80 ? 124 GLU A CG  1 
ATOM   1042 C  CD  . GLU A 1 129 ? 16.857  -9.034  -14.398 1.00 36.24 ? 124 GLU A CD  1 
ATOM   1043 O  OE1 . GLU A 1 129 ? 16.556  -9.039  -13.192 1.00 36.31 ? 124 GLU A OE1 1 
ATOM   1044 O  OE2 . GLU A 1 129 ? 18.050  -9.166  -14.828 1.00 29.79 ? 124 GLU A OE2 1 
ATOM   1045 N  N   . TYR A 1 130 ? 11.325  -8.054  -14.629 1.00 29.99 ? 125 TYR A N   1 
ATOM   1046 C  CA  . TYR A 1 130 ? 10.110  -8.103  -13.761 1.00 29.42 ? 125 TYR A CA  1 
ATOM   1047 C  C   . TYR A 1 130 ? 8.841   -8.139  -14.625 1.00 31.92 ? 125 TYR A C   1 
ATOM   1048 O  O   . TYR A 1 130 ? 7.876   -8.825  -14.233 1.00 30.71 ? 125 TYR A O   1 
ATOM   1049 C  CB  . TYR A 1 130 ? 10.191  -7.029  -12.683 1.00 29.48 ? 125 TYR A CB  1 
ATOM   1050 C  CG  . TYR A 1 130 ? 11.372  -7.296  -11.794 1.00 31.63 ? 125 TYR A CG  1 
ATOM   1051 C  CD1 . TYR A 1 130 ? 11.602  -8.559  -11.265 1.00 36.33 ? 125 TYR A CD1 1 
ATOM   1052 C  CD2 . TYR A 1 130 ? 12.352  -6.349  -11.614 1.00 31.42 ? 125 TYR A CD2 1 
ATOM   1053 C  CE1 . TYR A 1 130 ? 12.710  -8.830  -10.473 1.00 37.04 ? 125 TYR A CE1 1 
ATOM   1054 C  CE2 . TYR A 1 130 ? 13.464  -6.593  -10.818 1.00 34.65 ? 125 TYR A CE2 1 
ATOM   1055 C  CZ  . TYR A 1 130 ? 13.671  -7.847  -10.282 1.00 36.66 ? 125 TYR A CZ  1 
ATOM   1056 O  OH  . TYR A 1 130 ? 14.801  -8.011  -9.529  1.00 39.60 ? 125 TYR A OH  1 
ATOM   1057 N  N   . TYR A 1 131 ? 8.816   -7.473  -15.774 1.00 27.17 ? 126 TYR A N   1 
ATOM   1058 C  CA  . TYR A 1 131 ? 7.667   -7.595  -16.698 1.00 30.74 ? 126 TYR A CA  1 
ATOM   1059 C  C   . TYR A 1 131 ? 7.492   -9.041  -17.149 1.00 32.88 ? 126 TYR A C   1 
ATOM   1060 O  O   . TYR A 1 131 ? 6.377   -9.526  -17.240 1.00 32.99 ? 126 TYR A O   1 
ATOM   1061 C  CB  . TYR A 1 131 ? 7.850   -6.718  -17.932 1.00 32.52 ? 126 TYR A CB  1 
ATOM   1062 C  CG  . TYR A 1 131 ? 7.652   -5.248  -17.707 1.00 30.63 ? 126 TYR A CG  1 
ATOM   1063 C  CD1 . TYR A 1 131 ? 6.837   -4.745  -16.709 1.00 29.78 ? 126 TYR A CD1 1 
ATOM   1064 C  CD2 . TYR A 1 131 ? 8.208   -4.342  -18.595 1.00 31.55 ? 126 TYR A CD2 1 
ATOM   1065 C  CE1 . TYR A 1 131 ? 6.613   -3.384  -16.579 1.00 31.67 ? 126 TYR A CE1 1 
ATOM   1066 C  CE2 . TYR A 1 131 ? 8.020   -2.973  -18.452 1.00 31.36 ? 126 TYR A CE2 1 
ATOM   1067 C  CZ  . TYR A 1 131 ? 7.182   -2.492  -17.470 1.00 33.31 ? 126 TYR A CZ  1 
ATOM   1068 O  OH  . TYR A 1 131 ? 6.965   -1.143  -17.358 1.00 35.70 ? 126 TYR A OH  1 
ATOM   1069 N  N   . GLN A 1 132 ? 8.604   -9.697  -17.447 1.00 33.80 ? 127 GLN A N   1 
ATOM   1070 C  CA  . GLN A 1 132 ? 8.631   -11.113 -17.846 1.00 35.54 ? 127 GLN A CA  1 
ATOM   1071 C  C   . GLN A 1 132 ? 8.104   -11.960 -16.689 1.00 38.23 ? 127 GLN A C   1 
ATOM   1072 O  O   . GLN A 1 132 ? 7.356   -12.908 -16.973 1.00 40.26 ? 127 GLN A O   1 
ATOM   1073 C  CB  . GLN A 1 132 ? 10.029  -11.523 -18.279 1.00 33.73 ? 127 GLN A CB  1 
ATOM   1074 C  CG  . GLN A 1 132 ? 10.356  -11.053 -19.681 1.00 36.46 ? 127 GLN A CG  1 
ATOM   1075 C  CD  . GLN A 1 132 ? 11.728  -11.511 -20.124 1.00 54.75 ? 127 GLN A CD  1 
ATOM   1076 O  OE1 . GLN A 1 132 ? 12.601  -11.871 -19.323 1.00 56.65 ? 127 GLN A OE1 1 
ATOM   1077 N  NE2 . GLN A 1 132 ? 11.932  -11.463 -21.433 1.00 66.04 ? 127 GLN A NE2 1 
ATOM   1078 N  N   . LYS A 1 133 ? 8.472   -11.660 -15.451 1.00 35.18 ? 128 LYS A N   1 
ATOM   1079 C  CA  . LYS A 1 133 ? 7.892   -12.443 -14.324 1.00 39.32 ? 128 LYS A CA  1 
ATOM   1080 C  C   . LYS A 1 133 ? 6.383   -12.224 -14.265 1.00 38.69 ? 128 LYS A C   1 
ATOM   1081 O  O   . LYS A 1 133 ? 5.628   -13.221 -14.079 1.00 41.43 ? 128 LYS A O   1 
ATOM   1082 C  CB  . LYS A 1 133 ? 8.598   -12.176 -13.007 1.00 42.00 ? 128 LYS A CB  1 
ATOM   1083 C  CG  . LYS A 1 133 ? 9.815   -13.062 -12.820 1.00 53.33 ? 128 LYS A CG  1 
ATOM   1084 C  CD  . LYS A 1 133 ? 10.654  -12.694 -11.618 1.00 63.40 ? 128 LYS A CD  1 
ATOM   1085 C  CE  . LYS A 1 133 ? 11.908  -13.542 -11.531 1.00 73.82 ? 128 LYS A CE  1 
ATOM   1086 N  NZ  . LYS A 1 133 ? 12.931  -12.919 -10.660 1.00 79.01 ? 128 LYS A NZ  1 
ATOM   1087 N  N   . ALA A 1 134 ? 5.918   -11.000 -14.441 1.00 37.49 ? 129 ALA A N   1 
ATOM   1088 C  CA  . ALA A 1 134 ? 4.469   -10.697 -14.402 1.00 39.41 ? 129 ALA A CA  1 
ATOM   1089 C  C   . ALA A 1 134 ? 3.732   -11.469 -15.505 1.00 46.09 ? 129 ALA A C   1 
ATOM   1090 O  O   . ALA A 1 134 ? 2.614   -11.948 -15.233 1.00 44.76 ? 129 ALA A O   1 
ATOM   1091 C  CB  . ALA A 1 134 ? 4.213   -9.224  -14.477 1.00 38.28 ? 129 ALA A CB  1 
ATOM   1092 N  N   . LEU A 1 135 ? 4.299   -11.545 -16.710 1.00 37.70 ? 130 LEU A N   1 
ATOM   1093 C  CA  . LEU A 1 135 ? 3.574   -12.061 -17.890 1.00 47.59 ? 130 LEU A CA  1 
ATOM   1094 C  C   . LEU A 1 135 ? 3.578   -13.584 -17.848 1.00 48.99 ? 130 LEU A C   1 
ATOM   1095 O  O   . LEU A 1 135 ? 2.635   -14.169 -18.387 1.00 55.33 ? 130 LEU A O   1 
ATOM   1096 C  CB  . LEU A 1 135 ? 4.158   -11.497 -19.192 1.00 47.78 ? 130 LEU A CB  1 
ATOM   1097 C  CG  . LEU A 1 135 ? 3.839   -10.023 -19.426 1.00 50.34 ? 130 LEU A CG  1 
ATOM   1098 C  CD1 . LEU A 1 135 ? 4.763   -9.427  -20.465 1.00 53.72 ? 130 LEU A CD1 1 
ATOM   1099 C  CD2 . LEU A 1 135 ? 2.374   -9.802  -19.824 1.00 53.85 ? 130 LEU A CD2 1 
ATOM   1100 N  N   . GLU A 1 136 ? 4.550   -14.200 -17.177 1.00 45.15 ? 131 GLU A N   1 
ATOM   1101 C  CA  . GLU A 1 136 ? 4.530   -15.661 -16.958 1.00 51.07 ? 131 GLU A CA  1 
ATOM   1102 C  C   . GLU A 1 136 ? 3.286   -15.987 -16.099 1.00 55.11 ? 131 GLU A C   1 
ATOM   1103 O  O   . GLU A 1 136 ? 2.547   -16.895 -16.478 1.00 56.56 ? 131 GLU A O   1 
ATOM   1104 C  CB  . GLU A 1 136 ? 5.858   -16.119 -16.352 1.00 56.62 ? 131 GLU A CB  1 
ATOM   1105 C  CG  . GLU A 1 136 ? 5.851   -17.564 -15.884 1.00 69.41 ? 131 GLU A CG  1 
ATOM   1106 C  CD  . GLU A 1 136 ? 7.042   -18.006 -15.044 1.00 75.12 ? 131 GLU A CD  1 
ATOM   1107 O  OE1 . GLU A 1 136 ? 7.813   -17.136 -14.564 1.00 69.64 ? 131 GLU A OE1 1 
ATOM   1108 O  OE2 . GLU A 1 136 ? 7.201   -19.228 -14.876 1.00 90.65 ? 131 GLU A OE2 1 
ATOM   1109 N  N   . LEU A 1 137 ? 3.034   -15.233 -15.021 1.00 51.85 ? 132 LEU A N   1 
ATOM   1110 C  CA  . LEU A 1 137 ? 1.861   -15.395 -14.107 1.00 55.82 ? 132 LEU A CA  1 
ATOM   1111 C  C   . LEU A 1 137 ? 0.528   -14.959 -14.748 1.00 59.34 ? 132 LEU A C   1 
ATOM   1112 O  O   . LEU A 1 137 ? -0.480  -15.566 -14.410 1.00 58.33 ? 132 LEU A O   1 
ATOM   1113 C  CB  . LEU A 1 137 ? 2.119   -14.577 -12.845 1.00 49.10 ? 132 LEU A CB  1 
ATOM   1114 C  CG  . LEU A 1 137 ? 3.279   -15.062 -11.989 1.00 53.23 ? 132 LEU A CG  1 
ATOM   1115 C  CD1 . LEU A 1 137 ? 3.648   -14.054 -10.911 1.00 52.05 ? 132 LEU A CD1 1 
ATOM   1116 C  CD2 . LEU A 1 137 ? 2.956   -16.400 -11.352 1.00 55.49 ? 132 LEU A CD2 1 
ATOM   1117 N  N   . ASP A 1 138 ? 0.482   -13.895 -15.564 1.00 57.92 ? 133 ASP A N   1 
ATOM   1118 C  CA  . ASP A 1 138 ? -0.774  -13.407 -16.196 1.00 52.73 ? 133 ASP A CA  1 
ATOM   1119 C  C   . ASP A 1 138 ? -0.510  -12.789 -17.568 1.00 54.61 ? 133 ASP A C   1 
ATOM   1120 O  O   . ASP A 1 138 ? -0.264  -11.584 -17.654 1.00 56.87 ? 133 ASP A O   1 
ATOM   1121 C  CB  . ASP A 1 138 ? -1.487  -12.397 -15.293 1.00 56.04 ? 133 ASP A CB  1 
ATOM   1122 C  CG  . ASP A 1 138 ? -2.887  -12.035 -15.783 1.00 59.60 ? 133 ASP A CG  1 
ATOM   1123 O  OD1 . ASP A 1 138 ? -3.185  -12.341 -16.958 1.00 56.91 ? 133 ASP A OD1 1 
ATOM   1124 O  OD2 . ASP A 1 138 ? -3.670  -11.453 -14.987 1.00 56.97 ? 133 ASP A OD2 1 
ATOM   1125 N  N   . PRO A 1 139 ? -0.578  -13.572 -18.672 1.00 63.90 ? 134 PRO A N   1 
ATOM   1126 C  CA  . PRO A 1 139 ? -0.418  -13.021 -20.029 1.00 59.32 ? 134 PRO A CA  1 
ATOM   1127 C  C   . PRO A 1 139 ? -1.594  -12.261 -20.674 1.00 59.81 ? 134 PRO A C   1 
ATOM   1128 O  O   . PRO A 1 139 ? -1.568  -12.069 -21.843 1.00 62.97 ? 134 PRO A O   1 
ATOM   1129 C  CB  . PRO A 1 139 ? -0.107  -14.286 -20.858 1.00 62.65 ? 134 PRO A CB  1 
ATOM   1130 C  CG  . PRO A 1 139 ? -0.818  -15.405 -20.120 1.00 69.91 ? 134 PRO A CG  1 
ATOM   1131 C  CD  . PRO A 1 139 ? -0.670  -15.046 -18.657 1.00 64.21 ? 134 PRO A CD  1 
ATOM   1132 N  N   . ARG A 1 140 ? -2.586  -11.789 -19.926 1.00 64.90 ? 135 ARG A N   1 
ATOM   1133 C  CA  . ARG A 1 140 ? -3.869  -11.373 -20.547 1.00 66.13 ? 135 ARG A CA  1 
ATOM   1134 C  C   . ARG A 1 140 ? -3.852  -9.892  -20.928 1.00 61.37 ? 135 ARG A C   1 
ATOM   1135 O  O   . ARG A 1 140 ? -4.554  -9.560  -21.884 1.00 61.92 ? 135 ARG A O   1 
ATOM   1136 C  CB  . ARG A 1 140 ? -5.048  -11.726 -19.634 1.00 71.74 ? 135 ARG A CB  1 
ATOM   1137 C  CG  . ARG A 1 140 ? -5.311  -13.226 -19.556 1.00 73.10 ? 135 ARG A CG  1 
ATOM   1138 C  CD  . ARG A 1 140 ? -6.617  -13.596 -18.873 1.00 78.63 ? 135 ARG A CD  1 
ATOM   1139 N  NE  . ARG A 1 140 ? -6.554  -13.461 -17.419 1.00 80.68 ? 135 ARG A NE  1 
ATOM   1140 C  CZ  . ARG A 1 140 ? -6.763  -12.334 -16.741 1.00 85.48 ? 135 ARG A CZ  1 
ATOM   1141 N  NH1 . ARG A 1 140 ? -6.691  -12.333 -15.418 1.00 75.54 ? 135 ARG A NH1 1 
ATOM   1142 N  NH2 . ARG A 1 140 ? -7.043  -11.209 -17.381 1.00 95.85 ? 135 ARG A NH2 1 
ATOM   1143 N  N   . SER A 1 141 ? -3.125  -9.034  -20.204 1.00 57.34 ? 136 SER A N   1 
ATOM   1144 C  CA  . SER A 1 141 ? -3.044  -7.582  -20.510 1.00 54.16 ? 136 SER A CA  1 
ATOM   1145 C  C   . SER A 1 141 ? -2.156  -7.389  -21.754 1.00 50.34 ? 136 SER A C   1 
ATOM   1146 O  O   . SER A 1 141 ? -0.955  -7.236  -21.695 1.00 54.33 ? 136 SER A O   1 
ATOM   1147 C  CB  . SER A 1 141 ? -2.511  -6.797  -19.353 1.00 51.47 ? 136 SER A CB  1 
ATOM   1148 O  OG  . SER A 1 141 ? -2.601  -5.409  -19.616 1.00 52.66 ? 136 SER A OG  1 
HETATM 1149 GD GD  . GD  B 2 .   ? -17.141 13.773  2.578   0.50 51.69 ? 201 GD  A GD  1 
HETATM 1150 GD GD  . GD  C 2 .   ? -5.763  16.424  0.203   1.00 27.66 ? 202 GD  A GD  1 
HETATM 1151 GD GD  . GD  D 2 .   ? -0.012  15.920  3.356   1.00 28.25 ? 203 GD  A GD  1 
HETATM 1152 C  C   . TRS E 3 .   ? 1.891   15.171  -1.735  1.00 36.05 ? 204 TRS A C   1 
HETATM 1153 C  C1  . TRS E 3 .   ? 2.154   16.213  -2.809  1.00 39.29 ? 204 TRS A C1  1 
HETATM 1154 C  C2  . TRS E 3 .   ? 0.398   14.833  -1.633  1.00 37.63 ? 204 TRS A C2  1 
HETATM 1155 C  C3  . TRS E 3 .   ? 2.753   13.934  -2.019  1.00 39.59 ? 204 TRS A C3  1 
HETATM 1156 N  N   . TRS E 3 .   ? 2.329   15.736  -0.409  1.00 35.30 ? 204 TRS A N   1 
HETATM 1157 O  O1  . TRS E 3 .   ? 3.516   16.571  -2.752  1.00 41.19 ? 204 TRS A O1  1 
HETATM 1158 O  O2  . TRS E 3 .   ? -0.345  15.970  -1.201  1.00 37.78 ? 204 TRS A O2  1 
HETATM 1159 O  O3  . TRS E 3 .   ? 2.628   12.958  -0.987  1.00 37.78 ? 204 TRS A O3  1 
HETATM 1160 C  C1  . MPD F 4 .   ? 1.832   -8.120  -3.190  1.00 58.91 ? 205 MPD A C1  1 
HETATM 1161 C  C2  . MPD F 4 .   ? 0.308   -8.051  -3.117  1.00 64.52 ? 205 MPD A C2  1 
HETATM 1162 O  O2  . MPD F 4 .   ? -0.138  -9.405  -2.939  1.00 60.66 ? 205 MPD A O2  1 
HETATM 1163 C  CM  . MPD F 4 .   ? -0.136  -7.246  -1.901  1.00 62.74 ? 205 MPD A CM  1 
HETATM 1164 C  C3  . MPD F 4 .   ? -0.322  -7.532  -4.423  1.00 69.16 ? 205 MPD A C3  1 
HETATM 1165 C  C4  . MPD F 4 .   ? -1.727  -8.013  -4.788  1.00 78.60 ? 205 MPD A C4  1 
HETATM 1166 O  O4  . MPD F 4 .   ? -2.543  -8.001  -3.635  1.00 82.85 ? 205 MPD A O4  1 
HETATM 1167 C  C5  . MPD F 4 .   ? -2.407  -7.219  -5.877  1.00 78.56 ? 205 MPD A C5  1 
HETATM 1168 C  C1  . MPD G 4 .   ? 5.914   2.654   -19.044 1.00 71.55 ? 206 MPD A C1  1 
HETATM 1169 C  C2  . MPD G 4 .   ? 5.180   2.998   -17.749 1.00 66.38 ? 206 MPD A C2  1 
HETATM 1170 O  O2  . MPD G 4 .   ? 4.744   4.359   -17.868 1.00 66.31 ? 206 MPD A O2  1 
HETATM 1171 C  CM  . MPD G 4 .   ? 6.091   2.930   -16.530 1.00 57.19 ? 206 MPD A CM  1 
HETATM 1172 C  C3  . MPD G 4 .   ? 3.948   2.105   -17.574 1.00 69.34 ? 206 MPD A C3  1 
HETATM 1173 C  C4  . MPD G 4 .   ? 2.988   2.537   -16.511 1.00 66.54 ? 206 MPD A C4  1 
HETATM 1174 O  O4  . MPD G 4 .   ? 2.923   3.965   -16.510 1.00 67.95 ? 206 MPD A O4  1 
HETATM 1175 C  C5  . MPD G 4 .   ? 1.614   1.907   -16.635 1.00 62.86 ? 206 MPD A C5  1 
HETATM 1176 O  O   . HOH H 5 .   ? 3.429   5.092   -14.064 1.00 50.10 ? 301 HOH A O   1 
HETATM 1177 O  O   . HOH H 5 .   ? -11.628 12.800  0.661   1.00 54.59 ? 302 HOH A O   1 
HETATM 1178 O  O   . HOH H 5 .   ? 2.027   -11.103 -4.747  1.00 62.63 ? 303 HOH A O   1 
HETATM 1179 O  O   . HOH H 5 .   ? -15.423 8.484   -3.448  1.00 50.24 ? 304 HOH A O   1 
HETATM 1180 O  O   . HOH H 5 .   ? -6.471  14.162  8.385   1.00 39.25 ? 305 HOH A O   1 
HETATM 1181 O  O   . HOH H 5 .   ? -24.439 4.330   0.448   1.00 33.31 ? 306 HOH A O   1 
HETATM 1182 O  O   . HOH H 5 .   ? -1.189  15.817  1.235   1.00 25.16 ? 307 HOH A O   1 
HETATM 1183 O  O   . HOH H 5 .   ? 15.696  0.895   -4.525  1.00 44.33 ? 308 HOH A O   1 
HETATM 1184 O  O   . HOH H 5 .   ? -3.221  3.627   -7.261  1.00 48.86 ? 309 HOH A O   1 
HETATM 1185 O  O   . HOH H 5 .   ? 18.047  0.547   -10.722 1.00 40.89 ? 310 HOH A O   1 
HETATM 1186 O  O   . HOH H 5 .   ? -5.137  8.093   -4.937  1.00 37.88 ? 311 HOH A O   1 
HETATM 1187 O  O   . HOH H 5 .   ? 16.454  -6.048  -9.015  1.00 43.16 ? 312 HOH A O   1 
HETATM 1188 O  O   . HOH H 5 .   ? 19.069  1.337   -18.384 1.00 34.35 ? 313 HOH A O   1 
HETATM 1189 O  O   . HOH H 5 .   ? 4.773   8.358   -10.327 1.00 47.70 ? 314 HOH A O   1 
HETATM 1190 O  O   . HOH H 5 .   ? 11.988  5.794   -18.379 1.00 44.90 ? 315 HOH A O   1 
HETATM 1191 O  O   . HOH H 5 .   ? 17.493  -2.098  -7.541  1.00 42.86 ? 316 HOH A O   1 
HETATM 1192 O  O   . HOH H 5 .   ? -14.289 11.566  0.148   1.00 58.41 ? 317 HOH A O   1 
HETATM 1193 O  O   . HOH H 5 .   ? -2.130  16.318  -3.148  1.00 39.12 ? 318 HOH A O   1 
HETATM 1194 O  O   . HOH H 5 .   ? -2.281  14.073  -4.627  1.00 33.57 ? 319 HOH A O   1 
HETATM 1195 O  O   . HOH H 5 .   ? -19.368 13.188  2.785   1.00 59.78 ? 320 HOH A O   1 
HETATM 1196 O  O   . HOH H 5 .   ? -14.295 2.422   -1.222  1.00 42.60 ? 321 HOH A O   1 
HETATM 1197 O  O   . HOH H 5 .   ? 5.276   10.672  4.809   1.00 37.38 ? 322 HOH A O   1 
HETATM 1198 O  O   . HOH H 5 .   ? 22.215  -4.368  -17.367 1.00 28.96 ? 323 HOH A O   1 
HETATM 1199 O  O   . HOH H 5 .   ? 20.853  -2.320  -16.128 1.00 27.90 ? 324 HOH A O   1 
HETATM 1200 O  O   . HOH H 5 .   ? 5.017   15.559  0.158   1.00 45.78 ? 325 HOH A O   1 
HETATM 1201 O  O   . HOH H 5 .   ? -5.929  15.183  -1.813  1.00 29.23 ? 326 HOH A O   1 
HETATM 1202 O  O   . HOH H 5 .   ? -0.185  -0.946  -12.868 1.00 52.60 ? 327 HOH A O   1 
HETATM 1203 O  O   . HOH H 5 .   ? -2.206  16.311  7.263   1.00 36.14 ? 328 HOH A O   1 
HETATM 1204 O  O   . HOH H 5 .   ? 2.466   13.517  6.468   1.00 46.91 ? 329 HOH A O   1 
HETATM 1205 O  O   . HOH H 5 .   ? -12.557 0.538   23.165  1.00 59.66 ? 330 HOH A O   1 
HETATM 1206 O  O   . HOH H 5 .   ? 16.352  -8.074  -18.894 1.00 31.53 ? 331 HOH A O   1 
HETATM 1207 O  O   . HOH H 5 .   ? -0.672  -12.610 -3.844  1.00 58.62 ? 332 HOH A O   1 
HETATM 1208 O  O   . HOH H 5 .   ? 1.049   17.254  5.075   1.00 32.65 ? 333 HOH A O   1 
HETATM 1209 O  O   . HOH H 5 .   ? -16.142 14.816  0.896   1.00 57.85 ? 334 HOH A O   1 
HETATM 1210 O  O   . HOH H 5 .   ? -16.882 12.523  0.648   1.00 56.69 ? 335 HOH A O   1 
HETATM 1211 O  O   . HOH H 5 .   ? 2.306   12.905  -5.413  1.00 41.60 ? 336 HOH A O   1 
HETATM 1212 O  O   . HOH H 5 .   ? 15.254  -10.528 -19.300 1.00 35.20 ? 337 HOH A O   1 
HETATM 1213 O  O   . HOH H 5 .   ? 19.263  -1.379  -18.131 1.00 28.59 ? 338 HOH A O   1 
HETATM 1214 O  O   . HOH H 5 .   ? 17.716  -11.988 -15.857 1.00 43.68 ? 339 HOH A O   1 
HETATM 1215 O  O   . HOH H 5 .   ? 21.634  -0.182  -14.016 1.00 29.81 ? 340 HOH A O   1 
HETATM 1216 O  O   . HOH H 5 .   ? 0.955   6.494   -10.959 1.00 58.62 ? 341 HOH A O   1 
HETATM 1217 O  O   . HOH H 5 .   ? -24.965 7.516   3.935   1.00 35.92 ? 342 HOH A O   1 
HETATM 1218 O  O   . HOH H 5 .   ? 21.469  1.111   -16.483 1.00 41.78 ? 343 HOH A O   1 
HETATM 1219 O  O   . HOH H 5 .   ? 16.962  0.557   -7.105  1.00 48.87 ? 344 HOH A O   1 
HETATM 1220 O  O   . HOH H 5 .   ? 1.951   16.395  7.573   1.00 48.33 ? 345 HOH A O   1 
HETATM 1221 O  O   . HOH H 5 .   ? 21.675  -4.588  -20.109 1.00 37.23 ? 346 HOH A O   1 
HETATM 1222 O  O   . HOH H 5 .   ? -23.118 3.826   -1.826  1.00 46.81 ? 347 HOH A O   1 
HETATM 1223 O  O   . HOH H 5 .   ? 0.201   13.984  -5.858  1.00 39.57 ? 348 HOH A O   1 
HETATM 1224 O  O   . HOH H 5 .   ? 9.760   1.297   7.794   1.00 61.07 ? 349 HOH A O   1 
# 
